data_2JMW
#
_entry.id   2JMW
#
_cell.length_a   1.000
_cell.length_b   1.000
_cell.length_c   1.000
_cell.angle_alpha   90.00
_cell.angle_beta   90.00
_cell.angle_gamma   90.00
#
_symmetry.space_group_name_H-M   'P 1'
#
_entity_poly.entity_id   1
_entity_poly.type   'polypeptide(L)'
_entity_poly.pdbx_seq_one_letter_code
;KKRAETWVQDETRSLIMFRRGMDGLFNTSKSNKHLWEQISSKMREKGFDRSPTMCTDKWRNLLKEFKKAKHHDRGNGSAK
MSYYKE
;
_entity_poly.pdbx_strand_id   A
#
# COMPACT_ATOMS: atom_id res chain seq x y z
N LYS A 1 -1.85 -15.85 -8.15
CA LYS A 1 -1.46 -14.89 -9.18
C LYS A 1 -0.07 -14.35 -8.91
N LYS A 2 0.13 -13.78 -7.73
CA LYS A 2 1.43 -13.22 -7.36
C LYS A 2 1.90 -13.78 -6.02
N ARG A 3 3.21 -13.82 -5.81
CA ARG A 3 3.78 -14.33 -4.58
C ARG A 3 5.19 -13.80 -4.37
N ALA A 4 5.33 -12.89 -3.41
CA ALA A 4 6.63 -12.29 -3.11
C ALA A 4 7.15 -12.77 -1.77
N GLU A 5 6.29 -13.42 -0.99
CA GLU A 5 6.67 -13.94 0.32
C GLU A 5 7.40 -12.87 1.13
N THR A 6 6.91 -11.64 1.06
CA THR A 6 7.52 -10.54 1.79
C THR A 6 6.55 -9.93 2.79
N TRP A 7 5.37 -9.54 2.32
CA TRP A 7 4.36 -8.95 3.17
C TRP A 7 3.17 -9.90 3.36
N VAL A 8 2.62 -9.92 4.56
CA VAL A 8 1.49 -10.79 4.87
C VAL A 8 0.17 -10.02 4.79
N GLN A 9 -0.93 -10.76 4.68
CA GLN A 9 -2.25 -10.15 4.60
C GLN A 9 -2.47 -9.16 5.75
N ASP A 10 -2.06 -9.56 6.95
CA ASP A 10 -2.20 -8.71 8.12
C ASP A 10 -1.54 -7.35 7.90
N GLU A 11 -0.24 -7.36 7.67
CA GLU A 11 0.51 -6.13 7.44
C GLU A 11 -0.08 -5.36 6.27
N THR A 12 -0.19 -6.01 5.11
CA THR A 12 -0.73 -5.39 3.92
C THR A 12 -2.03 -4.65 4.23
N ARG A 13 -3.00 -5.38 4.75
CA ARG A 13 -4.31 -4.81 5.09
C ARG A 13 -4.13 -3.56 5.95
N SER A 14 -3.33 -3.69 7.01
CA SER A 14 -3.09 -2.58 7.93
C SER A 14 -2.56 -1.37 7.18
N LEU A 15 -1.53 -1.59 6.37
CA LEU A 15 -0.92 -0.51 5.59
C LEU A 15 -1.95 0.14 4.66
N ILE A 16 -2.51 -0.66 3.76
CA ILE A 16 -3.50 -0.16 2.82
C ILE A 16 -4.50 0.76 3.51
N MET A 17 -5.17 0.25 4.54
CA MET A 17 -6.14 1.03 5.30
C MET A 17 -5.57 2.39 5.67
N PHE A 18 -4.48 2.38 6.45
CA PHE A 18 -3.85 3.61 6.88
C PHE A 18 -3.61 4.55 5.71
N ARG A 19 -3.23 3.97 4.57
CA ARG A 19 -2.97 4.77 3.37
C ARG A 19 -4.27 5.23 2.74
N ARG A 20 -5.34 4.47 2.95
CA ARG A 20 -6.65 4.82 2.39
C ARG A 20 -7.25 6.01 3.13
N GLY A 21 -7.10 6.02 4.45
CA GLY A 21 -7.64 7.11 5.25
C GLY A 21 -6.79 8.36 5.16
N MET A 22 -5.48 8.19 5.16
CA MET A 22 -4.55 9.31 5.07
C MET A 22 -4.45 9.83 3.64
N ASP A 23 -4.88 9.01 2.69
CA ASP A 23 -4.82 9.39 1.29
C ASP A 23 -5.17 10.86 1.10
N GLY A 24 -6.28 11.28 1.69
CA GLY A 24 -6.70 12.67 1.59
C GLY A 24 -5.56 13.64 1.84
N LEU A 25 -4.84 13.42 2.92
CA LEU A 25 -3.71 14.29 3.27
C LEU A 25 -2.76 14.46 2.09
N PHE A 26 -2.64 13.41 1.28
CA PHE A 26 -1.76 13.44 0.12
C PHE A 26 -2.36 14.32 -0.99
N ASN A 27 -3.69 14.34 -1.06
CA ASN A 27 -4.39 15.12 -2.07
C ASN A 27 -4.41 16.60 -1.67
N THR A 28 -4.76 16.87 -0.42
CA THR A 28 -4.82 18.23 0.09
C THR A 28 -3.43 18.82 0.27
N SER A 29 -2.53 18.02 0.83
CA SER A 29 -1.15 18.46 1.07
C SER A 29 -0.22 17.96 -0.03
N LYS A 30 0.50 18.87 -0.65
CA LYS A 30 1.44 18.52 -1.72
C LYS A 30 2.48 17.53 -1.22
N SER A 31 3.23 17.92 -0.20
CA SER A 31 4.26 17.06 0.37
C SER A 31 3.65 15.76 0.90
N ASN A 32 4.38 14.67 0.73
CA ASN A 32 3.92 13.37 1.19
C ASN A 32 4.94 12.73 2.13
N LYS A 33 6.20 13.08 1.96
CA LYS A 33 7.27 12.54 2.79
C LYS A 33 6.83 12.48 4.25
N HIS A 34 6.26 13.58 4.75
CA HIS A 34 5.80 13.63 6.13
C HIS A 34 4.68 12.64 6.37
N LEU A 35 3.85 12.43 5.35
CA LEU A 35 2.73 11.49 5.45
C LEU A 35 3.23 10.05 5.54
N TRP A 36 4.25 9.74 4.75
CA TRP A 36 4.82 8.40 4.74
C TRP A 36 5.36 8.02 6.11
N GLU A 37 6.17 8.90 6.69
CA GLU A 37 6.75 8.66 8.00
C GLU A 37 5.67 8.43 9.05
N GLN A 38 4.62 9.26 8.99
CA GLN A 38 3.51 9.16 9.93
C GLN A 38 2.89 7.77 9.89
N ILE A 39 2.53 7.32 8.69
CA ILE A 39 1.92 6.01 8.51
C ILE A 39 2.75 4.92 9.19
N SER A 40 4.05 4.90 8.88
CA SER A 40 4.96 3.92 9.46
C SER A 40 4.83 3.88 10.97
N SER A 41 5.17 5.00 11.61
CA SER A 41 5.11 5.09 13.07
C SER A 41 3.84 4.43 13.60
N LYS A 42 2.70 4.80 13.02
CA LYS A 42 1.42 4.25 13.43
C LYS A 42 1.43 2.72 13.34
N MET A 43 1.90 2.20 12.20
CA MET A 43 1.97 0.76 11.99
C MET A 43 2.74 0.08 13.12
N ARG A 44 3.97 0.54 13.35
CA ARG A 44 4.81 -0.02 14.40
C ARG A 44 4.04 -0.13 15.72
N GLU A 45 3.29 0.92 16.05
CA GLU A 45 2.50 0.94 17.28
C GLU A 45 1.53 -0.22 17.32
N LYS A 46 0.94 -0.54 16.17
CA LYS A 46 -0.02 -1.63 16.07
C LYS A 46 0.66 -2.97 16.35
N GLY A 47 1.92 -3.08 15.98
CA GLY A 47 2.66 -4.31 16.21
C GLY A 47 3.41 -4.77 14.96
N PHE A 48 3.33 -3.97 13.89
CA PHE A 48 3.99 -4.31 12.64
C PHE A 48 5.24 -3.45 12.45
N ASP A 49 6.41 -4.09 12.52
CA ASP A 49 7.67 -3.38 12.35
C ASP A 49 8.05 -3.28 10.88
N ARG A 50 7.72 -2.15 10.26
CA ARG A 50 8.03 -1.93 8.85
C ARG A 50 8.54 -0.51 8.62
N SER A 51 9.63 -0.40 7.88
CA SER A 51 10.23 0.90 7.59
C SER A 51 9.28 1.76 6.75
N PRO A 52 9.52 3.07 6.74
CA PRO A 52 8.70 4.03 5.98
C PRO A 52 8.90 3.88 4.47
N THR A 53 10.14 3.63 4.06
CA THR A 53 10.45 3.47 2.65
C THR A 53 9.79 2.23 2.07
N MET A 54 9.70 1.18 2.89
CA MET A 54 9.08 -0.07 2.45
C MET A 54 7.61 0.15 2.10
N CYS A 55 6.89 0.82 2.99
CA CYS A 55 5.47 1.08 2.77
C CYS A 55 5.26 1.93 1.53
N THR A 56 6.13 2.91 1.32
CA THR A 56 6.05 3.79 0.17
C THR A 56 6.10 3.01 -1.13
N ASP A 57 7.19 2.25 -1.31
CA ASP A 57 7.37 1.45 -2.52
C ASP A 57 6.25 0.41 -2.65
N LYS A 58 5.94 -0.26 -1.56
CA LYS A 58 4.89 -1.27 -1.55
C LYS A 58 3.56 -0.69 -2.05
N TRP A 59 3.27 0.53 -1.62
CA TRP A 59 2.03 1.20 -2.02
C TRP A 59 1.98 1.37 -3.54
N ARG A 60 2.94 2.12 -4.07
CA ARG A 60 3.00 2.37 -5.51
C ARG A 60 2.68 1.10 -6.30
N ASN A 61 3.25 -0.02 -5.85
CA ASN A 61 3.02 -1.31 -6.52
C ASN A 61 1.55 -1.72 -6.42
N LEU A 62 0.96 -1.51 -5.24
CA LEU A 62 -0.43 -1.86 -5.02
C LEU A 62 -1.34 -1.11 -5.99
N LEU A 63 -0.94 0.10 -6.37
CA LEU A 63 -1.70 0.92 -7.29
C LEU A 63 -1.65 0.34 -8.71
N LYS A 64 -0.44 -0.02 -9.14
CA LYS A 64 -0.25 -0.58 -10.47
C LYS A 64 -1.03 -1.88 -10.64
N GLU A 65 -1.04 -2.70 -9.59
CA GLU A 65 -1.75 -3.97 -9.61
C GLU A 65 -3.25 -3.75 -9.47
N PHE A 66 -3.62 -2.82 -8.60
CA PHE A 66 -5.03 -2.52 -8.35
C PHE A 66 -5.73 -2.10 -9.64
N LYS A 67 -5.04 -1.28 -10.43
CA LYS A 67 -5.59 -0.80 -11.69
C LYS A 67 -5.72 -1.94 -12.70
N LYS A 68 -4.60 -2.60 -12.98
CA LYS A 68 -4.58 -3.72 -13.92
C LYS A 68 -5.65 -4.75 -13.56
N ALA A 69 -5.77 -5.02 -12.26
CA ALA A 69 -6.74 -5.99 -11.78
C ALA A 69 -8.13 -5.73 -12.37
N LYS A 70 -8.92 -6.79 -12.50
CA LYS A 70 -10.27 -6.67 -13.05
C LYS A 70 -10.95 -5.38 -12.56
N HIS A 71 -11.98 -4.96 -13.28
CA HIS A 71 -12.71 -3.75 -12.92
C HIS A 71 -14.20 -3.90 -13.24
N HIS A 72 -15.04 -3.27 -12.43
CA HIS A 72 -16.48 -3.33 -12.64
C HIS A 72 -16.82 -3.35 -14.12
N ASP A 73 -16.60 -2.22 -14.79
CA ASP A 73 -16.87 -2.11 -16.22
C ASP A 73 -16.58 -3.43 -16.94
N ARG A 74 -17.46 -3.79 -17.87
CA ARG A 74 -17.28 -5.03 -18.62
C ARG A 74 -16.23 -4.87 -19.70
N GLY A 75 -15.60 -5.98 -20.09
CA GLY A 75 -14.58 -5.94 -21.11
C GLY A 75 -13.29 -6.62 -20.66
N ASN A 76 -13.34 -7.94 -20.50
CA ASN A 76 -12.17 -8.70 -20.08
C ASN A 76 -11.23 -8.95 -21.25
N GLY A 77 -11.81 -9.26 -22.41
CA GLY A 77 -11.00 -9.51 -23.58
C GLY A 77 -10.52 -10.96 -23.65
N SER A 78 -9.66 -11.24 -24.62
CA SER A 78 -9.13 -12.59 -24.79
C SER A 78 -7.72 -12.70 -24.20
N ALA A 79 -7.65 -13.17 -22.96
CA ALA A 79 -6.37 -13.33 -22.28
C ALA A 79 -5.49 -14.33 -23.00
N LYS A 80 -5.96 -15.57 -23.13
CA LYS A 80 -5.21 -16.62 -23.80
C LYS A 80 -4.80 -16.18 -25.20
N MET A 81 -3.81 -16.87 -25.77
CA MET A 81 -3.33 -16.55 -27.10
C MET A 81 -3.64 -17.69 -28.08
N SER A 82 -3.62 -17.37 -29.37
CA SER A 82 -3.90 -18.37 -30.40
C SER A 82 -2.66 -19.22 -30.66
N TYR A 83 -2.86 -20.55 -30.64
CA TYR A 83 -1.76 -21.48 -30.88
C TYR A 83 -1.47 -21.60 -32.37
N TYR A 84 -0.24 -21.29 -32.76
CA TYR A 84 0.17 -21.36 -34.16
C TYR A 84 -0.04 -22.78 -34.71
N LYS A 85 -0.87 -22.89 -35.73
CA LYS A 85 -1.15 -24.18 -36.35
C LYS A 85 -1.82 -25.13 -35.36
N GLU A 86 -2.77 -24.60 -34.60
CA GLU A 86 -3.49 -25.39 -33.62
C GLU A 86 -4.12 -26.63 -34.27
N LYS A 1 -4.58 -16.54 1.08
CA LYS A 1 -4.47 -15.16 0.64
C LYS A 1 -3.01 -14.74 0.50
N LYS A 2 -2.40 -15.10 -0.63
CA LYS A 2 -1.00 -14.77 -0.88
C LYS A 2 -0.83 -14.15 -2.27
N ARG A 3 -0.50 -12.87 -2.30
CA ARG A 3 -0.31 -12.16 -3.56
C ARG A 3 1.17 -11.86 -3.80
N ALA A 4 1.99 -12.08 -2.77
CA ALA A 4 3.42 -11.84 -2.88
C ALA A 4 4.15 -12.34 -1.63
N GLU A 5 5.29 -12.97 -1.84
CA GLU A 5 6.09 -13.51 -0.73
C GLU A 5 6.99 -12.42 -0.15
N THR A 6 6.41 -11.26 0.13
CA THR A 6 7.18 -10.15 0.69
C THR A 6 6.52 -9.61 1.95
N TRP A 7 5.21 -9.39 1.88
CA TRP A 7 4.45 -8.87 3.02
C TRP A 7 3.38 -9.86 3.45
N VAL A 8 2.98 -9.77 4.72
CA VAL A 8 1.96 -10.66 5.26
C VAL A 8 0.57 -10.05 5.12
N GLN A 9 -0.42 -10.90 4.85
CA GLN A 9 -1.79 -10.43 4.69
C GLN A 9 -2.18 -9.47 5.82
N ASP A 10 -1.52 -9.63 6.95
CA ASP A 10 -1.80 -8.78 8.11
C ASP A 10 -1.27 -7.36 7.88
N GLU A 11 0.06 -7.25 7.77
CA GLU A 11 0.68 -5.95 7.56
C GLU A 11 0.14 -5.28 6.30
N THR A 12 0.12 -6.03 5.20
CA THR A 12 -0.38 -5.50 3.93
C THR A 12 -1.75 -4.84 4.11
N ARG A 13 -2.69 -5.59 4.67
CA ARG A 13 -4.04 -5.08 4.89
C ARG A 13 -4.00 -3.80 5.72
N SER A 14 -3.32 -3.85 6.87
CA SER A 14 -3.22 -2.70 7.75
C SER A 14 -2.70 -1.47 6.98
N LEU A 15 -1.60 -1.66 6.27
CA LEU A 15 -1.01 -0.57 5.50
C LEU A 15 -2.03 0.04 4.54
N ILE A 16 -2.53 -0.77 3.61
CA ILE A 16 -3.52 -0.31 2.64
C ILE A 16 -4.52 0.63 3.29
N MET A 17 -5.23 0.13 4.30
CA MET A 17 -6.22 0.93 5.00
C MET A 17 -5.61 2.22 5.53
N PHE A 18 -4.56 2.10 6.33
CA PHE A 18 -3.88 3.26 6.89
C PHE A 18 -3.63 4.32 5.81
N ARG A 19 -3.18 3.88 4.65
CA ARG A 19 -2.89 4.77 3.54
C ARG A 19 -4.18 5.37 2.99
N ARG A 20 -5.21 4.54 2.85
CA ARG A 20 -6.49 4.98 2.33
C ARG A 20 -7.07 6.10 3.19
N GLY A 21 -7.26 5.81 4.48
CA GLY A 21 -7.81 6.80 5.38
C GLY A 21 -7.01 8.09 5.39
N MET A 22 -5.68 7.97 5.32
CA MET A 22 -4.80 9.13 5.32
C MET A 22 -4.80 9.80 3.96
N ASP A 23 -5.25 9.07 2.94
CA ASP A 23 -5.29 9.61 1.58
C ASP A 23 -5.66 11.09 1.58
N GLY A 24 -6.76 11.41 2.26
CA GLY A 24 -7.19 12.79 2.33
C GLY A 24 -6.03 13.77 2.44
N LEU A 25 -5.18 13.56 3.44
CA LEU A 25 -4.02 14.42 3.64
C LEU A 25 -3.17 14.52 2.39
N PHE A 26 -2.83 13.36 1.82
CA PHE A 26 -2.02 13.31 0.62
C PHE A 26 -2.55 14.27 -0.44
N ASN A 27 -3.84 14.14 -0.77
CA ASN A 27 -4.47 14.99 -1.76
C ASN A 27 -4.26 16.46 -1.42
N THR A 28 -4.52 16.83 -0.17
CA THR A 28 -4.35 18.20 0.27
C THR A 28 -2.91 18.48 0.69
N SER A 29 -1.97 17.85 -0.02
CA SER A 29 -0.56 18.02 0.28
C SER A 29 0.31 17.41 -0.81
N LYS A 30 1.04 18.27 -1.53
CA LYS A 30 1.91 17.81 -2.60
C LYS A 30 2.94 16.82 -2.09
N SER A 31 3.70 17.23 -1.09
CA SER A 31 4.73 16.37 -0.50
C SER A 31 4.13 15.42 0.53
N ASN A 32 4.32 14.13 0.32
CA ASN A 32 3.80 13.12 1.23
C ASN A 32 4.91 12.53 2.09
N LYS A 33 5.90 13.36 2.42
CA LYS A 33 7.02 12.92 3.24
C LYS A 33 6.59 12.70 4.69
N HIS A 34 5.94 13.70 5.26
CA HIS A 34 5.46 13.62 6.64
C HIS A 34 4.40 12.53 6.78
N LEU A 35 3.59 12.35 5.74
CA LEU A 35 2.54 11.35 5.75
C LEU A 35 3.13 9.93 5.82
N TRP A 36 4.09 9.66 4.94
CA TRP A 36 4.73 8.36 4.91
C TRP A 36 5.30 7.98 6.27
N GLU A 37 6.20 8.82 6.79
CA GLU A 37 6.82 8.58 8.08
C GLU A 37 5.75 8.35 9.15
N GLN A 38 4.64 9.06 9.04
CA GLN A 38 3.55 8.94 9.99
C GLN A 38 2.98 7.51 9.99
N ILE A 39 2.72 6.99 8.80
CA ILE A 39 2.18 5.64 8.66
C ILE A 39 3.11 4.61 9.30
N SER A 40 4.40 4.75 9.04
CA SER A 40 5.40 3.83 9.59
C SER A 40 5.38 3.85 11.12
N SER A 41 5.39 5.05 11.68
CA SER A 41 5.36 5.21 13.14
C SER A 41 4.09 4.62 13.73
N LYS A 42 2.96 4.90 13.07
CA LYS A 42 1.67 4.40 13.54
C LYS A 42 1.65 2.88 13.55
N MET A 43 1.97 2.27 12.41
CA MET A 43 1.99 0.82 12.29
C MET A 43 2.75 0.19 13.44
N ARG A 44 3.99 0.62 13.62
CA ARG A 44 4.84 0.09 14.69
C ARG A 44 4.10 0.08 16.02
N GLU A 45 3.45 1.21 16.33
CA GLU A 45 2.70 1.32 17.58
C GLU A 45 1.58 0.28 17.65
N LYS A 46 0.88 0.11 16.53
CA LYS A 46 -0.20 -0.86 16.45
C LYS A 46 0.30 -2.28 16.67
N GLY A 47 1.39 -2.62 15.97
CA GLY A 47 1.95 -3.95 16.11
C GLY A 47 2.58 -4.45 14.82
N PHE A 48 3.16 -3.53 14.06
CA PHE A 48 3.79 -3.88 12.79
C PHE A 48 5.10 -3.12 12.60
N ASP A 49 6.22 -3.83 12.75
CA ASP A 49 7.53 -3.22 12.59
C ASP A 49 7.96 -3.23 11.14
N ARG A 50 7.70 -2.13 10.44
CA ARG A 50 8.06 -2.02 9.03
C ARG A 50 8.56 -0.61 8.71
N SER A 51 9.60 -0.52 7.89
CA SER A 51 10.18 0.76 7.51
C SER A 51 9.18 1.57 6.68
N PRO A 52 9.37 2.90 6.69
CA PRO A 52 8.50 3.82 5.93
C PRO A 52 8.70 3.70 4.43
N THR A 53 9.96 3.65 4.00
CA THR A 53 10.28 3.54 2.58
C THR A 53 9.66 2.28 1.98
N MET A 54 9.51 1.25 2.80
CA MET A 54 8.93 -0.01 2.35
C MET A 54 7.47 0.18 1.94
N CYS A 55 6.74 0.97 2.71
CA CYS A 55 5.33 1.24 2.44
C CYS A 55 5.18 2.11 1.19
N THR A 56 6.12 3.03 0.99
CA THR A 56 6.09 3.93 -0.16
C THR A 56 6.19 3.15 -1.46
N ASP A 57 7.17 2.25 -1.53
CA ASP A 57 7.39 1.44 -2.72
C ASP A 57 6.25 0.44 -2.91
N LYS A 58 5.93 -0.29 -1.85
CA LYS A 58 4.86 -1.28 -1.90
C LYS A 58 3.57 -0.66 -2.42
N TRP A 59 3.18 0.46 -1.82
CA TRP A 59 1.95 1.15 -2.23
C TRP A 59 1.97 1.44 -3.73
N ARG A 60 3.04 2.04 -4.20
CA ARG A 60 3.17 2.37 -5.62
C ARG A 60 2.78 1.17 -6.50
N ASN A 61 3.27 0.00 -6.12
CA ASN A 61 2.98 -1.23 -6.87
C ASN A 61 1.49 -1.55 -6.81
N LEU A 62 0.88 -1.31 -5.66
CA LEU A 62 -0.55 -1.58 -5.48
C LEU A 62 -1.39 -0.74 -6.45
N LEU A 63 -0.90 0.47 -6.75
CA LEU A 63 -1.60 1.37 -7.66
C LEU A 63 -1.53 0.84 -9.09
N LYS A 64 -0.33 0.48 -9.53
CA LYS A 64 -0.11 -0.03 -10.88
C LYS A 64 -0.97 -1.28 -11.12
N GLU A 65 -1.02 -2.16 -10.13
CA GLU A 65 -1.79 -3.39 -10.24
C GLU A 65 -3.28 -3.10 -10.14
N PHE A 66 -3.64 -2.23 -9.19
CA PHE A 66 -5.04 -1.87 -8.98
C PHE A 66 -5.66 -1.32 -10.26
N LYS A 67 -4.91 -0.48 -10.97
CA LYS A 67 -5.38 0.11 -12.21
C LYS A 67 -5.36 -0.92 -13.35
N LYS A 68 -4.24 -1.63 -13.47
CA LYS A 68 -4.08 -2.64 -14.51
C LYS A 68 -4.58 -3.99 -14.03
N ALA A 69 -5.54 -3.97 -13.11
CA ALA A 69 -6.11 -5.20 -12.57
C ALA A 69 -7.20 -5.74 -13.48
N LYS A 70 -6.99 -5.63 -14.79
CA LYS A 70 -7.95 -6.11 -15.77
C LYS A 70 -8.55 -7.44 -15.34
N HIS A 71 -9.69 -7.80 -15.92
CA HIS A 71 -10.35 -9.05 -15.60
C HIS A 71 -10.72 -9.81 -16.87
N HIS A 72 -9.74 -10.47 -17.46
CA HIS A 72 -9.97 -11.24 -18.69
C HIS A 72 -8.83 -12.22 -18.92
N ASP A 73 -9.03 -13.15 -19.85
CA ASP A 73 -8.03 -14.16 -20.17
C ASP A 73 -6.80 -13.51 -20.79
N ARG A 74 -7.01 -12.78 -21.89
CA ARG A 74 -5.92 -12.12 -22.59
C ARG A 74 -6.34 -10.73 -23.04
N GLY A 75 -5.46 -9.75 -22.84
CA GLY A 75 -5.76 -8.38 -23.23
C GLY A 75 -5.73 -8.21 -24.74
N ASN A 76 -5.20 -7.07 -25.20
CA ASN A 76 -5.12 -6.77 -26.62
C ASN A 76 -3.85 -7.37 -27.22
N GLY A 77 -2.75 -7.29 -26.48
CA GLY A 77 -1.49 -7.82 -26.96
C GLY A 77 -0.43 -6.74 -27.10
N SER A 78 0.23 -6.72 -28.26
CA SER A 78 1.28 -5.74 -28.52
C SER A 78 1.43 -5.49 -30.02
N ALA A 79 2.30 -4.56 -30.37
CA ALA A 79 2.54 -4.22 -31.77
C ALA A 79 3.72 -5.02 -32.32
N LYS A 80 4.84 -4.99 -31.61
CA LYS A 80 6.03 -5.72 -32.04
C LYS A 80 6.23 -5.62 -33.54
N MET A 81 5.95 -4.43 -34.09
CA MET A 81 6.09 -4.20 -35.52
C MET A 81 6.90 -2.93 -35.79
N SER A 82 7.50 -2.86 -36.98
CA SER A 82 8.30 -1.70 -37.34
C SER A 82 7.67 -0.97 -38.53
N TYR A 83 7.56 -1.66 -39.65
CA TYR A 83 6.98 -1.08 -40.85
C TYR A 83 6.64 -2.15 -41.88
N TYR A 84 5.76 -1.82 -42.81
CA TYR A 84 5.36 -2.76 -43.85
C TYR A 84 6.15 -2.53 -45.14
N LYS A 85 6.12 -3.52 -46.02
CA LYS A 85 6.84 -3.43 -47.29
C LYS A 85 6.52 -2.11 -48.00
N GLU A 86 7.51 -1.57 -48.70
CA GLU A 86 7.33 -0.33 -49.42
C GLU A 86 6.57 -0.55 -50.73
N LYS A 1 5.05 -23.71 6.40
CA LYS A 1 6.49 -23.46 6.42
C LYS A 1 6.80 -22.08 5.87
N LYS A 2 6.98 -21.11 6.77
CA LYS A 2 7.28 -19.74 6.38
C LYS A 2 8.79 -19.49 6.42
N ARG A 3 9.41 -19.46 5.23
CA ARG A 3 10.85 -19.23 5.14
C ARG A 3 11.16 -18.22 4.04
N ALA A 4 10.34 -17.17 3.96
CA ALA A 4 10.53 -16.13 2.97
C ALA A 4 10.05 -14.77 3.48
N GLU A 5 10.84 -13.74 3.22
CA GLU A 5 10.50 -12.39 3.67
C GLU A 5 9.48 -11.76 2.74
N THR A 6 8.23 -11.73 3.18
CA THR A 6 7.15 -11.14 2.38
C THR A 6 6.01 -10.65 3.27
N TRP A 7 5.32 -9.61 2.82
CA TRP A 7 4.21 -9.05 3.57
C TRP A 7 3.05 -10.03 3.65
N VAL A 8 2.41 -10.09 4.81
CA VAL A 8 1.28 -10.98 5.02
C VAL A 8 -0.05 -10.25 4.83
N GLN A 9 -1.13 -11.02 4.77
CA GLN A 9 -2.45 -10.44 4.59
C GLN A 9 -2.77 -9.44 5.70
N ASP A 10 -2.24 -9.70 6.88
CA ASP A 10 -2.45 -8.82 8.03
C ASP A 10 -1.76 -7.48 7.82
N GLU A 11 -0.44 -7.51 7.71
CA GLU A 11 0.34 -6.28 7.51
C GLU A 11 -0.14 -5.53 6.27
N THR A 12 -0.10 -6.21 5.13
CA THR A 12 -0.53 -5.61 3.87
C THR A 12 -1.81 -4.80 4.05
N ARG A 13 -2.81 -5.43 4.64
CA ARG A 13 -4.10 -4.77 4.87
C ARG A 13 -3.92 -3.56 5.79
N SER A 14 -3.29 -3.77 6.93
CA SER A 14 -3.07 -2.70 7.89
C SER A 14 -2.59 -1.43 7.19
N LEU A 15 -1.63 -1.60 6.28
CA LEU A 15 -1.08 -0.49 5.53
C LEU A 15 -2.13 0.13 4.61
N ILE A 16 -2.63 -0.67 3.68
CA ILE A 16 -3.65 -0.21 2.74
C ILE A 16 -4.64 0.72 3.42
N MET A 17 -5.22 0.26 4.53
CA MET A 17 -6.18 1.07 5.27
C MET A 17 -5.59 2.42 5.65
N PHE A 18 -4.52 2.41 6.42
CA PHE A 18 -3.85 3.63 6.85
C PHE A 18 -3.65 4.58 5.66
N ARG A 19 -3.20 4.02 4.54
CA ARG A 19 -2.96 4.81 3.35
C ARG A 19 -4.27 5.39 2.80
N ARG A 20 -5.32 4.57 2.83
CA ARG A 20 -6.62 5.00 2.34
C ARG A 20 -7.19 6.12 3.20
N GLY A 21 -7.11 5.94 4.52
CA GLY A 21 -7.62 6.95 5.43
C GLY A 21 -6.82 8.23 5.40
N MET A 22 -5.51 8.11 5.21
CA MET A 22 -4.63 9.26 5.16
C MET A 22 -4.62 9.88 3.76
N ASP A 23 -5.00 9.07 2.78
CA ASP A 23 -5.03 9.54 1.39
C ASP A 23 -5.48 10.99 1.31
N GLY A 24 -6.58 11.31 1.99
CA GLY A 24 -7.10 12.67 1.99
C GLY A 24 -5.99 13.70 2.04
N LEU A 25 -5.09 13.55 3.00
CA LEU A 25 -3.97 14.48 3.16
C LEU A 25 -3.13 14.55 1.89
N PHE A 26 -2.58 13.41 1.49
CA PHE A 26 -1.75 13.34 0.30
C PHE A 26 -2.32 14.22 -0.82
N ASN A 27 -3.66 14.20 -0.95
CA ASN A 27 -4.33 14.99 -1.97
C ASN A 27 -4.35 16.47 -1.59
N THR A 28 -4.81 16.74 -0.38
CA THR A 28 -4.89 18.11 0.12
C THR A 28 -3.57 18.56 0.74
N SER A 29 -2.47 18.04 0.21
CA SER A 29 -1.14 18.37 0.72
C SER A 29 -0.06 17.98 -0.28
N LYS A 30 0.67 18.97 -0.77
CA LYS A 30 1.74 18.74 -1.73
C LYS A 30 2.83 17.85 -1.12
N SER A 31 3.08 18.03 0.16
CA SER A 31 4.09 17.25 0.86
C SER A 31 3.57 15.85 1.20
N ASN A 32 4.41 14.84 0.98
CA ASN A 32 4.05 13.47 1.26
C ASN A 32 5.06 12.81 2.18
N LYS A 33 6.33 13.15 1.99
CA LYS A 33 7.40 12.58 2.82
C LYS A 33 6.97 12.46 4.27
N HIS A 34 6.55 13.59 4.86
CA HIS A 34 6.10 13.60 6.25
C HIS A 34 4.93 12.66 6.45
N LEU A 35 3.96 12.72 5.54
CA LEU A 35 2.77 11.87 5.62
C LEU A 35 3.17 10.40 5.77
N TRP A 36 4.09 9.94 4.93
CA TRP A 36 4.55 8.56 4.97
C TRP A 36 5.10 8.22 6.35
N GLU A 37 5.94 9.10 6.89
CA GLU A 37 6.53 8.89 8.20
C GLU A 37 5.46 8.56 9.24
N GLN A 38 4.35 9.27 9.18
CA GLN A 38 3.24 9.04 10.11
C GLN A 38 2.70 7.63 9.98
N ILE A 39 2.40 7.23 8.74
CA ILE A 39 1.87 5.89 8.49
C ILE A 39 2.75 4.82 9.13
N SER A 40 4.00 4.77 8.70
CA SER A 40 4.94 3.78 9.23
C SER A 40 4.94 3.78 10.75
N SER A 41 5.13 4.97 11.33
CA SER A 41 5.15 5.11 12.79
C SER A 41 3.94 4.43 13.41
N LYS A 42 2.77 4.67 12.83
CA LYS A 42 1.53 4.09 13.34
C LYS A 42 1.61 2.56 13.34
N MET A 43 2.13 2.00 12.26
CA MET A 43 2.25 0.55 12.14
C MET A 43 2.97 -0.03 13.35
N ARG A 44 4.20 0.42 13.57
CA ARG A 44 5.00 -0.06 14.70
C ARG A 44 4.19 -0.02 15.99
N GLU A 45 3.46 1.08 16.18
CA GLU A 45 2.64 1.24 17.38
C GLU A 45 1.56 0.16 17.45
N LYS A 46 0.88 -0.06 16.33
CA LYS A 46 -0.17 -1.07 16.27
C LYS A 46 0.38 -2.47 16.52
N GLY A 47 1.52 -2.77 15.88
CA GLY A 47 2.13 -4.07 16.06
C GLY A 47 2.80 -4.57 14.80
N PHE A 48 3.35 -3.64 14.01
CA PHE A 48 4.01 -3.99 12.77
C PHE A 48 5.30 -3.18 12.59
N ASP A 49 6.44 -3.84 12.76
CA ASP A 49 7.73 -3.17 12.62
C ASP A 49 8.18 -3.18 11.16
N ARG A 50 7.91 -2.09 10.46
CA ARG A 50 8.29 -1.97 9.05
C ARG A 50 8.82 -0.57 8.75
N SER A 51 9.83 -0.49 7.89
CA SER A 51 10.41 0.79 7.53
C SER A 51 9.43 1.63 6.72
N PRO A 52 9.69 2.94 6.66
CA PRO A 52 8.84 3.88 5.92
C PRO A 52 8.93 3.70 4.41
N THR A 53 10.15 3.56 3.92
CA THR A 53 10.38 3.37 2.48
C THR A 53 9.66 2.13 1.97
N MET A 54 9.76 1.04 2.72
CA MET A 54 9.11 -0.21 2.36
C MET A 54 7.66 0.02 1.97
N CYS A 55 6.96 0.83 2.76
CA CYS A 55 5.56 1.13 2.50
C CYS A 55 5.41 1.95 1.22
N THR A 56 6.31 2.91 1.03
CA THR A 56 6.28 3.78 -0.14
C THR A 56 6.33 2.96 -1.43
N ASP A 57 7.34 2.11 -1.55
CA ASP A 57 7.50 1.27 -2.73
C ASP A 57 6.34 0.29 -2.86
N LYS A 58 6.07 -0.46 -1.80
CA LYS A 58 4.99 -1.43 -1.80
C LYS A 58 3.69 -0.80 -2.31
N TRP A 59 3.30 0.31 -1.70
CA TRP A 59 2.08 1.01 -2.10
C TRP A 59 2.05 1.21 -3.62
N ARG A 60 3.11 1.78 -4.16
CA ARG A 60 3.21 2.03 -5.59
C ARG A 60 2.83 0.78 -6.38
N ASN A 61 3.28 -0.37 -5.91
CA ASN A 61 2.98 -1.64 -6.58
C ASN A 61 1.49 -1.92 -6.57
N LEU A 62 0.85 -1.74 -5.42
CA LEU A 62 -0.58 -1.97 -5.29
C LEU A 62 -1.37 -1.14 -6.29
N LEU A 63 -0.99 0.13 -6.42
CA LEU A 63 -1.65 1.03 -7.36
C LEU A 63 -1.62 0.47 -8.78
N LYS A 64 -0.44 0.06 -9.22
CA LYS A 64 -0.27 -0.50 -10.55
C LYS A 64 -1.28 -1.60 -10.81
N GLU A 65 -1.42 -2.51 -9.85
CA GLU A 65 -2.35 -3.63 -9.97
C GLU A 65 -3.80 -3.12 -9.92
N PHE A 66 -4.07 -2.23 -8.98
CA PHE A 66 -5.41 -1.68 -8.81
C PHE A 66 -5.95 -1.17 -10.15
N LYS A 67 -5.10 -0.51 -10.91
CA LYS A 67 -5.49 0.03 -12.21
C LYS A 67 -5.95 -1.07 -13.14
N LYS A 68 -5.19 -2.17 -13.19
CA LYS A 68 -5.52 -3.30 -14.03
C LYS A 68 -6.77 -4.02 -13.52
N ALA A 69 -6.72 -4.45 -12.27
CA ALA A 69 -7.84 -5.15 -11.66
C ALA A 69 -9.15 -4.40 -11.89
N LYS A 70 -10.27 -5.04 -11.58
CA LYS A 70 -11.58 -4.43 -11.75
C LYS A 70 -12.03 -3.75 -10.46
N HIS A 71 -12.55 -2.53 -10.59
CA HIS A 71 -13.03 -1.77 -9.44
C HIS A 71 -14.44 -1.25 -9.68
N HIS A 72 -14.61 -0.51 -10.77
CA HIS A 72 -15.92 0.04 -11.11
C HIS A 72 -16.22 -0.13 -12.60
N ASP A 73 -17.39 0.29 -13.01
CA ASP A 73 -17.80 0.19 -14.42
C ASP A 73 -16.61 0.43 -15.34
N ARG A 74 -15.87 1.49 -15.07
CA ARG A 74 -14.70 1.84 -15.88
C ARG A 74 -13.59 0.80 -15.71
N GLY A 75 -13.23 0.15 -16.80
CA GLY A 75 -12.18 -0.86 -16.76
C GLY A 75 -12.45 -2.01 -17.71
N ASN A 76 -11.48 -2.91 -17.83
CA ASN A 76 -11.60 -4.06 -18.71
C ASN A 76 -11.84 -5.34 -17.91
N GLY A 77 -11.15 -5.46 -16.78
CA GLY A 77 -11.29 -6.64 -15.94
C GLY A 77 -10.76 -7.89 -16.60
N SER A 78 -9.48 -8.19 -16.34
CA SER A 78 -8.84 -9.37 -16.91
C SER A 78 -9.16 -10.61 -16.10
N ALA A 79 -10.44 -10.79 -15.77
CA ALA A 79 -10.89 -11.95 -15.00
C ALA A 79 -10.38 -13.25 -15.61
N LYS A 80 -10.61 -13.41 -16.91
CA LYS A 80 -10.18 -14.61 -17.62
C LYS A 80 -8.75 -14.99 -17.23
N MET A 81 -8.55 -16.26 -16.91
CA MET A 81 -7.23 -16.76 -16.53
C MET A 81 -6.60 -17.58 -17.65
N SER A 82 -5.30 -17.83 -17.54
CA SER A 82 -4.59 -18.60 -18.55
C SER A 82 -4.99 -20.07 -18.49
N TYR A 83 -4.62 -20.81 -19.53
CA TYR A 83 -4.94 -22.24 -19.60
C TYR A 83 -3.76 -23.03 -20.15
N TYR A 84 -3.87 -24.36 -20.07
CA TYR A 84 -2.81 -25.23 -20.55
C TYR A 84 -3.39 -26.49 -21.20
N LYS A 85 -2.58 -27.17 -22.00
CA LYS A 85 -3.01 -28.38 -22.68
C LYS A 85 -3.67 -29.34 -21.70
N GLU A 86 -4.24 -30.42 -22.24
CA GLU A 86 -4.91 -31.43 -21.42
C GLU A 86 -3.88 -32.37 -20.78
N LYS A 1 -7.58 -12.13 -2.55
CA LYS A 1 -6.85 -13.38 -2.69
C LYS A 1 -5.64 -13.20 -3.61
N LYS A 2 -4.96 -12.06 -3.47
CA LYS A 2 -3.79 -11.76 -4.28
C LYS A 2 -2.80 -10.89 -3.52
N ARG A 3 -1.66 -11.46 -3.18
CA ARG A 3 -0.63 -10.73 -2.44
C ARG A 3 0.70 -11.49 -2.45
N ALA A 4 1.79 -10.74 -2.52
CA ALA A 4 3.12 -11.35 -2.54
C ALA A 4 3.45 -11.99 -1.20
N GLU A 5 4.59 -12.67 -1.14
CA GLU A 5 5.02 -13.33 0.09
C GLU A 5 5.82 -12.37 0.97
N THR A 6 6.56 -11.48 0.34
CA THR A 6 7.37 -10.50 1.07
C THR A 6 6.62 -9.96 2.27
N TRP A 7 5.35 -9.62 2.08
CA TRP A 7 4.53 -9.08 3.15
C TRP A 7 3.41 -10.06 3.51
N VAL A 8 2.96 -9.99 4.76
CA VAL A 8 1.88 -10.87 5.23
C VAL A 8 0.54 -10.17 5.17
N GLN A 9 -0.48 -10.92 4.73
CA GLN A 9 -1.83 -10.37 4.62
C GLN A 9 -2.12 -9.39 5.74
N ASP A 10 -1.75 -9.77 6.96
CA ASP A 10 -1.97 -8.92 8.13
C ASP A 10 -1.41 -7.52 7.89
N GLU A 11 -0.10 -7.43 7.74
CA GLU A 11 0.56 -6.15 7.51
C GLU A 11 0.00 -5.46 6.27
N THR A 12 0.12 -6.12 5.12
CA THR A 12 -0.38 -5.58 3.86
C THR A 12 -1.75 -4.93 4.05
N ARG A 13 -2.70 -5.71 4.55
CA ARG A 13 -4.05 -5.20 4.78
C ARG A 13 -4.03 -3.98 5.70
N SER A 14 -3.26 -4.08 6.78
CA SER A 14 -3.16 -2.98 7.74
C SER A 14 -2.70 -1.70 7.05
N LEU A 15 -1.60 -1.80 6.31
CA LEU A 15 -1.05 -0.64 5.61
C LEU A 15 -2.09 -0.03 4.67
N ILE A 16 -2.53 -0.81 3.69
CA ILE A 16 -3.54 -0.35 2.73
C ILE A 16 -4.56 0.55 3.40
N MET A 17 -5.19 0.04 4.46
CA MET A 17 -6.19 0.81 5.20
C MET A 17 -5.61 2.13 5.69
N PHE A 18 -4.47 2.06 6.37
CA PHE A 18 -3.82 3.26 6.89
C PHE A 18 -3.63 4.30 5.79
N ARG A 19 -3.32 3.82 4.59
CA ARG A 19 -3.10 4.71 3.45
C ARG A 19 -4.42 5.34 3.01
N ARG A 20 -5.39 4.51 2.67
CA ARG A 20 -6.69 4.99 2.22
C ARG A 20 -7.20 6.10 3.13
N GLY A 21 -7.14 5.87 4.44
CA GLY A 21 -7.60 6.85 5.40
C GLY A 21 -6.79 8.13 5.34
N MET A 22 -5.47 7.99 5.19
CA MET A 22 -4.59 9.14 5.13
C MET A 22 -4.67 9.83 3.77
N ASP A 23 -5.16 9.09 2.77
CA ASP A 23 -5.29 9.63 1.42
C ASP A 23 -5.76 11.08 1.46
N GLY A 24 -6.86 11.33 2.16
CA GLY A 24 -7.39 12.67 2.26
C GLY A 24 -6.30 13.72 2.33
N LEU A 25 -5.31 13.49 3.18
CA LEU A 25 -4.21 14.42 3.35
C LEU A 25 -3.39 14.53 2.07
N PHE A 26 -3.02 13.38 1.51
CA PHE A 26 -2.25 13.35 0.26
C PHE A 26 -2.92 14.17 -0.83
N ASN A 27 -4.24 14.03 -0.92
CA ASN A 27 -5.00 14.77 -1.93
C ASN A 27 -4.75 16.27 -1.82
N THR A 28 -4.87 16.80 -0.61
CA THR A 28 -4.66 18.22 -0.37
C THR A 28 -3.41 18.46 0.47
N SER A 29 -2.25 18.51 -0.18
CA SER A 29 -0.99 18.72 0.51
C SER A 29 0.15 18.85 -0.48
N LYS A 30 1.07 19.77 -0.18
CA LYS A 30 2.23 20.00 -1.05
C LYS A 30 3.23 18.87 -0.93
N SER A 31 3.62 18.56 0.31
CA SER A 31 4.59 17.51 0.56
C SER A 31 3.89 16.23 1.03
N ASN A 32 4.55 15.09 0.85
CA ASN A 32 3.99 13.81 1.25
C ASN A 32 4.97 13.04 2.13
N LYS A 33 6.26 13.24 1.89
CA LYS A 33 7.30 12.57 2.66
C LYS A 33 6.89 12.44 4.12
N HIS A 34 6.36 13.52 4.68
CA HIS A 34 5.93 13.53 6.07
C HIS A 34 4.79 12.53 6.29
N LEU A 35 3.84 12.51 5.36
CA LEU A 35 2.70 11.61 5.44
C LEU A 35 3.16 10.16 5.57
N TRP A 36 4.14 9.78 4.77
CA TRP A 36 4.67 8.43 4.79
C TRP A 36 5.25 8.09 6.16
N GLU A 37 6.08 8.98 6.67
CA GLU A 37 6.70 8.78 7.98
C GLU A 37 5.65 8.50 9.05
N GLN A 38 4.54 9.25 8.99
CA GLN A 38 3.46 9.07 9.95
C GLN A 38 2.94 7.64 9.94
N ILE A 39 2.52 7.18 8.77
CA ILE A 39 2.00 5.83 8.62
C ILE A 39 2.97 4.79 9.21
N SER A 40 4.22 4.86 8.77
CA SER A 40 5.23 3.93 9.25
C SER A 40 5.24 3.86 10.78
N SER A 41 5.58 4.98 11.40
CA SER A 41 5.62 5.05 12.86
C SER A 41 4.36 4.44 13.47
N LYS A 42 3.21 4.74 12.88
CA LYS A 42 1.94 4.22 13.35
C LYS A 42 1.95 2.69 13.36
N MET A 43 2.01 2.09 12.17
CA MET A 43 2.03 0.65 12.04
C MET A 43 2.81 0.00 13.18
N ARG A 44 4.08 0.39 13.30
CA ARG A 44 4.95 -0.16 14.35
C ARG A 44 4.23 -0.13 15.70
N GLU A 45 3.80 1.05 16.12
CA GLU A 45 3.11 1.21 17.40
C GLU A 45 1.91 0.28 17.48
N LYS A 46 1.15 0.19 16.39
CA LYS A 46 -0.03 -0.67 16.33
C LYS A 46 0.35 -2.12 16.60
N GLY A 47 1.46 -2.56 16.02
CA GLY A 47 1.91 -3.92 16.20
C GLY A 47 2.78 -4.41 15.05
N PHE A 48 2.63 -3.78 13.89
CA PHE A 48 3.41 -4.15 12.71
C PHE A 48 4.59 -3.21 12.52
N ASP A 49 5.78 -3.68 12.88
CA ASP A 49 6.99 -2.88 12.75
C ASP A 49 7.55 -2.97 11.34
N ARG A 50 7.44 -1.88 10.58
CA ARG A 50 7.94 -1.84 9.22
C ARG A 50 8.61 -0.50 8.92
N SER A 51 9.47 -0.49 7.90
CA SER A 51 10.18 0.73 7.52
C SER A 51 9.30 1.63 6.67
N PRO A 52 9.67 2.92 6.60
CA PRO A 52 8.92 3.92 5.83
C PRO A 52 9.03 3.69 4.33
N THR A 53 10.20 3.25 3.88
CA THR A 53 10.44 3.00 2.47
C THR A 53 9.67 1.76 1.99
N MET A 54 9.69 0.71 2.80
CA MET A 54 9.00 -0.52 2.46
C MET A 54 7.55 -0.25 2.10
N CYS A 55 6.90 0.62 2.87
CA CYS A 55 5.51 0.98 2.62
C CYS A 55 5.37 1.80 1.35
N THR A 56 6.29 2.75 1.17
CA THR A 56 6.27 3.62 -0.01
C THR A 56 6.34 2.80 -1.29
N ASP A 57 7.30 1.89 -1.35
CA ASP A 57 7.49 1.04 -2.52
C ASP A 57 6.31 0.08 -2.69
N LYS A 58 5.99 -0.63 -1.62
CA LYS A 58 4.88 -1.59 -1.64
C LYS A 58 3.61 -0.93 -2.17
N TRP A 59 3.25 0.21 -1.60
CA TRP A 59 2.06 0.94 -2.00
C TRP A 59 2.06 1.17 -3.51
N ARG A 60 3.12 1.79 -4.00
CA ARG A 60 3.24 2.08 -5.42
C ARG A 60 2.84 0.87 -6.27
N ASN A 61 3.33 -0.30 -5.88
CA ASN A 61 3.02 -1.54 -6.59
C ASN A 61 1.52 -1.79 -6.61
N LEU A 62 0.87 -1.53 -5.48
CA LEU A 62 -0.58 -1.73 -5.35
C LEU A 62 -1.33 -0.86 -6.35
N LEU A 63 -0.91 0.39 -6.47
CA LEU A 63 -1.55 1.32 -7.40
C LEU A 63 -1.45 0.82 -8.83
N LYS A 64 -0.31 0.22 -9.16
CA LYS A 64 -0.09 -0.31 -10.50
C LYS A 64 -1.08 -1.42 -10.82
N GLU A 65 -1.24 -2.35 -9.88
CA GLU A 65 -2.16 -3.47 -10.06
C GLU A 65 -3.61 -3.00 -10.00
N PHE A 66 -3.84 -1.93 -9.23
CA PHE A 66 -5.19 -1.39 -9.08
C PHE A 66 -5.63 -0.67 -10.36
N LYS A 67 -4.74 0.14 -10.91
CA LYS A 67 -5.04 0.89 -12.13
C LYS A 67 -5.47 -0.05 -13.25
N LYS A 68 -4.64 -1.06 -13.53
CA LYS A 68 -4.92 -2.03 -14.57
C LYS A 68 -5.64 -3.25 -13.99
N ALA A 69 -6.38 -3.04 -12.90
CA ALA A 69 -7.11 -4.12 -12.26
C ALA A 69 -8.24 -4.62 -13.14
N LYS A 70 -8.10 -5.83 -13.66
CA LYS A 70 -9.11 -6.43 -14.52
C LYS A 70 -9.90 -7.51 -13.78
N HIS A 71 -10.87 -8.10 -14.46
CA HIS A 71 -11.69 -9.15 -13.87
C HIS A 71 -10.98 -10.49 -13.92
N HIS A 72 -10.13 -10.75 -12.92
CA HIS A 72 -9.39 -12.00 -12.86
C HIS A 72 -9.41 -12.56 -11.43
N ASP A 73 -9.53 -13.88 -11.33
CA ASP A 73 -9.56 -14.54 -10.03
C ASP A 73 -8.77 -15.85 -10.07
N ARG A 74 -8.21 -16.24 -8.93
CA ARG A 74 -7.44 -17.46 -8.83
C ARG A 74 -7.51 -18.05 -7.43
N GLY A 75 -7.72 -19.36 -7.34
CA GLY A 75 -7.81 -20.02 -6.05
C GLY A 75 -6.68 -21.01 -5.83
N ASN A 76 -5.70 -20.61 -5.03
CA ASN A 76 -4.56 -21.46 -4.74
C ASN A 76 -4.83 -22.35 -3.53
N GLY A 77 -5.46 -21.77 -2.50
CA GLY A 77 -5.77 -22.52 -1.30
C GLY A 77 -5.18 -21.90 -0.06
N SER A 78 -5.48 -22.47 1.10
CA SER A 78 -4.98 -21.96 2.37
C SER A 78 -4.22 -23.05 3.13
N ALA A 79 -2.93 -23.18 2.80
CA ALA A 79 -2.09 -24.18 3.45
C ALA A 79 -1.96 -23.90 4.95
N LYS A 80 -1.58 -22.67 5.29
CA LYS A 80 -1.43 -22.29 6.69
C LYS A 80 -2.75 -22.42 7.44
N MET A 81 -2.69 -22.97 8.64
CA MET A 81 -3.88 -23.15 9.46
C MET A 81 -3.63 -22.66 10.89
N SER A 82 -4.67 -22.05 11.48
CA SER A 82 -4.56 -21.53 12.84
C SER A 82 -4.58 -22.66 13.86
N TYR A 83 -5.55 -23.56 13.72
CA TYR A 83 -5.67 -24.69 14.64
C TYR A 83 -4.31 -25.28 14.96
N TYR A 84 -4.05 -25.49 16.25
CA TYR A 84 -2.77 -26.05 16.69
C TYR A 84 -2.99 -27.04 17.83
N LYS A 85 -2.01 -27.91 18.04
CA LYS A 85 -2.09 -28.92 19.10
C LYS A 85 -2.78 -28.36 20.33
N GLU A 86 -3.89 -29.00 20.72
CA GLU A 86 -4.65 -28.57 21.88
C GLU A 86 -3.72 -28.23 23.05
N LYS A 1 6.78 -22.23 -1.83
CA LYS A 1 6.48 -21.16 -0.89
C LYS A 1 7.72 -20.77 -0.10
N LYS A 2 8.40 -19.72 -0.54
CA LYS A 2 9.60 -19.24 0.13
C LYS A 2 9.36 -17.89 0.79
N ARG A 3 9.67 -17.80 2.08
CA ARG A 3 9.49 -16.57 2.83
C ARG A 3 10.73 -15.70 2.77
N ALA A 4 10.83 -14.87 1.73
CA ALA A 4 11.98 -13.98 1.56
C ALA A 4 11.59 -12.54 1.84
N GLU A 5 11.68 -12.14 3.10
CA GLU A 5 11.35 -10.77 3.50
C GLU A 5 10.13 -10.27 2.73
N THR A 6 9.11 -11.11 2.61
CA THR A 6 7.90 -10.75 1.90
C THR A 6 6.81 -10.29 2.87
N TRP A 7 5.99 -9.35 2.42
CA TRP A 7 4.90 -8.82 3.26
C TRP A 7 3.85 -9.90 3.51
N VAL A 8 3.10 -9.74 4.60
CA VAL A 8 2.06 -10.69 4.95
C VAL A 8 0.68 -10.04 4.90
N GLN A 9 -0.31 -10.81 4.45
CA GLN A 9 -1.68 -10.30 4.35
C GLN A 9 -2.00 -9.37 5.51
N ASP A 10 -1.59 -9.76 6.70
CA ASP A 10 -1.83 -8.97 7.90
C ASP A 10 -1.36 -7.53 7.70
N GLU A 11 -0.04 -7.36 7.61
CA GLU A 11 0.54 -6.03 7.41
C GLU A 11 -0.06 -5.34 6.19
N THR A 12 0.09 -5.97 5.03
CA THR A 12 -0.44 -5.42 3.78
C THR A 12 -1.81 -4.79 4.01
N ARG A 13 -2.71 -5.56 4.61
CA ARG A 13 -4.07 -5.07 4.88
C ARG A 13 -4.04 -3.80 5.71
N SER A 14 -3.40 -3.87 6.87
CA SER A 14 -3.30 -2.72 7.76
C SER A 14 -2.80 -1.49 7.01
N LEU A 15 -1.72 -1.66 6.27
CA LEU A 15 -1.14 -0.57 5.49
C LEU A 15 -2.16 0.04 4.54
N ILE A 16 -2.56 -0.75 3.55
CA ILE A 16 -3.54 -0.30 2.57
C ILE A 16 -4.59 0.60 3.22
N MET A 17 -5.22 0.10 4.28
CA MET A 17 -6.24 0.85 4.99
C MET A 17 -5.67 2.17 5.53
N PHE A 18 -4.49 2.09 6.14
CA PHE A 18 -3.85 3.27 6.70
C PHE A 18 -3.69 4.35 5.63
N ARG A 19 -3.19 3.96 4.46
CA ARG A 19 -2.98 4.90 3.37
C ARG A 19 -4.32 5.45 2.87
N ARG A 20 -5.32 4.58 2.78
CA ARG A 20 -6.64 4.98 2.31
C ARG A 20 -7.25 6.02 3.24
N GLY A 21 -7.14 5.77 4.55
CA GLY A 21 -7.69 6.70 5.51
C GLY A 21 -6.99 8.05 5.50
N MET A 22 -5.67 8.02 5.43
CA MET A 22 -4.88 9.25 5.40
C MET A 22 -4.84 9.84 4.00
N ASP A 23 -5.31 9.06 3.03
CA ASP A 23 -5.33 9.52 1.64
C ASP A 23 -5.73 10.98 1.55
N GLY A 24 -6.76 11.36 2.31
CA GLY A 24 -7.22 12.74 2.31
C GLY A 24 -6.09 13.73 2.42
N LEU A 25 -5.18 13.48 3.35
CA LEU A 25 -4.03 14.37 3.56
C LEU A 25 -3.15 14.42 2.32
N PHE A 26 -2.83 13.25 1.77
CA PHE A 26 -2.00 13.16 0.59
C PHE A 26 -2.45 14.15 -0.48
N ASN A 27 -3.76 14.40 -0.53
CA ASN A 27 -4.33 15.32 -1.50
C ASN A 27 -3.94 16.76 -1.17
N THR A 28 -4.20 17.18 0.07
CA THR A 28 -3.88 18.53 0.50
C THR A 28 -2.42 18.63 0.94
N SER A 29 -1.51 18.16 0.08
CA SER A 29 -0.09 18.19 0.37
C SER A 29 0.73 17.79 -0.85
N LYS A 30 1.41 18.76 -1.45
CA LYS A 30 2.24 18.51 -2.63
C LYS A 30 3.28 17.43 -2.36
N SER A 31 3.57 17.21 -1.08
CA SER A 31 4.54 16.21 -0.68
C SER A 31 4.02 15.36 0.48
N ASN A 32 3.80 14.07 0.22
CA ASN A 32 3.30 13.17 1.25
C ASN A 32 4.45 12.56 2.04
N LYS A 33 5.54 13.31 2.17
CA LYS A 33 6.70 12.84 2.91
C LYS A 33 6.35 12.58 4.37
N HIS A 34 5.98 13.65 5.08
CA HIS A 34 5.61 13.54 6.49
C HIS A 34 4.52 12.49 6.69
N LEU A 35 3.66 12.34 5.69
CA LEU A 35 2.57 11.37 5.76
C LEU A 35 3.11 9.94 5.80
N TRP A 36 4.09 9.67 4.94
CA TRP A 36 4.70 8.34 4.88
C TRP A 36 5.31 7.96 6.22
N GLU A 37 6.14 8.85 6.76
CA GLU A 37 6.80 8.61 8.04
C GLU A 37 5.76 8.42 9.15
N GLN A 38 4.65 9.16 9.05
CA GLN A 38 3.59 9.07 10.05
C GLN A 38 2.88 7.72 9.98
N ILE A 39 2.56 7.28 8.77
CA ILE A 39 1.89 6.01 8.57
C ILE A 39 2.72 4.85 9.13
N SER A 40 4.02 4.89 8.88
CA SER A 40 4.92 3.85 9.35
C SER A 40 4.88 3.74 10.87
N SER A 41 5.25 4.83 11.55
CA SER A 41 5.25 4.87 13.01
C SER A 41 3.95 4.32 13.57
N LYS A 42 2.83 4.80 13.04
CA LYS A 42 1.51 4.35 13.48
C LYS A 42 1.42 2.83 13.48
N MET A 43 1.96 2.22 12.43
CA MET A 43 1.94 0.77 12.31
C MET A 43 2.73 0.11 13.44
N ARG A 44 3.87 0.70 13.78
CA ARG A 44 4.72 0.18 14.85
C ARG A 44 3.94 0.08 16.15
N GLU A 45 3.24 1.15 16.49
CA GLU A 45 2.45 1.20 17.72
C GLU A 45 1.46 0.05 17.77
N LYS A 46 0.96 -0.35 16.60
CA LYS A 46 -0.01 -1.44 16.50
C LYS A 46 0.69 -2.79 16.63
N GLY A 47 1.96 -2.83 16.25
CA GLY A 47 2.71 -4.07 16.33
C GLY A 47 3.45 -4.39 15.04
N PHE A 48 3.13 -3.64 13.98
CA PHE A 48 3.77 -3.85 12.69
C PHE A 48 5.00 -2.96 12.54
N ASP A 49 6.18 -3.57 12.61
CA ASP A 49 7.43 -2.83 12.48
C ASP A 49 7.96 -2.89 11.04
N ARG A 50 7.60 -1.89 10.26
CA ARG A 50 8.03 -1.82 8.86
C ARG A 50 8.53 -0.43 8.52
N SER A 51 9.69 -0.37 7.86
CA SER A 51 10.30 0.90 7.47
C SER A 51 9.30 1.75 6.69
N PRO A 52 9.57 3.06 6.61
CA PRO A 52 8.73 4.01 5.90
C PRO A 52 8.77 3.82 4.39
N THR A 53 9.99 3.77 3.84
CA THR A 53 10.18 3.60 2.41
C THR A 53 9.49 2.32 1.92
N MET A 54 9.54 1.28 2.74
CA MET A 54 8.92 0.00 2.39
C MET A 54 7.49 0.21 1.91
N CYS A 55 6.66 0.80 2.76
CA CYS A 55 5.27 1.06 2.41
C CYS A 55 5.16 1.99 1.20
N THR A 56 6.12 2.91 1.08
CA THR A 56 6.13 3.85 -0.03
C THR A 56 6.26 3.13 -1.36
N ASP A 57 7.26 2.26 -1.47
CA ASP A 57 7.50 1.51 -2.70
C ASP A 57 6.42 0.45 -2.90
N LYS A 58 6.11 -0.28 -1.84
CA LYS A 58 5.09 -1.32 -1.89
C LYS A 58 3.74 -0.74 -2.27
N TRP A 59 3.43 0.43 -1.73
CA TRP A 59 2.17 1.10 -2.01
C TRP A 59 2.03 1.40 -3.51
N ARG A 60 3.01 2.10 -4.05
CA ARG A 60 3.01 2.44 -5.47
C ARG A 60 2.69 1.23 -6.33
N ASN A 61 3.33 0.11 -6.02
CA ASN A 61 3.11 -1.13 -6.77
C ASN A 61 1.66 -1.58 -6.66
N LEU A 62 1.11 -1.49 -5.46
CA LEU A 62 -0.28 -1.88 -5.23
C LEU A 62 -1.23 -1.14 -6.16
N LEU A 63 -0.91 0.12 -6.44
CA LEU A 63 -1.73 0.94 -7.33
C LEU A 63 -1.63 0.46 -8.77
N LYS A 64 -0.41 0.12 -9.19
CA LYS A 64 -0.17 -0.36 -10.55
C LYS A 64 -0.90 -1.67 -10.79
N GLU A 65 -0.87 -2.56 -9.81
CA GLU A 65 -1.54 -3.84 -9.92
C GLU A 65 -3.06 -3.70 -9.77
N PHE A 66 -3.47 -2.83 -8.86
CA PHE A 66 -4.89 -2.59 -8.62
C PHE A 66 -5.58 -2.10 -9.89
N LYS A 67 -4.94 -1.17 -10.60
CA LYS A 67 -5.49 -0.62 -11.82
C LYS A 67 -5.95 -1.73 -12.75
N LYS A 68 -5.16 -2.79 -12.85
CA LYS A 68 -5.49 -3.92 -13.71
C LYS A 68 -6.29 -4.97 -12.94
N ALA A 69 -7.03 -4.53 -11.93
CA ALA A 69 -7.84 -5.42 -11.11
C ALA A 69 -8.58 -6.43 -11.97
N LYS A 70 -8.91 -7.58 -11.40
CA LYS A 70 -9.62 -8.62 -12.12
C LYS A 70 -11.12 -8.35 -12.15
N HIS A 71 -11.82 -8.98 -13.07
CA HIS A 71 -13.26 -8.81 -13.19
C HIS A 71 -13.84 -9.75 -14.24
N HIS A 72 -15.17 -9.85 -14.27
CA HIS A 72 -15.85 -10.71 -15.24
C HIS A 72 -15.14 -10.67 -16.59
N ASP A 73 -14.47 -11.77 -16.94
CA ASP A 73 -13.76 -11.86 -18.21
C ASP A 73 -14.73 -11.75 -19.39
N ARG A 74 -15.85 -12.45 -19.30
CA ARG A 74 -16.85 -12.44 -20.35
C ARG A 74 -16.21 -12.76 -21.70
N GLY A 75 -15.31 -13.73 -21.71
CA GLY A 75 -14.66 -14.12 -22.95
C GLY A 75 -13.99 -15.48 -22.84
N ASN A 76 -12.67 -15.49 -22.99
CA ASN A 76 -11.91 -16.73 -22.92
C ASN A 76 -11.47 -17.03 -21.48
N GLY A 77 -11.05 -15.99 -20.78
CA GLY A 77 -10.61 -16.15 -19.40
C GLY A 77 -9.58 -17.25 -19.24
N SER A 78 -9.29 -17.62 -18.00
CA SER A 78 -8.31 -18.66 -17.72
C SER A 78 -8.95 -19.83 -16.98
N ALA A 79 -9.31 -20.87 -17.74
CA ALA A 79 -9.93 -22.05 -17.16
C ALA A 79 -8.91 -23.16 -16.94
N LYS A 80 -8.18 -23.49 -18.00
CA LYS A 80 -7.17 -24.54 -17.93
C LYS A 80 -6.45 -24.52 -16.59
N MET A 81 -6.84 -25.45 -15.71
CA MET A 81 -6.24 -25.55 -14.38
C MET A 81 -6.76 -26.76 -13.63
N SER A 82 -5.86 -27.65 -13.24
CA SER A 82 -6.23 -28.86 -12.52
C SER A 82 -5.00 -29.56 -11.96
N TYR A 83 -4.92 -29.67 -10.64
CA TYR A 83 -3.79 -30.31 -9.98
C TYR A 83 -3.74 -31.80 -10.32
N TYR A 84 -2.64 -32.44 -9.97
CA TYR A 84 -2.47 -33.87 -10.22
C TYR A 84 -2.32 -34.64 -8.92
N LYS A 85 -2.76 -35.90 -8.94
CA LYS A 85 -2.67 -36.75 -7.76
C LYS A 85 -1.60 -37.82 -7.94
N GLU A 86 -1.05 -38.31 -6.83
CA GLU A 86 -0.02 -39.34 -6.86
C GLU A 86 -0.64 -40.73 -6.86
N LYS A 1 12.31 -19.30 0.52
CA LYS A 1 11.14 -18.77 1.20
C LYS A 1 11.54 -17.71 2.22
N LYS A 2 12.47 -16.84 1.83
CA LYS A 2 12.94 -15.78 2.70
C LYS A 2 11.89 -14.68 2.84
N ARG A 3 11.20 -14.67 3.97
CA ARG A 3 10.16 -13.67 4.23
C ARG A 3 10.74 -12.47 4.97
N ALA A 4 11.97 -12.12 4.65
CA ALA A 4 12.64 -10.99 5.28
C ALA A 4 12.16 -9.67 4.69
N GLU A 5 11.47 -9.75 3.55
CA GLU A 5 10.97 -8.56 2.89
C GLU A 5 9.51 -8.74 2.51
N THR A 6 9.13 -9.97 2.18
CA THR A 6 7.74 -10.27 1.79
C THR A 6 6.76 -9.84 2.88
N TRP A 7 5.64 -9.27 2.46
CA TRP A 7 4.62 -8.82 3.40
C TRP A 7 3.52 -9.86 3.54
N VAL A 8 2.85 -9.85 4.70
CA VAL A 8 1.77 -10.79 4.97
C VAL A 8 0.41 -10.09 4.94
N GLN A 9 -0.62 -10.83 4.55
CA GLN A 9 -1.97 -10.28 4.47
C GLN A 9 -2.21 -9.29 5.62
N ASP A 10 -2.00 -9.75 6.84
CA ASP A 10 -2.20 -8.90 8.02
C ASP A 10 -1.56 -7.54 7.82
N GLU A 11 -0.23 -7.51 7.68
CA GLU A 11 0.50 -6.27 7.48
C GLU A 11 -0.06 -5.50 6.29
N THR A 12 0.02 -6.11 5.11
CA THR A 12 -0.48 -5.48 3.90
C THR A 12 -1.78 -4.73 4.15
N ARG A 13 -2.78 -5.45 4.67
CA ARG A 13 -4.08 -4.86 4.96
C ARG A 13 -3.93 -3.61 5.83
N SER A 14 -3.09 -3.71 6.85
CA SER A 14 -2.85 -2.60 7.76
C SER A 14 -2.27 -1.40 7.01
N LEU A 15 -1.20 -1.63 6.27
CA LEU A 15 -0.55 -0.57 5.50
C LEU A 15 -1.52 0.06 4.52
N ILE A 16 -2.26 -0.78 3.79
CA ILE A 16 -3.23 -0.30 2.82
C ILE A 16 -4.25 0.63 3.47
N MET A 17 -5.15 0.05 4.25
CA MET A 17 -6.18 0.83 4.94
C MET A 17 -5.61 2.12 5.50
N PHE A 18 -4.50 2.00 6.23
CA PHE A 18 -3.84 3.17 6.82
C PHE A 18 -3.68 4.28 5.79
N ARG A 19 -3.09 3.94 4.65
CA ARG A 19 -2.88 4.92 3.59
C ARG A 19 -4.18 5.59 3.18
N ARG A 20 -5.15 4.77 2.76
CA ARG A 20 -6.45 5.27 2.34
C ARG A 20 -6.96 6.32 3.33
N GLY A 21 -7.12 5.92 4.58
CA GLY A 21 -7.60 6.83 5.59
C GLY A 21 -6.89 8.17 5.56
N MET A 22 -5.58 8.14 5.41
CA MET A 22 -4.79 9.36 5.36
C MET A 22 -4.86 10.00 3.97
N ASP A 23 -5.36 9.24 3.00
CA ASP A 23 -5.48 9.74 1.63
C ASP A 23 -5.98 11.17 1.62
N GLY A 24 -6.72 11.56 2.66
CA GLY A 24 -7.25 12.90 2.75
C GLY A 24 -6.15 13.95 2.75
N LEU A 25 -5.10 13.70 3.53
CA LEU A 25 -3.98 14.63 3.62
C LEU A 25 -3.21 14.69 2.30
N PHE A 26 -2.99 13.53 1.69
CA PHE A 26 -2.26 13.45 0.43
C PHE A 26 -2.96 14.28 -0.64
N ASN A 27 -4.29 14.27 -0.62
CA ASN A 27 -5.09 15.02 -1.59
C ASN A 27 -4.77 16.51 -1.52
N THR A 28 -4.84 17.06 -0.31
CA THR A 28 -4.57 18.48 -0.10
C THR A 28 -3.30 18.67 0.74
N SER A 29 -2.15 18.59 0.08
CA SER A 29 -0.87 18.75 0.76
C SER A 29 0.22 19.15 -0.24
N LYS A 30 1.28 19.76 0.29
CA LYS A 30 2.41 20.19 -0.55
C LYS A 30 3.54 19.18 -0.48
N SER A 31 3.41 18.20 0.41
CA SER A 31 4.44 17.17 0.57
C SER A 31 3.83 15.85 1.01
N ASN A 32 4.52 14.75 0.75
CA ASN A 32 4.05 13.42 1.11
C ASN A 32 5.07 12.71 1.98
N LYS A 33 6.35 12.91 1.68
CA LYS A 33 7.43 12.28 2.43
C LYS A 33 7.06 12.15 3.90
N HIS A 34 6.60 13.25 4.51
CA HIS A 34 6.22 13.25 5.91
C HIS A 34 5.02 12.33 6.14
N LEU A 35 4.01 12.45 5.28
CA LEU A 35 2.81 11.63 5.39
C LEU A 35 3.17 10.15 5.53
N TRP A 36 4.15 9.72 4.75
CA TRP A 36 4.60 8.32 4.78
C TRP A 36 5.19 7.98 6.14
N GLU A 37 6.19 8.74 6.56
CA GLU A 37 6.85 8.51 7.84
C GLU A 37 5.82 8.32 8.95
N GLN A 38 4.73 9.06 8.87
CA GLN A 38 3.67 8.98 9.87
C GLN A 38 3.02 7.60 9.86
N ILE A 39 2.57 7.18 8.68
CA ILE A 39 1.92 5.87 8.53
C ILE A 39 2.75 4.78 9.19
N SER A 40 4.06 4.82 8.97
CA SER A 40 4.97 3.83 9.54
C SER A 40 4.86 3.81 11.06
N SER A 41 5.10 4.96 11.67
CA SER A 41 5.04 5.08 13.12
C SER A 41 3.80 4.41 13.67
N LYS A 42 2.64 4.74 13.10
CA LYS A 42 1.37 4.17 13.54
C LYS A 42 1.46 2.65 13.58
N MET A 43 1.84 2.04 12.46
CA MET A 43 1.96 0.59 12.38
C MET A 43 2.69 0.04 13.59
N ARG A 44 3.90 0.53 13.82
CA ARG A 44 4.71 0.09 14.94
C ARG A 44 3.91 0.11 16.24
N GLU A 45 3.07 1.13 16.38
CA GLU A 45 2.24 1.28 17.57
C GLU A 45 1.24 0.14 17.67
N LYS A 46 0.62 -0.21 16.55
CA LYS A 46 -0.36 -1.28 16.51
C LYS A 46 0.30 -2.63 16.72
N GLY A 47 1.33 -2.91 15.93
CA GLY A 47 2.03 -4.18 16.04
C GLY A 47 2.72 -4.59 14.76
N PHE A 48 3.19 -3.60 14.01
CA PHE A 48 3.88 -3.86 12.74
C PHE A 48 5.04 -2.90 12.54
N ASP A 49 6.25 -3.42 12.71
CA ASP A 49 7.46 -2.60 12.55
C ASP A 49 7.97 -2.68 11.11
N ARG A 50 7.66 -1.66 10.32
CA ARG A 50 8.10 -1.61 8.93
C ARG A 50 8.52 -0.20 8.55
N SER A 51 9.70 -0.08 7.93
CA SER A 51 10.22 1.21 7.51
C SER A 51 9.23 1.93 6.61
N PRO A 52 9.37 3.26 6.50
CA PRO A 52 8.50 4.10 5.68
C PRO A 52 8.72 3.86 4.19
N THR A 53 9.97 3.80 3.78
CA THR A 53 10.33 3.58 2.38
C THR A 53 9.67 2.31 1.85
N MET A 54 9.71 1.25 2.66
CA MET A 54 9.12 -0.03 2.27
C MET A 54 7.63 0.13 1.95
N CYS A 55 6.95 0.95 2.74
CA CYS A 55 5.52 1.19 2.54
C CYS A 55 5.28 1.95 1.25
N THR A 56 6.16 2.89 0.94
CA THR A 56 6.04 3.70 -0.27
C THR A 56 6.08 2.82 -1.52
N ASP A 57 7.18 2.10 -1.69
CA ASP A 57 7.34 1.23 -2.85
C ASP A 57 6.21 0.18 -2.90
N LYS A 58 5.94 -0.43 -1.76
CA LYS A 58 4.89 -1.45 -1.67
C LYS A 58 3.60 -0.95 -2.31
N TRP A 59 3.21 0.28 -1.98
CA TRP A 59 2.00 0.86 -2.53
C TRP A 59 2.05 0.94 -4.05
N ARG A 60 3.11 1.57 -4.57
CA ARG A 60 3.29 1.70 -6.01
C ARG A 60 2.92 0.41 -6.73
N ASN A 61 3.38 -0.72 -6.18
CA ASN A 61 3.09 -2.02 -6.77
C ASN A 61 1.59 -2.31 -6.76
N LEU A 62 0.96 -2.10 -5.60
CA LEU A 62 -0.46 -2.33 -5.46
C LEU A 62 -1.25 -1.63 -6.57
N LEU A 63 -0.86 -0.40 -6.87
CA LEU A 63 -1.53 0.37 -7.93
C LEU A 63 -1.40 -0.32 -9.28
N LYS A 64 -0.17 -0.71 -9.62
CA LYS A 64 0.08 -1.38 -10.89
C LYS A 64 -0.83 -2.59 -11.06
N GLU A 65 -1.06 -3.30 -9.97
CA GLU A 65 -1.92 -4.49 -10.00
C GLU A 65 -3.39 -4.09 -10.00
N PHE A 66 -3.72 -3.04 -9.24
CA PHE A 66 -5.09 -2.56 -9.15
C PHE A 66 -5.62 -2.17 -10.53
N LYS A 67 -4.79 -1.49 -11.31
CA LYS A 67 -5.17 -1.05 -12.65
C LYS A 67 -5.54 -2.25 -13.52
N LYS A 68 -4.69 -3.28 -13.48
CA LYS A 68 -4.93 -4.48 -14.28
C LYS A 68 -5.58 -5.57 -13.42
N ALA A 69 -6.29 -5.16 -12.38
CA ALA A 69 -6.96 -6.10 -11.50
C ALA A 69 -7.88 -7.02 -12.28
N LYS A 70 -7.36 -8.20 -12.64
CA LYS A 70 -8.14 -9.18 -13.39
C LYS A 70 -8.68 -10.26 -12.48
N HIS A 71 -9.84 -10.79 -12.82
CA HIS A 71 -10.47 -11.85 -12.02
C HIS A 71 -11.23 -12.83 -12.92
N HIS A 72 -11.69 -13.93 -12.33
CA HIS A 72 -12.43 -14.94 -13.06
C HIS A 72 -11.70 -15.30 -14.37
N ASP A 73 -10.40 -15.51 -14.27
CA ASP A 73 -9.60 -15.85 -15.44
C ASP A 73 -9.24 -17.34 -15.44
N ARG A 74 -9.05 -17.90 -16.63
CA ARG A 74 -8.70 -19.30 -16.75
C ARG A 74 -7.23 -19.54 -16.41
N GLY A 75 -6.91 -20.76 -15.99
CA GLY A 75 -5.54 -21.08 -15.64
C GLY A 75 -5.45 -21.96 -14.40
N ASN A 76 -4.68 -23.03 -14.48
CA ASN A 76 -4.51 -23.95 -13.36
C ASN A 76 -3.24 -23.62 -12.57
N GLY A 77 -2.18 -23.25 -13.29
CA GLY A 77 -0.92 -22.91 -12.64
C GLY A 77 -0.07 -24.13 -12.37
N SER A 78 0.26 -24.86 -13.43
CA SER A 78 1.09 -26.06 -13.31
C SER A 78 1.74 -26.42 -14.64
N ALA A 79 3.06 -26.51 -14.64
CA ALA A 79 3.81 -26.84 -15.84
C ALA A 79 3.63 -28.31 -16.21
N LYS A 80 4.00 -29.19 -15.29
CA LYS A 80 3.87 -30.63 -15.52
C LYS A 80 3.03 -31.28 -14.43
N MET A 81 3.51 -31.20 -13.19
CA MET A 81 2.81 -31.78 -12.06
C MET A 81 2.88 -30.87 -10.84
N SER A 82 1.76 -30.70 -10.15
CA SER A 82 1.70 -29.85 -8.97
C SER A 82 2.97 -29.99 -8.14
N TYR A 83 3.63 -28.86 -7.87
CA TYR A 83 4.86 -28.86 -7.09
C TYR A 83 4.56 -28.72 -5.60
N TYR A 84 3.89 -29.71 -5.03
CA TYR A 84 3.53 -29.69 -3.62
C TYR A 84 4.73 -30.07 -2.76
N LYS A 85 5.82 -30.46 -3.40
CA LYS A 85 7.03 -30.85 -2.70
C LYS A 85 8.07 -29.73 -2.74
N GLU A 86 7.69 -28.56 -2.23
CA GLU A 86 8.59 -27.41 -2.21
C GLU A 86 9.37 -27.36 -0.91
N LYS A 1 4.71 -23.22 1.73
CA LYS A 1 4.76 -21.79 1.47
C LYS A 1 6.19 -21.34 1.15
N LYS A 2 6.31 -20.19 0.50
CA LYS A 2 7.62 -19.64 0.14
C LYS A 2 8.21 -18.84 1.29
N ARG A 3 9.51 -18.99 1.50
CA ARG A 3 10.19 -18.27 2.57
C ARG A 3 11.01 -17.10 2.00
N ALA A 4 10.56 -15.88 2.29
CA ALA A 4 11.24 -14.68 1.81
C ALA A 4 10.70 -13.44 2.51
N GLU A 5 11.19 -12.28 2.08
CA GLU A 5 10.76 -11.01 2.66
C GLU A 5 9.49 -10.50 1.97
N THR A 6 8.49 -11.37 1.87
CA THR A 6 7.23 -11.02 1.23
C THR A 6 6.18 -10.64 2.27
N TRP A 7 5.46 -9.55 2.01
CA TRP A 7 4.43 -9.08 2.92
C TRP A 7 3.29 -10.10 3.02
N VAL A 8 2.53 -10.04 4.11
CA VAL A 8 1.42 -10.95 4.32
C VAL A 8 0.09 -10.22 4.24
N GLN A 9 -1.01 -10.96 4.35
CA GLN A 9 -2.34 -10.38 4.27
C GLN A 9 -2.59 -9.43 5.44
N ASP A 10 -2.01 -9.75 6.59
CA ASP A 10 -2.16 -8.92 7.79
C ASP A 10 -1.46 -7.57 7.60
N GLU A 11 -0.14 -7.61 7.43
CA GLU A 11 0.63 -6.39 7.24
C GLU A 11 0.06 -5.56 6.10
N THR A 12 -0.04 -6.16 4.92
CA THR A 12 -0.56 -5.46 3.75
C THR A 12 -1.84 -4.70 4.09
N ARG A 13 -2.83 -5.42 4.60
CA ARG A 13 -4.10 -4.82 4.96
C ARG A 13 -3.89 -3.58 5.81
N SER A 14 -3.23 -3.75 6.95
CA SER A 14 -2.96 -2.64 7.86
C SER A 14 -2.45 -1.42 7.10
N LEU A 15 -1.45 -1.63 6.25
CA LEU A 15 -0.88 -0.54 5.45
C LEU A 15 -1.92 0.05 4.51
N ILE A 16 -2.37 -0.76 3.56
CA ILE A 16 -3.37 -0.32 2.59
C ILE A 16 -4.41 0.59 3.25
N MET A 17 -4.92 0.16 4.39
CA MET A 17 -5.92 0.93 5.12
C MET A 17 -5.34 2.26 5.60
N PHE A 18 -4.22 2.18 6.31
CA PHE A 18 -3.56 3.38 6.83
C PHE A 18 -3.39 4.42 5.73
N ARG A 19 -2.99 3.97 4.55
CA ARG A 19 -2.80 4.87 3.42
C ARG A 19 -4.11 5.48 2.96
N ARG A 20 -5.17 4.65 2.92
CA ARG A 20 -6.49 5.11 2.51
C ARG A 20 -6.97 6.24 3.42
N GLY A 21 -7.05 5.96 4.72
CA GLY A 21 -7.50 6.96 5.66
C GLY A 21 -6.73 8.26 5.55
N MET A 22 -5.41 8.14 5.46
CA MET A 22 -4.54 9.32 5.36
C MET A 22 -4.66 9.95 3.97
N ASP A 23 -5.11 9.17 3.00
CA ASP A 23 -5.26 9.66 1.63
C ASP A 23 -5.73 11.11 1.63
N GLY A 24 -6.81 11.39 2.35
CA GLY A 24 -7.33 12.75 2.41
C GLY A 24 -6.22 13.79 2.45
N LEU A 25 -5.21 13.56 3.28
CA LEU A 25 -4.09 14.49 3.40
C LEU A 25 -3.32 14.58 2.08
N PHE A 26 -3.02 13.43 1.49
CA PHE A 26 -2.29 13.38 0.23
C PHE A 26 -2.99 14.21 -0.84
N ASN A 27 -4.30 14.02 -0.95
CA ASN A 27 -5.09 14.76 -1.94
C ASN A 27 -4.85 16.26 -1.82
N THR A 28 -4.97 16.78 -0.60
CA THR A 28 -4.77 18.20 -0.36
C THR A 28 -3.61 18.44 0.60
N SER A 29 -2.40 18.53 0.05
CA SER A 29 -1.20 18.76 0.86
C SER A 29 0.00 19.01 -0.03
N LYS A 30 0.88 19.90 0.42
CA LYS A 30 2.09 20.23 -0.32
C LYS A 30 3.18 19.18 -0.10
N SER A 31 3.39 18.81 1.16
CA SER A 31 4.41 17.82 1.50
C SER A 31 3.78 16.44 1.61
N ASN A 32 4.54 15.42 1.19
CA ASN A 32 4.06 14.04 1.24
C ASN A 32 4.99 13.18 2.09
N LYS A 33 6.29 13.35 1.89
CA LYS A 33 7.28 12.59 2.64
C LYS A 33 6.88 12.46 4.10
N HIS A 34 6.32 13.53 4.65
CA HIS A 34 5.89 13.53 6.04
C HIS A 34 4.78 12.51 6.27
N LEU A 35 3.86 12.41 5.30
CA LEU A 35 2.76 11.47 5.39
C LEU A 35 3.26 10.03 5.46
N TRP A 36 4.28 9.73 4.68
CA TRP A 36 4.85 8.39 4.65
C TRP A 36 5.41 8.01 6.02
N GLU A 37 6.36 8.80 6.51
CA GLU A 37 6.96 8.54 7.81
C GLU A 37 5.90 8.36 8.88
N GLN A 38 4.78 9.06 8.72
CA GLN A 38 3.68 8.98 9.68
C GLN A 38 3.05 7.60 9.67
N ILE A 39 2.75 7.09 8.48
CA ILE A 39 2.15 5.77 8.34
C ILE A 39 2.98 4.71 9.03
N SER A 40 4.28 4.69 8.74
CA SER A 40 5.19 3.72 9.33
C SER A 40 5.11 3.76 10.85
N SER A 41 5.15 4.97 11.40
CA SER A 41 5.09 5.15 12.85
C SER A 41 3.81 4.55 13.42
N LYS A 42 2.68 4.90 12.80
CA LYS A 42 1.39 4.40 13.25
C LYS A 42 1.37 2.88 13.30
N MET A 43 1.80 2.25 12.20
CA MET A 43 1.84 0.80 12.12
C MET A 43 2.53 0.20 13.33
N ARG A 44 3.75 0.67 13.60
CA ARG A 44 4.52 0.19 14.74
C ARG A 44 3.70 0.27 16.03
N GLU A 45 2.93 1.34 16.16
CA GLU A 45 2.11 1.55 17.35
C GLU A 45 1.06 0.44 17.48
N LYS A 46 0.47 0.05 16.35
CA LYS A 46 -0.54 -0.99 16.33
C LYS A 46 0.09 -2.36 16.56
N GLY A 47 1.24 -2.59 15.95
CA GLY A 47 1.93 -3.86 16.11
C GLY A 47 2.59 -4.33 14.82
N PHE A 48 3.17 -3.39 14.08
CA PHE A 48 3.83 -3.71 12.83
C PHE A 48 5.08 -2.85 12.64
N ASP A 49 6.24 -3.48 12.73
CA ASP A 49 7.51 -2.77 12.56
C ASP A 49 8.03 -2.90 11.14
N ARG A 50 7.71 -1.91 10.30
CA ARG A 50 8.14 -1.92 8.91
C ARG A 50 8.66 -0.55 8.50
N SER A 51 9.82 -0.54 7.84
CA SER A 51 10.43 0.70 7.40
C SER A 51 9.45 1.54 6.58
N PRO A 52 9.73 2.84 6.46
CA PRO A 52 8.88 3.77 5.71
C PRO A 52 8.95 3.52 4.20
N THR A 53 10.16 3.42 3.67
CA THR A 53 10.36 3.18 2.25
C THR A 53 9.67 1.90 1.80
N MET A 54 9.71 0.88 2.66
CA MET A 54 9.10 -0.40 2.36
C MET A 54 7.65 -0.21 1.92
N CYS A 55 6.89 0.55 2.69
CA CYS A 55 5.48 0.80 2.38
C CYS A 55 5.36 1.67 1.13
N THR A 56 6.34 2.54 0.93
CA THR A 56 6.34 3.43 -0.23
C THR A 56 6.43 2.64 -1.53
N ASP A 57 7.38 1.72 -1.59
CA ASP A 57 7.58 0.90 -2.79
C ASP A 57 6.46 -0.12 -2.93
N LYS A 58 6.13 -0.81 -1.84
CA LYS A 58 5.08 -1.82 -1.84
C LYS A 58 3.74 -1.19 -2.23
N TRP A 59 3.48 0.01 -1.72
CA TRP A 59 2.24 0.71 -2.00
C TRP A 59 2.10 0.97 -3.50
N ARG A 60 3.10 1.62 -4.08
CA ARG A 60 3.09 1.93 -5.50
C ARG A 60 2.72 0.70 -6.32
N ASN A 61 3.30 -0.44 -5.96
CA ASN A 61 3.04 -1.70 -6.67
C ASN A 61 1.57 -2.09 -6.53
N LEU A 62 1.03 -1.94 -5.33
CA LEU A 62 -0.36 -2.29 -5.06
C LEU A 62 -1.30 -1.55 -6.02
N LEU A 63 -0.93 -0.31 -6.36
CA LEU A 63 -1.74 0.50 -7.26
C LEU A 63 -1.68 -0.07 -8.68
N LYS A 64 -0.48 -0.31 -9.17
CA LYS A 64 -0.29 -0.85 -10.51
C LYS A 64 -1.07 -2.16 -10.70
N GLU A 65 -1.04 -2.99 -9.67
CA GLU A 65 -1.74 -4.28 -9.71
C GLU A 65 -3.24 -4.07 -9.57
N PHE A 66 -3.63 -3.22 -8.62
CA PHE A 66 -5.04 -2.94 -8.38
C PHE A 66 -5.74 -2.52 -9.66
N LYS A 67 -5.10 -1.65 -10.42
CA LYS A 67 -5.66 -1.16 -11.69
C LYS A 67 -6.14 -2.32 -12.54
N LYS A 68 -5.50 -3.48 -12.39
CA LYS A 68 -5.88 -4.67 -13.15
C LYS A 68 -7.36 -4.98 -12.98
N ALA A 69 -7.85 -4.83 -11.75
CA ALA A 69 -9.26 -5.10 -11.45
C ALA A 69 -10.17 -4.24 -12.32
N LYS A 70 -11.47 -4.43 -12.16
CA LYS A 70 -12.46 -3.68 -12.93
C LYS A 70 -12.94 -2.45 -12.15
N HIS A 71 -13.07 -2.60 -10.85
CA HIS A 71 -13.52 -1.51 -9.99
C HIS A 71 -13.19 -1.78 -8.53
N HIS A 72 -12.97 -0.73 -7.76
CA HIS A 72 -12.65 -0.86 -6.34
C HIS A 72 -12.59 0.50 -5.66
N ASP A 73 -13.61 0.80 -4.85
CA ASP A 73 -13.67 2.07 -4.14
C ASP A 73 -14.78 2.07 -3.10
N ARG A 74 -14.40 1.98 -1.83
CA ARG A 74 -15.37 1.96 -0.74
C ARG A 74 -16.37 3.10 -0.88
N GLY A 75 -15.87 4.32 -0.89
CA GLY A 75 -16.74 5.48 -1.03
C GLY A 75 -15.98 6.75 -1.36
N ASN A 76 -16.70 7.83 -1.62
CA ASN A 76 -16.09 9.10 -1.95
C ASN A 76 -15.32 9.66 -0.76
N GLY A 77 -15.90 9.54 0.43
CA GLY A 77 -15.26 10.04 1.62
C GLY A 77 -15.82 11.38 2.08
N SER A 78 -15.67 12.40 1.24
CA SER A 78 -16.16 13.73 1.55
C SER A 78 -15.65 14.19 2.92
N ALA A 79 -14.37 13.91 3.19
CA ALA A 79 -13.76 14.30 4.45
C ALA A 79 -14.10 15.74 4.81
N LYS A 80 -13.81 16.67 3.89
CA LYS A 80 -14.09 18.07 4.11
C LYS A 80 -13.21 18.63 5.23
N MET A 81 -11.94 18.23 5.23
CA MET A 81 -11.00 18.70 6.25
C MET A 81 -10.56 20.13 5.97
N SER A 82 -10.38 20.91 7.02
CA SER A 82 -9.97 22.30 6.90
C SER A 82 -8.77 22.60 7.79
N TYR A 83 -7.67 23.00 7.18
CA TYR A 83 -6.46 23.31 7.91
C TYR A 83 -5.42 23.99 7.02
N TYR A 84 -5.00 25.18 7.40
CA TYR A 84 -4.01 25.94 6.64
C TYR A 84 -3.20 26.86 7.53
N LYS A 85 -2.07 27.33 7.02
CA LYS A 85 -1.20 28.22 7.78
C LYS A 85 -2.01 29.27 8.52
N GLU A 86 -1.49 29.73 9.65
CA GLU A 86 -2.17 30.74 10.45
C GLU A 86 -2.28 32.06 9.70
N LYS A 1 -2.04 -9.03 -2.41
CA LYS A 1 -2.95 -10.10 -2.76
C LYS A 1 -2.20 -11.36 -3.15
N LYS A 2 -1.00 -11.18 -3.69
CA LYS A 2 -0.17 -12.30 -4.11
C LYS A 2 0.47 -12.99 -2.91
N ARG A 3 1.31 -13.99 -3.17
CA ARG A 3 1.99 -14.71 -2.11
C ARG A 3 3.37 -14.13 -1.83
N ALA A 4 3.42 -12.81 -1.65
CA ALA A 4 4.67 -12.12 -1.37
C ALA A 4 5.36 -12.71 -0.14
N GLU A 5 6.68 -12.53 -0.08
CA GLU A 5 7.46 -13.05 1.04
C GLU A 5 7.86 -11.92 1.99
N THR A 6 8.05 -10.73 1.43
CA THR A 6 8.45 -9.57 2.22
C THR A 6 7.30 -9.10 3.11
N TRP A 7 6.12 -8.94 2.52
CA TRP A 7 4.95 -8.49 3.25
C TRP A 7 3.89 -9.58 3.29
N VAL A 8 3.18 -9.68 4.42
CA VAL A 8 2.14 -10.68 4.58
C VAL A 8 0.75 -10.06 4.45
N GLN A 9 -0.23 -10.88 4.08
CA GLN A 9 -1.60 -10.41 3.93
C GLN A 9 -1.94 -9.36 4.98
N ASP A 10 -1.74 -9.71 6.24
CA ASP A 10 -2.02 -8.79 7.35
C ASP A 10 -1.33 -7.45 7.13
N GLU A 11 0.00 -7.45 7.25
CA GLU A 11 0.77 -6.23 7.07
C GLU A 11 0.25 -5.42 5.89
N THR A 12 0.07 -6.09 4.75
CA THR A 12 -0.43 -5.43 3.55
C THR A 12 -1.80 -4.84 3.78
N ARG A 13 -2.64 -5.55 4.54
CA ARG A 13 -3.99 -5.09 4.83
C ARG A 13 -3.96 -3.86 5.74
N SER A 14 -3.15 -3.93 6.79
CA SER A 14 -3.04 -2.82 7.74
C SER A 14 -2.56 -1.56 7.04
N LEU A 15 -1.51 -1.69 6.24
CA LEU A 15 -0.95 -0.54 5.51
C LEU A 15 -2.03 0.13 4.66
N ILE A 16 -2.48 -0.57 3.63
CA ILE A 16 -3.52 -0.05 2.75
C ILE A 16 -4.55 0.76 3.52
N MET A 17 -5.12 0.15 4.56
CA MET A 17 -6.12 0.82 5.38
C MET A 17 -5.64 2.20 5.80
N PHE A 18 -4.52 2.24 6.53
CA PHE A 18 -3.96 3.51 7.00
C PHE A 18 -3.82 4.50 5.85
N ARG A 19 -3.37 4.00 4.69
CA ARG A 19 -3.20 4.84 3.52
C ARG A 19 -4.52 5.47 3.09
N ARG A 20 -5.60 4.71 3.24
CA ARG A 20 -6.93 5.20 2.86
C ARG A 20 -7.42 6.24 3.85
N GLY A 21 -7.32 5.93 5.14
CA GLY A 21 -7.77 6.85 6.17
C GLY A 21 -6.97 8.13 6.18
N MET A 22 -5.77 8.09 5.60
CA MET A 22 -4.91 9.26 5.55
C MET A 22 -4.94 9.90 4.16
N ASP A 23 -5.52 9.18 3.21
CA ASP A 23 -5.61 9.68 1.83
C ASP A 23 -5.96 11.16 1.82
N GLY A 24 -6.89 11.56 2.66
CA GLY A 24 -7.30 12.95 2.73
C GLY A 24 -6.12 13.89 2.72
N LEU A 25 -5.08 13.55 3.47
CA LEU A 25 -3.89 14.39 3.54
C LEU A 25 -3.07 14.30 2.26
N PHE A 26 -3.06 13.11 1.66
CA PHE A 26 -2.33 12.88 0.42
C PHE A 26 -2.99 13.61 -0.75
N ASN A 27 -4.31 13.79 -0.65
CA ASN A 27 -5.06 14.47 -1.69
C ASN A 27 -4.48 15.85 -1.99
N THR A 28 -4.33 16.66 -0.95
CA THR A 28 -3.78 17.99 -1.08
C THR A 28 -2.53 18.17 -0.23
N SER A 29 -1.36 18.06 -0.86
CA SER A 29 -0.10 18.21 -0.16
C SER A 29 1.06 18.27 -1.14
N LYS A 30 1.85 19.34 -1.05
CA LYS A 30 2.99 19.53 -1.94
C LYS A 30 3.99 18.38 -1.78
N SER A 31 3.81 17.59 -0.73
CA SER A 31 4.70 16.46 -0.47
C SER A 31 4.13 15.57 0.63
N ASN A 32 3.93 14.30 0.30
CA ASN A 32 3.39 13.34 1.27
C ASN A 32 4.50 12.68 2.07
N LYS A 33 5.55 13.46 2.35
CA LYS A 33 6.69 12.95 3.11
C LYS A 33 6.30 12.68 4.56
N HIS A 34 5.95 13.74 5.29
CA HIS A 34 5.56 13.61 6.68
C HIS A 34 4.47 12.55 6.85
N LEU A 35 3.69 12.34 5.79
CA LEU A 35 2.61 11.36 5.81
C LEU A 35 3.17 9.94 5.82
N TRP A 36 4.07 9.66 4.88
CA TRP A 36 4.69 8.34 4.78
C TRP A 36 5.32 7.93 6.11
N GLU A 37 6.17 8.80 6.65
CA GLU A 37 6.84 8.53 7.92
C GLU A 37 5.82 8.37 9.05
N GLN A 38 4.72 9.09 8.95
CA GLN A 38 3.67 9.04 9.96
C GLN A 38 3.00 7.66 9.97
N ILE A 39 2.66 7.17 8.78
CA ILE A 39 2.02 5.87 8.65
C ILE A 39 2.88 4.77 9.24
N SER A 40 4.17 4.78 8.91
CA SER A 40 5.10 3.78 9.40
C SER A 40 5.08 3.72 10.93
N SER A 41 5.39 4.85 11.56
CA SER A 41 5.41 4.93 13.01
C SER A 41 4.17 4.26 13.61
N LYS A 42 3.00 4.66 13.13
CA LYS A 42 1.74 4.11 13.60
C LYS A 42 1.79 2.58 13.61
N MET A 43 1.85 1.99 12.42
CA MET A 43 1.91 0.54 12.29
C MET A 43 2.69 -0.08 13.44
N ARG A 44 3.92 0.38 13.63
CA ARG A 44 4.77 -0.13 14.69
C ARG A 44 4.03 -0.13 16.03
N GLU A 45 3.45 1.01 16.38
CA GLU A 45 2.71 1.15 17.63
C GLU A 45 1.64 0.07 17.74
N LYS A 46 0.96 -0.20 16.62
CA LYS A 46 -0.10 -1.21 16.60
C LYS A 46 0.48 -2.61 16.76
N GLY A 47 1.65 -2.84 16.15
CA GLY A 47 2.29 -4.14 16.24
C GLY A 47 3.06 -4.49 14.98
N PHE A 48 2.87 -3.69 13.93
CA PHE A 48 3.55 -3.93 12.67
C PHE A 48 4.76 -3.02 12.52
N ASP A 49 5.95 -3.59 12.72
CA ASP A 49 7.19 -2.83 12.62
C ASP A 49 7.73 -2.88 11.20
N ARG A 50 7.53 -1.79 10.46
CA ARG A 50 8.00 -1.71 9.08
C ARG A 50 8.53 -0.31 8.77
N SER A 51 9.55 -0.24 7.93
CA SER A 51 10.15 1.03 7.54
C SER A 51 9.21 1.84 6.66
N PRO A 52 9.46 3.16 6.60
CA PRO A 52 8.64 4.07 5.79
C PRO A 52 8.82 3.85 4.30
N THR A 53 10.07 3.64 3.89
CA THR A 53 10.37 3.42 2.47
C THR A 53 9.60 2.22 1.92
N MET A 54 9.44 1.19 2.75
CA MET A 54 8.73 -0.01 2.35
C MET A 54 7.30 0.32 1.93
N CYS A 55 6.62 1.11 2.76
CA CYS A 55 5.25 1.51 2.49
C CYS A 55 5.16 2.31 1.20
N THR A 56 6.15 3.17 0.98
CA THR A 56 6.18 4.01 -0.22
C THR A 56 6.27 3.16 -1.48
N ASP A 57 7.33 2.36 -1.58
CA ASP A 57 7.53 1.50 -2.75
C ASP A 57 6.39 0.49 -2.86
N LYS A 58 6.04 -0.15 -1.74
CA LYS A 58 4.97 -1.14 -1.73
C LYS A 58 3.67 -0.54 -2.26
N TRP A 59 3.32 0.65 -1.77
CA TRP A 59 2.10 1.33 -2.19
C TRP A 59 2.05 1.47 -3.71
N ARG A 60 3.15 1.96 -4.28
CA ARG A 60 3.23 2.16 -5.72
C ARG A 60 2.85 0.87 -6.46
N ASN A 61 3.43 -0.24 -6.04
CA ASN A 61 3.15 -1.53 -6.65
C ASN A 61 1.65 -1.85 -6.62
N LEU A 62 1.03 -1.58 -5.47
CA LEU A 62 -0.40 -1.84 -5.30
C LEU A 62 -1.21 -1.10 -6.36
N LEU A 63 -0.83 0.14 -6.63
CA LEU A 63 -1.52 0.96 -7.62
C LEU A 63 -1.44 0.32 -9.00
N LYS A 64 -0.26 -0.15 -9.36
CA LYS A 64 -0.04 -0.80 -10.66
C LYS A 64 -1.05 -1.93 -10.87
N GLU A 65 -1.20 -2.78 -9.87
CA GLU A 65 -2.12 -3.90 -9.95
C GLU A 65 -3.57 -3.42 -9.88
N PHE A 66 -3.84 -2.51 -8.95
CA PHE A 66 -5.18 -1.97 -8.78
C PHE A 66 -5.75 -1.49 -10.11
N LYS A 67 -4.87 -0.97 -10.96
CA LYS A 67 -5.29 -0.47 -12.27
C LYS A 67 -5.53 -1.63 -13.24
N LYS A 68 -4.67 -2.64 -13.18
CA LYS A 68 -4.79 -3.80 -14.04
C LYS A 68 -6.07 -4.57 -13.74
N ALA A 69 -6.40 -4.69 -12.46
CA ALA A 69 -7.60 -5.40 -12.04
C ALA A 69 -8.83 -4.50 -12.12
N LYS A 70 -9.97 -5.01 -11.66
CA LYS A 70 -11.21 -4.26 -11.68
C LYS A 70 -11.63 -3.86 -10.28
N HIS A 71 -12.67 -3.03 -10.19
CA HIS A 71 -13.17 -2.57 -8.89
C HIS A 71 -13.94 -3.67 -8.19
N HIS A 72 -14.22 -3.47 -6.90
CA HIS A 72 -14.96 -4.45 -6.12
C HIS A 72 -15.81 -3.75 -5.05
N ASP A 73 -17.13 -3.89 -5.17
CA ASP A 73 -18.05 -3.29 -4.21
C ASP A 73 -18.45 -4.29 -3.14
N ARG A 74 -17.71 -4.30 -2.04
CA ARG A 74 -17.98 -5.21 -0.94
C ARG A 74 -17.83 -4.51 0.41
N GLY A 75 -18.52 -5.01 1.42
CA GLY A 75 -18.46 -4.41 2.74
C GLY A 75 -19.22 -5.21 3.78
N ASN A 76 -18.48 -5.88 4.67
CA ASN A 76 -19.10 -6.68 5.72
C ASN A 76 -19.36 -5.84 6.97
N GLY A 77 -18.38 -5.00 7.32
CA GLY A 77 -18.52 -4.15 8.48
C GLY A 77 -18.70 -4.95 9.76
N SER A 78 -19.05 -4.27 10.85
CA SER A 78 -19.24 -4.93 12.13
C SER A 78 -20.70 -4.82 12.59
N ALA A 79 -21.51 -5.77 12.15
CA ALA A 79 -22.93 -5.79 12.51
C ALA A 79 -23.17 -6.66 13.75
N LYS A 80 -22.51 -7.82 13.79
CA LYS A 80 -22.65 -8.73 14.91
C LYS A 80 -22.82 -7.97 16.22
N MET A 81 -21.80 -7.20 16.58
CA MET A 81 -21.83 -6.42 17.82
C MET A 81 -20.65 -5.46 17.88
N SER A 82 -20.62 -4.63 18.93
CA SER A 82 -19.54 -3.67 19.11
C SER A 82 -18.81 -3.91 20.43
N TYR A 83 -19.57 -3.92 21.52
CA TYR A 83 -19.00 -4.13 22.84
C TYR A 83 -18.86 -5.62 23.14
N TYR A 84 -17.71 -6.01 23.71
CA TYR A 84 -17.46 -7.40 24.04
C TYR A 84 -17.86 -7.69 25.48
N LYS A 85 -18.16 -6.64 26.23
CA LYS A 85 -18.56 -6.79 27.62
C LYS A 85 -19.62 -5.76 28.00
N GLU A 86 -20.18 -5.90 29.20
CA GLU A 86 -21.21 -4.98 29.67
C GLU A 86 -20.78 -4.30 30.96
N LYS A 1 6.98 -7.59 -13.16
CA LYS A 1 7.38 -7.89 -11.79
C LYS A 1 6.69 -9.14 -11.28
N LYS A 2 7.49 -10.15 -10.93
CA LYS A 2 6.95 -11.41 -10.41
C LYS A 2 6.41 -11.24 -9.00
N ARG A 3 5.47 -12.10 -8.61
CA ARG A 3 4.88 -12.05 -7.29
C ARG A 3 5.94 -12.20 -6.21
N ALA A 4 6.35 -11.08 -5.62
CA ALA A 4 7.36 -11.09 -4.57
C ALA A 4 6.72 -11.21 -3.19
N GLU A 5 6.77 -12.42 -2.63
CA GLU A 5 6.19 -12.68 -1.32
C GLU A 5 7.04 -12.08 -0.22
N THR A 6 6.63 -10.91 0.27
CA THR A 6 7.37 -10.22 1.33
C THR A 6 6.43 -9.74 2.44
N TRP A 7 5.27 -9.24 2.04
CA TRP A 7 4.28 -8.75 3.00
C TRP A 7 3.15 -9.75 3.17
N VAL A 8 2.65 -9.86 4.40
CA VAL A 8 1.56 -10.78 4.70
C VAL A 8 0.21 -10.07 4.68
N GLN A 9 -0.87 -10.85 4.66
CA GLN A 9 -2.21 -10.29 4.65
C GLN A 9 -2.42 -9.32 5.81
N ASP A 10 -1.97 -9.74 7.00
CA ASP A 10 -2.11 -8.92 8.19
C ASP A 10 -1.56 -7.51 7.94
N GLU A 11 -0.26 -7.42 7.73
CA GLU A 11 0.39 -6.14 7.48
C GLU A 11 -0.20 -5.45 6.25
N THR A 12 -0.05 -6.09 5.10
CA THR A 12 -0.58 -5.55 3.85
C THR A 12 -1.91 -4.84 4.08
N ARG A 13 -2.84 -5.54 4.73
CA ARG A 13 -4.15 -4.98 5.01
C ARG A 13 -4.05 -3.70 5.83
N SER A 14 -3.31 -3.78 6.94
CA SER A 14 -3.11 -2.63 7.82
C SER A 14 -2.59 -1.43 7.03
N LEU A 15 -1.48 -1.62 6.33
CA LEU A 15 -0.88 -0.56 5.55
C LEU A 15 -1.90 0.09 4.62
N ILE A 16 -2.42 -0.69 3.67
CA ILE A 16 -3.41 -0.18 2.73
C ILE A 16 -4.46 0.67 3.44
N MET A 17 -4.92 0.19 4.59
CA MET A 17 -5.92 0.91 5.37
C MET A 17 -5.40 2.27 5.79
N PHE A 18 -4.30 2.28 6.54
CA PHE A 18 -3.70 3.52 7.01
C PHE A 18 -3.60 4.54 5.88
N ARG A 19 -3.25 4.06 4.69
CA ARG A 19 -3.12 4.93 3.53
C ARG A 19 -4.48 5.49 3.10
N ARG A 20 -5.49 4.63 3.15
CA ARG A 20 -6.84 5.03 2.76
C ARG A 20 -7.41 6.03 3.76
N GLY A 21 -7.19 5.78 5.05
CA GLY A 21 -7.70 6.66 6.08
C GLY A 21 -7.03 8.01 6.06
N MET A 22 -5.72 8.02 5.82
CA MET A 22 -4.97 9.26 5.78
C MET A 22 -4.97 9.86 4.37
N ASP A 23 -5.48 9.08 3.41
CA ASP A 23 -5.54 9.53 2.02
C ASP A 23 -5.94 11.00 1.94
N GLY A 24 -6.96 11.37 2.72
CA GLY A 24 -7.42 12.75 2.71
C GLY A 24 -6.29 13.75 2.63
N LEU A 25 -5.25 13.53 3.43
CA LEU A 25 -4.09 14.41 3.44
C LEU A 25 -3.34 14.35 2.11
N PHE A 26 -3.04 13.14 1.66
CA PHE A 26 -2.34 12.94 0.40
C PHE A 26 -3.03 13.68 -0.74
N ASN A 27 -4.35 13.62 -0.76
CA ASN A 27 -5.14 14.28 -1.80
C ASN A 27 -4.67 15.72 -1.99
N THR A 28 -4.49 16.43 -0.89
CA THR A 28 -4.04 17.82 -0.93
C THR A 28 -2.70 17.99 -0.23
N SER A 29 -1.62 17.71 -0.95
CA SER A 29 -0.27 17.83 -0.40
C SER A 29 0.78 17.56 -1.46
N LYS A 30 1.71 18.51 -1.62
CA LYS A 30 2.77 18.38 -2.60
C LYS A 30 3.69 17.22 -2.26
N SER A 31 4.21 17.22 -1.03
CA SER A 31 5.12 16.16 -0.58
C SER A 31 4.48 15.35 0.54
N ASN A 32 4.29 14.05 0.29
CA ASN A 32 3.69 13.16 1.27
C ASN A 32 4.76 12.54 2.16
N LYS A 33 5.84 13.27 2.40
CA LYS A 33 6.93 12.80 3.23
C LYS A 33 6.47 12.65 4.68
N HIS A 34 5.92 13.73 5.24
CA HIS A 34 5.45 13.71 6.61
C HIS A 34 4.40 12.63 6.82
N LEU A 35 3.55 12.44 5.82
CA LEU A 35 2.50 11.42 5.89
C LEU A 35 3.10 10.02 6.01
N TRP A 36 4.13 9.77 5.24
CA TRP A 36 4.81 8.48 5.26
C TRP A 36 5.33 8.15 6.65
N GLU A 37 6.18 9.03 7.17
CA GLU A 37 6.76 8.83 8.50
C GLU A 37 5.65 8.57 9.53
N GLN A 38 4.51 9.22 9.35
CA GLN A 38 3.39 9.06 10.26
C GLN A 38 2.77 7.67 10.13
N ILE A 39 2.35 7.33 8.91
CA ILE A 39 1.74 6.02 8.66
C ILE A 39 2.62 4.89 9.19
N SER A 40 3.86 4.83 8.71
CA SER A 40 4.79 3.79 9.14
C SER A 40 4.89 3.74 10.66
N SER A 41 5.15 4.89 11.27
CA SER A 41 5.27 4.99 12.72
C SER A 41 4.07 4.36 13.41
N LYS A 42 2.88 4.74 12.97
CA LYS A 42 1.64 4.22 13.54
C LYS A 42 1.63 2.69 13.52
N MET A 43 2.00 2.12 12.37
CA MET A 43 2.05 0.68 12.22
C MET A 43 2.85 0.03 13.35
N ARG A 44 4.06 0.53 13.57
CA ARG A 44 4.93 0.01 14.61
C ARG A 44 4.22 0.02 15.96
N GLU A 45 3.48 1.09 16.23
CA GLU A 45 2.74 1.21 17.48
C GLU A 45 1.68 0.13 17.61
N LYS A 46 1.01 -0.16 16.50
CA LYS A 46 -0.04 -1.18 16.48
C LYS A 46 0.57 -2.57 16.66
N GLY A 47 1.80 -2.74 16.21
CA GLY A 47 2.47 -4.03 16.32
C GLY A 47 3.20 -4.41 15.05
N PHE A 48 2.97 -3.65 13.98
CA PHE A 48 3.62 -3.92 12.71
C PHE A 48 4.84 -3.03 12.51
N ASP A 49 6.02 -3.63 12.65
CA ASP A 49 7.27 -2.89 12.50
C ASP A 49 7.81 -3.04 11.08
N ARG A 50 7.54 -2.02 10.25
CA ARG A 50 7.99 -2.04 8.86
C ARG A 50 8.57 -0.69 8.47
N SER A 51 9.72 -0.70 7.81
CA SER A 51 10.38 0.52 7.39
C SER A 51 9.42 1.42 6.61
N PRO A 52 9.66 2.73 6.65
CA PRO A 52 8.83 3.72 5.96
C PRO A 52 8.98 3.64 4.45
N THR A 53 10.20 3.37 3.99
CA THR A 53 10.48 3.28 2.57
C THR A 53 9.71 2.12 1.94
N MET A 54 9.58 1.02 2.68
CA MET A 54 8.87 -0.15 2.19
C MET A 54 7.42 0.19 1.85
N CYS A 55 6.75 0.89 2.77
CA CYS A 55 5.36 1.28 2.57
C CYS A 55 5.23 2.19 1.35
N THR A 56 6.20 3.07 1.16
CA THR A 56 6.19 4.01 0.04
C THR A 56 6.21 3.26 -1.28
N ASP A 57 7.27 2.49 -1.52
CA ASP A 57 7.41 1.73 -2.75
C ASP A 57 6.29 0.71 -2.90
N LYS A 58 5.97 0.02 -1.80
CA LYS A 58 4.91 -0.98 -1.80
C LYS A 58 3.62 -0.40 -2.36
N TRP A 59 3.25 0.80 -1.90
CA TRP A 59 2.03 1.45 -2.35
C TRP A 59 2.08 1.68 -3.86
N ARG A 60 3.15 2.32 -4.33
CA ARG A 60 3.30 2.59 -5.75
C ARG A 60 2.90 1.39 -6.59
N ASN A 61 3.38 0.21 -6.20
CA ASN A 61 3.08 -1.02 -6.92
C ASN A 61 1.57 -1.29 -6.91
N LEU A 62 0.96 -1.15 -5.74
CA LEU A 62 -0.47 -1.37 -5.59
C LEU A 62 -1.26 -0.56 -6.61
N LEU A 63 -0.78 0.64 -6.92
CA LEU A 63 -1.44 1.51 -7.88
C LEU A 63 -1.31 0.96 -9.29
N LYS A 64 -0.10 0.51 -9.63
CA LYS A 64 0.16 -0.05 -10.96
C LYS A 64 -0.70 -1.29 -11.21
N GLU A 65 -0.78 -2.15 -10.20
CA GLU A 65 -1.57 -3.37 -10.31
C GLU A 65 -3.07 -3.06 -10.26
N PHE A 66 -3.45 -2.17 -9.36
CA PHE A 66 -4.85 -1.78 -9.22
C PHE A 66 -5.44 -1.33 -10.55
N LYS A 67 -4.66 -0.56 -11.30
CA LYS A 67 -5.10 -0.06 -12.59
C LYS A 67 -5.24 -1.20 -13.60
N LYS A 68 -4.14 -1.90 -13.86
CA LYS A 68 -4.13 -3.01 -14.79
C LYS A 68 -4.57 -4.31 -14.09
N ALA A 69 -5.38 -4.16 -13.04
CA ALA A 69 -5.87 -5.31 -12.30
C ALA A 69 -6.70 -6.24 -13.19
N LYS A 70 -6.32 -7.51 -13.23
CA LYS A 70 -7.02 -8.49 -14.05
C LYS A 70 -8.53 -8.32 -13.91
N HIS A 71 -9.27 -8.97 -14.80
CA HIS A 71 -10.73 -8.90 -14.79
C HIS A 71 -11.24 -8.78 -13.35
N HIS A 72 -12.27 -7.95 -13.17
CA HIS A 72 -12.87 -7.75 -11.85
C HIS A 72 -13.09 -9.09 -11.15
N ASP A 73 -13.29 -9.03 -9.84
CA ASP A 73 -13.53 -10.24 -9.05
C ASP A 73 -12.32 -11.17 -9.10
N ARG A 74 -11.12 -10.59 -8.97
CA ARG A 74 -9.89 -11.36 -9.01
C ARG A 74 -9.60 -11.98 -7.64
N GLY A 75 -8.70 -12.96 -7.62
CA GLY A 75 -8.35 -13.61 -6.37
C GLY A 75 -7.58 -12.70 -5.44
N ASN A 76 -7.48 -13.10 -4.17
CA ASN A 76 -6.77 -12.30 -3.17
C ASN A 76 -5.37 -12.86 -2.95
N GLY A 77 -5.25 -14.18 -2.89
CA GLY A 77 -3.96 -14.80 -2.67
C GLY A 77 -4.07 -16.21 -2.12
N SER A 78 -3.06 -16.64 -1.38
CA SER A 78 -3.06 -17.98 -0.80
C SER A 78 -3.78 -17.99 0.54
N ALA A 79 -4.30 -19.16 0.92
CA ALA A 79 -5.01 -19.30 2.18
C ALA A 79 -4.11 -19.88 3.26
N LYS A 80 -3.33 -20.90 2.90
CA LYS A 80 -2.42 -21.55 3.84
C LYS A 80 -1.81 -20.52 4.78
N MET A 81 -1.57 -20.93 6.02
CA MET A 81 -0.97 -20.04 7.02
C MET A 81 -0.04 -20.82 7.94
N SER A 82 1.16 -20.29 8.16
CA SER A 82 2.14 -20.94 9.02
C SER A 82 1.49 -21.45 10.30
N TYR A 83 1.51 -22.76 10.48
CA TYR A 83 0.91 -23.38 11.66
C TYR A 83 1.32 -24.85 11.77
N TYR A 84 1.68 -25.27 12.97
CA TYR A 84 2.09 -26.66 13.21
C TYR A 84 1.10 -27.37 14.13
N LYS A 85 0.56 -28.48 13.65
CA LYS A 85 -0.40 -29.26 14.43
C LYS A 85 0.31 -30.25 15.34
N GLU A 86 -0.19 -30.37 16.57
CA GLU A 86 0.40 -31.29 17.55
C GLU A 86 -0.63 -32.28 18.05
N LYS A 1 6.77 -15.28 -12.86
CA LYS A 1 6.83 -14.58 -11.59
C LYS A 1 6.45 -15.50 -10.43
N LYS A 2 7.44 -16.02 -9.74
CA LYS A 2 7.21 -16.91 -8.61
C LYS A 2 6.67 -16.15 -7.40
N ARG A 3 5.82 -16.80 -6.63
CA ARG A 3 5.23 -16.17 -5.45
C ARG A 3 6.31 -15.53 -4.58
N ALA A 4 6.23 -14.21 -4.41
CA ALA A 4 7.19 -13.47 -3.60
C ALA A 4 6.65 -13.21 -2.21
N GLU A 5 7.33 -13.76 -1.20
CA GLU A 5 6.92 -13.58 0.19
C GLU A 5 7.73 -12.49 0.86
N THR A 6 7.15 -11.30 0.96
CA THR A 6 7.83 -10.16 1.58
C THR A 6 6.98 -9.57 2.70
N TRP A 7 5.69 -9.42 2.45
CA TRP A 7 4.77 -8.85 3.44
C TRP A 7 3.72 -9.88 3.85
N VAL A 8 3.17 -9.73 5.05
CA VAL A 8 2.15 -10.64 5.55
C VAL A 8 0.77 -10.01 5.48
N GLN A 9 -0.22 -10.80 5.06
CA GLN A 9 -1.59 -10.33 4.95
C GLN A 9 -1.90 -9.31 6.03
N ASP A 10 -1.42 -9.57 7.24
CA ASP A 10 -1.65 -8.67 8.36
C ASP A 10 -1.09 -7.27 8.07
N GLU A 11 0.22 -7.20 7.88
CA GLU A 11 0.88 -5.93 7.60
C GLU A 11 0.35 -5.32 6.30
N THR A 12 0.27 -6.14 5.26
CA THR A 12 -0.22 -5.70 3.97
C THR A 12 -1.58 -5.03 4.10
N ARG A 13 -2.50 -5.70 4.79
CA ARG A 13 -3.84 -5.16 4.99
C ARG A 13 -3.82 -3.92 5.87
N SER A 14 -3.03 -3.98 6.94
CA SER A 14 -2.93 -2.86 7.87
C SER A 14 -2.46 -1.60 7.14
N LEU A 15 -1.59 -1.78 6.16
CA LEU A 15 -1.07 -0.66 5.39
C LEU A 15 -2.13 -0.11 4.43
N ILE A 16 -2.59 -0.96 3.52
CA ILE A 16 -3.61 -0.57 2.55
C ILE A 16 -4.65 0.35 3.19
N MET A 17 -5.14 -0.05 4.35
CA MET A 17 -6.13 0.73 5.08
C MET A 17 -5.56 2.08 5.51
N PHE A 18 -4.41 2.04 6.17
CA PHE A 18 -3.75 3.26 6.64
C PHE A 18 -3.66 4.29 5.52
N ARG A 19 -3.20 3.85 4.35
CA ARG A 19 -3.05 4.74 3.20
C ARG A 19 -4.40 5.32 2.80
N ARG A 20 -5.35 4.45 2.49
CA ARG A 20 -6.68 4.88 2.09
C ARG A 20 -7.14 6.08 2.92
N GLY A 21 -6.92 6.02 4.23
CA GLY A 21 -7.30 7.10 5.10
C GLY A 21 -6.45 8.34 4.91
N MET A 22 -5.14 8.13 4.78
CA MET A 22 -4.21 9.23 4.61
C MET A 22 -4.39 9.87 3.24
N ASP A 23 -4.95 9.12 2.30
CA ASP A 23 -5.17 9.62 0.95
C ASP A 23 -5.50 11.11 0.96
N GLY A 24 -6.41 11.49 1.85
CA GLY A 24 -6.80 12.89 1.96
C GLY A 24 -5.61 13.81 2.17
N LEU A 25 -4.86 13.55 3.23
CA LEU A 25 -3.68 14.36 3.54
C LEU A 25 -2.79 14.54 2.31
N PHE A 26 -2.71 13.50 1.50
CA PHE A 26 -1.89 13.54 0.29
C PHE A 26 -2.45 14.56 -0.70
N ASN A 27 -3.77 14.71 -0.73
CA ASN A 27 -4.43 15.64 -1.62
C ASN A 27 -4.43 17.05 -1.03
N THR A 28 -4.95 17.17 0.18
CA THR A 28 -5.02 18.47 0.86
C THR A 28 -3.62 18.99 1.19
N SER A 29 -2.71 18.06 1.49
CA SER A 29 -1.34 18.43 1.83
C SER A 29 -0.40 18.15 0.66
N LYS A 30 0.31 19.19 0.23
CA LYS A 30 1.25 19.06 -0.89
C LYS A 30 2.35 18.07 -0.56
N SER A 31 2.92 18.19 0.64
CA SER A 31 4.00 17.30 1.07
C SER A 31 3.46 15.90 1.35
N ASN A 32 4.19 14.89 0.89
CA ASN A 32 3.79 13.50 1.09
C ASN A 32 4.81 12.76 1.95
N LYS A 33 6.07 13.10 1.78
CA LYS A 33 7.14 12.46 2.54
C LYS A 33 6.77 12.35 4.02
N HIS A 34 6.31 13.47 4.60
CA HIS A 34 5.92 13.49 6.00
C HIS A 34 4.81 12.48 6.26
N LEU A 35 3.90 12.35 5.31
CA LEU A 35 2.78 11.41 5.45
C LEU A 35 3.28 9.97 5.54
N TRP A 36 4.26 9.64 4.71
CA TRP A 36 4.82 8.29 4.70
C TRP A 36 5.38 7.93 6.07
N GLU A 37 6.33 8.72 6.56
CA GLU A 37 6.93 8.48 7.86
C GLU A 37 5.86 8.29 8.94
N GLN A 38 4.77 9.04 8.80
CA GLN A 38 3.68 8.98 9.76
C GLN A 38 3.07 7.57 9.79
N ILE A 39 2.86 6.99 8.61
CA ILE A 39 2.29 5.66 8.50
C ILE A 39 3.15 4.63 9.22
N SER A 40 4.45 4.64 8.91
CA SER A 40 5.39 3.70 9.52
C SER A 40 5.32 3.78 11.05
N SER A 41 5.54 4.99 11.57
CA SER A 41 5.52 5.21 13.01
C SER A 41 4.22 4.70 13.62
N LYS A 42 3.11 5.03 12.97
CA LYS A 42 1.79 4.60 13.44
C LYS A 42 1.70 3.08 13.49
N MET A 43 1.99 2.43 12.36
CA MET A 43 1.94 0.98 12.28
C MET A 43 2.63 0.34 13.48
N ARG A 44 3.90 0.68 13.67
CA ARG A 44 4.68 0.14 14.78
C ARG A 44 3.91 0.25 16.09
N GLU A 45 3.35 1.44 16.35
CA GLU A 45 2.59 1.66 17.57
C GLU A 45 1.44 0.67 17.69
N LYS A 46 0.76 0.44 16.58
CA LYS A 46 -0.37 -0.49 16.56
C LYS A 46 0.11 -1.93 16.78
N GLY A 47 1.13 -2.33 16.03
CA GLY A 47 1.66 -3.67 16.17
C GLY A 47 2.27 -4.18 14.87
N PHE A 48 2.88 -3.28 14.11
CA PHE A 48 3.50 -3.65 12.84
C PHE A 48 4.79 -2.87 12.62
N ASP A 49 5.92 -3.54 12.79
CA ASP A 49 7.22 -2.91 12.61
C ASP A 49 7.69 -3.06 11.16
N ARG A 50 7.44 -2.02 10.37
CA ARG A 50 7.84 -2.02 8.97
C ARG A 50 8.38 -0.65 8.55
N SER A 51 9.55 -0.65 7.92
CA SER A 51 10.16 0.59 7.47
C SER A 51 9.20 1.41 6.63
N PRO A 52 9.39 2.74 6.63
CA PRO A 52 8.54 3.66 5.88
C PRO A 52 8.75 3.54 4.37
N THR A 53 9.98 3.26 3.97
CA THR A 53 10.31 3.11 2.55
C THR A 53 9.65 1.88 1.96
N MET A 54 9.61 0.80 2.73
CA MET A 54 8.99 -0.44 2.28
C MET A 54 7.53 -0.22 1.89
N CYS A 55 6.84 0.60 2.66
CA CYS A 55 5.44 0.91 2.41
C CYS A 55 5.29 1.76 1.15
N THR A 56 6.19 2.73 0.99
CA THR A 56 6.16 3.61 -0.17
C THR A 56 6.20 2.82 -1.47
N ASP A 57 7.19 1.94 -1.59
CA ASP A 57 7.35 1.12 -2.78
C ASP A 57 6.20 0.12 -2.91
N LYS A 58 5.85 -0.51 -1.80
CA LYS A 58 4.77 -1.50 -1.77
C LYS A 58 3.47 -0.88 -2.28
N TRP A 59 3.15 0.30 -1.78
CA TRP A 59 1.93 0.99 -2.18
C TRP A 59 1.91 1.22 -3.69
N ARG A 60 2.99 1.77 -4.22
CA ARG A 60 3.09 2.03 -5.65
C ARG A 60 2.74 0.77 -6.46
N ASN A 61 3.30 -0.36 -6.04
CA ASN A 61 3.05 -1.62 -6.73
C ASN A 61 1.56 -1.94 -6.76
N LEU A 62 0.89 -1.73 -5.63
CA LEU A 62 -0.54 -1.99 -5.53
C LEU A 62 -1.32 -1.19 -6.56
N LEU A 63 -0.93 0.07 -6.73
CA LEU A 63 -1.60 0.95 -7.69
C LEU A 63 -1.48 0.38 -9.11
N LYS A 64 -0.31 -0.14 -9.44
CA LYS A 64 -0.07 -0.71 -10.76
C LYS A 64 -0.99 -1.89 -11.02
N GLU A 65 -1.00 -2.84 -10.08
CA GLU A 65 -1.84 -4.03 -10.21
C GLU A 65 -3.32 -3.65 -10.15
N PHE A 66 -3.65 -2.66 -9.33
CA PHE A 66 -5.03 -2.22 -9.19
C PHE A 66 -5.60 -1.79 -10.54
N LYS A 67 -4.78 -1.09 -11.33
CA LYS A 67 -5.21 -0.63 -12.64
C LYS A 67 -5.59 -1.80 -13.55
N LYS A 68 -4.62 -2.65 -13.85
CA LYS A 68 -4.86 -3.81 -14.69
C LYS A 68 -5.97 -4.69 -14.12
N ALA A 69 -5.95 -4.88 -12.80
CA ALA A 69 -6.95 -5.69 -12.13
C ALA A 69 -8.30 -4.98 -12.11
N LYS A 70 -9.32 -5.68 -11.61
CA LYS A 70 -10.66 -5.12 -11.54
C LYS A 70 -10.70 -3.92 -10.61
N HIS A 71 -11.83 -3.21 -10.59
CA HIS A 71 -11.99 -2.04 -9.75
C HIS A 71 -12.40 -2.44 -8.33
N HIS A 72 -12.36 -1.48 -7.42
CA HIS A 72 -12.72 -1.74 -6.02
C HIS A 72 -13.81 -0.77 -5.56
N ASP A 73 -14.70 -1.26 -4.70
CA ASP A 73 -15.78 -0.44 -4.18
C ASP A 73 -15.23 0.77 -3.43
N ARG A 74 -15.97 1.88 -3.48
CA ARG A 74 -15.56 3.10 -2.80
C ARG A 74 -16.02 3.10 -1.35
N GLY A 75 -15.67 4.15 -0.62
CA GLY A 75 -16.05 4.26 0.78
C GLY A 75 -17.09 5.32 1.02
N ASN A 76 -17.87 5.16 2.08
CA ASN A 76 -18.91 6.12 2.43
C ASN A 76 -18.48 7.01 3.59
N GLY A 77 -17.17 7.03 3.86
CA GLY A 77 -16.66 7.84 4.95
C GLY A 77 -16.18 9.20 4.48
N SER A 78 -16.36 10.21 5.33
CA SER A 78 -15.96 11.57 5.00
C SER A 78 -14.98 12.12 6.04
N ALA A 79 -13.82 12.55 5.58
CA ALA A 79 -12.80 13.10 6.48
C ALA A 79 -13.07 14.57 6.78
N LYS A 80 -13.22 15.37 5.73
CA LYS A 80 -13.49 16.79 5.88
C LYS A 80 -14.48 17.04 7.02
N MET A 81 -13.98 17.58 8.12
CA MET A 81 -14.82 17.88 9.28
C MET A 81 -14.96 19.38 9.49
N SER A 82 -15.78 19.76 10.45
CA SER A 82 -16.00 21.17 10.75
C SER A 82 -14.69 21.88 11.09
N TYR A 83 -14.09 22.50 10.07
CA TYR A 83 -12.82 23.20 10.26
C TYR A 83 -13.05 24.70 10.38
N TYR A 84 -12.20 25.37 11.15
CA TYR A 84 -12.30 26.80 11.35
C TYR A 84 -11.08 27.53 10.80
N LYS A 85 -11.27 28.77 10.36
CA LYS A 85 -10.18 29.56 9.81
C LYS A 85 -10.65 30.97 9.48
N GLU A 86 -9.83 31.96 9.80
CA GLU A 86 -10.16 33.36 9.54
C GLU A 86 -10.69 33.52 8.12
N LYS A 1 1.75 -15.02 -3.02
CA LYS A 1 2.47 -15.57 -1.89
C LYS A 1 3.70 -16.34 -2.35
N LYS A 2 4.74 -16.35 -1.51
CA LYS A 2 5.97 -17.05 -1.84
C LYS A 2 6.77 -17.36 -0.57
N ARG A 3 7.69 -18.31 -0.67
CA ARG A 3 8.51 -18.70 0.46
C ARG A 3 9.75 -17.80 0.57
N ALA A 4 9.55 -16.60 1.11
CA ALA A 4 10.64 -15.65 1.28
C ALA A 4 10.20 -14.44 2.09
N GLU A 5 11.08 -13.47 2.24
CA GLU A 5 10.79 -12.26 3.00
C GLU A 5 9.75 -11.40 2.26
N THR A 6 8.48 -11.70 2.51
CA THR A 6 7.39 -10.96 1.87
C THR A 6 6.36 -10.49 2.89
N TRP A 7 5.62 -9.45 2.56
CA TRP A 7 4.61 -8.91 3.44
C TRP A 7 3.53 -9.95 3.75
N VAL A 8 2.93 -9.85 4.93
CA VAL A 8 1.89 -10.79 5.33
C VAL A 8 0.51 -10.13 5.28
N GLN A 9 -0.50 -10.91 4.89
CA GLN A 9 -1.86 -10.39 4.80
C GLN A 9 -2.15 -9.41 5.92
N ASP A 10 -1.88 -9.84 7.16
CA ASP A 10 -2.12 -8.99 8.32
C ASP A 10 -1.55 -7.59 8.10
N GLU A 11 -0.23 -7.50 8.03
CA GLU A 11 0.43 -6.22 7.81
C GLU A 11 -0.14 -5.51 6.60
N THR A 12 -0.01 -6.14 5.44
CA THR A 12 -0.52 -5.56 4.19
C THR A 12 -1.87 -4.88 4.41
N ARG A 13 -2.79 -5.60 5.05
CA ARG A 13 -4.12 -5.07 5.32
C ARG A 13 -4.03 -3.77 6.12
N SER A 14 -3.33 -3.82 7.23
CA SER A 14 -3.17 -2.65 8.09
C SER A 14 -2.62 -1.46 7.30
N LEU A 15 -1.64 -1.73 6.45
CA LEU A 15 -1.02 -0.69 5.63
C LEU A 15 -2.04 -0.09 4.66
N ILE A 16 -2.54 -0.93 3.75
CA ILE A 16 -3.52 -0.48 2.76
C ILE A 16 -4.57 0.41 3.41
N MET A 17 -5.07 -0.01 4.57
CA MET A 17 -6.08 0.76 5.28
C MET A 17 -5.54 2.12 5.71
N PHE A 18 -4.49 2.11 6.52
CA PHE A 18 -3.88 3.34 7.00
C PHE A 18 -3.68 4.33 5.85
N ARG A 19 -3.19 3.82 4.72
CA ARG A 19 -2.95 4.66 3.55
C ARG A 19 -4.24 5.28 3.05
N ARG A 20 -5.32 4.49 3.02
CA ARG A 20 -6.61 4.97 2.57
C ARG A 20 -7.15 6.04 3.51
N GLY A 21 -7.23 5.71 4.80
CA GLY A 21 -7.73 6.65 5.78
C GLY A 21 -6.97 7.96 5.79
N MET A 22 -5.72 7.90 5.32
CA MET A 22 -4.87 9.08 5.28
C MET A 22 -4.89 9.71 3.89
N ASP A 23 -5.41 8.97 2.92
CA ASP A 23 -5.49 9.46 1.54
C ASP A 23 -5.90 10.94 1.50
N GLY A 24 -6.89 11.29 2.31
CA GLY A 24 -7.36 12.67 2.35
C GLY A 24 -6.21 13.66 2.24
N LEU A 25 -5.18 13.45 3.05
CA LEU A 25 -4.02 14.34 3.04
C LEU A 25 -3.31 14.30 1.69
N PHE A 26 -2.91 13.11 1.27
CA PHE A 26 -2.23 12.93 -0.01
C PHE A 26 -2.95 13.68 -1.12
N ASN A 27 -4.27 13.51 -1.19
CA ASN A 27 -5.07 14.15 -2.21
C ASN A 27 -4.69 15.63 -2.34
N THR A 28 -4.40 16.26 -1.21
CA THR A 28 -4.01 17.67 -1.21
C THR A 28 -3.03 17.97 -0.08
N SER A 29 -1.77 18.17 -0.44
CA SER A 29 -0.73 18.45 0.54
C SER A 29 0.54 18.93 -0.15
N LYS A 30 1.23 19.89 0.48
CA LYS A 30 2.46 20.43 -0.07
C LYS A 30 3.47 19.32 -0.34
N SER A 31 3.68 18.46 0.66
CA SER A 31 4.62 17.35 0.53
C SER A 31 3.95 16.03 0.87
N ASN A 32 4.70 14.93 0.74
CA ASN A 32 4.18 13.61 1.04
C ASN A 32 5.12 12.85 1.98
N LYS A 33 6.42 13.02 1.76
CA LYS A 33 7.43 12.36 2.59
C LYS A 33 7.00 12.33 4.05
N HIS A 34 6.53 13.47 4.55
CA HIS A 34 6.08 13.58 5.93
C HIS A 34 4.93 12.62 6.20
N LEU A 35 3.99 12.55 5.26
CA LEU A 35 2.84 11.68 5.40
C LEU A 35 3.27 10.22 5.62
N TRP A 36 4.21 9.77 4.81
CA TRP A 36 4.72 8.41 4.92
C TRP A 36 5.27 8.14 6.32
N GLU A 37 6.07 9.07 6.82
CA GLU A 37 6.65 8.93 8.14
C GLU A 37 5.57 8.66 9.19
N GLN A 38 4.46 9.37 9.08
CA GLN A 38 3.35 9.20 10.02
C GLN A 38 2.80 7.78 9.97
N ILE A 39 2.55 7.28 8.76
CA ILE A 39 2.02 5.93 8.58
C ILE A 39 2.95 4.90 9.22
N SER A 40 4.21 4.91 8.82
CA SER A 40 5.20 3.98 9.34
C SER A 40 5.14 3.93 10.86
N SER A 41 5.24 5.10 11.49
CA SER A 41 5.21 5.19 12.95
C SER A 41 3.99 4.46 13.51
N LYS A 42 2.81 4.89 13.07
CA LYS A 42 1.56 4.28 13.52
C LYS A 42 1.65 2.75 13.51
N MET A 43 1.83 2.20 12.31
CA MET A 43 1.94 0.74 12.17
C MET A 43 2.77 0.15 13.29
N ARG A 44 4.00 0.62 13.44
CA ARG A 44 4.89 0.13 14.47
C ARG A 44 4.17 0.01 15.81
N GLU A 45 3.35 1.01 16.13
CA GLU A 45 2.60 1.03 17.37
C GLU A 45 1.51 -0.05 17.37
N LYS A 46 0.74 -0.09 16.28
CA LYS A 46 -0.33 -1.07 16.14
C LYS A 46 0.19 -2.48 16.39
N GLY A 47 1.40 -2.76 15.91
CA GLY A 47 1.98 -4.08 16.08
C GLY A 47 2.63 -4.61 14.82
N PHE A 48 3.13 -3.70 14.00
CA PHE A 48 3.78 -4.07 12.75
C PHE A 48 5.01 -3.21 12.49
N ASP A 49 6.19 -3.80 12.67
CA ASP A 49 7.44 -3.07 12.45
C ASP A 49 7.88 -3.17 10.99
N ARG A 50 7.68 -2.10 10.24
CA ARG A 50 8.05 -2.07 8.83
C ARG A 50 8.61 -0.69 8.45
N SER A 51 9.77 -0.70 7.79
CA SER A 51 10.40 0.54 7.37
C SER A 51 9.42 1.44 6.63
N PRO A 52 9.71 2.75 6.61
CA PRO A 52 8.86 3.74 5.94
C PRO A 52 8.92 3.62 4.43
N THR A 53 10.13 3.59 3.89
CA THR A 53 10.33 3.48 2.44
C THR A 53 9.63 2.23 1.89
N MET A 54 9.63 1.16 2.68
CA MET A 54 9.00 -0.09 2.28
C MET A 54 7.54 0.15 1.86
N CYS A 55 6.77 0.75 2.75
CA CYS A 55 5.36 1.03 2.47
C CYS A 55 5.22 1.94 1.26
N THR A 56 6.14 2.88 1.12
CA THR A 56 6.12 3.82 0.01
C THR A 56 6.19 3.09 -1.33
N ASP A 57 7.22 2.26 -1.49
CA ASP A 57 7.39 1.50 -2.72
C ASP A 57 6.27 0.48 -2.90
N LYS A 58 6.02 -0.31 -1.86
CA LYS A 58 4.97 -1.31 -1.90
C LYS A 58 3.64 -0.71 -2.35
N TRP A 59 3.32 0.46 -1.82
CA TRP A 59 2.07 1.15 -2.18
C TRP A 59 2.02 1.42 -3.69
N ARG A 60 3.06 2.07 -4.20
CA ARG A 60 3.12 2.38 -5.62
C ARG A 60 2.75 1.18 -6.47
N ASN A 61 3.29 0.02 -6.10
CA ASN A 61 3.01 -1.22 -6.83
C ASN A 61 1.53 -1.58 -6.75
N LEU A 62 0.94 -1.37 -5.58
CA LEU A 62 -0.47 -1.68 -5.37
C LEU A 62 -1.35 -0.86 -6.32
N LEU A 63 -0.89 0.34 -6.65
CA LEU A 63 -1.64 1.21 -7.55
C LEU A 63 -1.52 0.74 -8.99
N LYS A 64 -0.34 0.27 -9.37
CA LYS A 64 -0.10 -0.23 -10.72
C LYS A 64 -0.86 -1.53 -10.96
N GLU A 65 -1.08 -2.29 -9.89
CA GLU A 65 -1.79 -3.56 -9.99
C GLU A 65 -3.29 -3.36 -9.76
N PHE A 66 -3.64 -2.42 -8.89
CA PHE A 66 -5.04 -2.14 -8.60
C PHE A 66 -5.79 -1.72 -9.85
N LYS A 67 -5.19 -0.82 -10.62
CA LYS A 67 -5.80 -0.34 -11.85
C LYS A 67 -5.87 -1.46 -12.90
N LYS A 68 -4.71 -2.03 -13.23
CA LYS A 68 -4.63 -3.10 -14.21
C LYS A 68 -4.92 -4.44 -13.57
N ALA A 69 -5.73 -4.43 -12.51
CA ALA A 69 -6.09 -5.66 -11.80
C ALA A 69 -6.60 -6.72 -12.77
N LYS A 70 -7.06 -7.84 -12.22
CA LYS A 70 -7.57 -8.93 -13.04
C LYS A 70 -8.93 -8.56 -13.64
N HIS A 71 -8.92 -7.59 -14.55
CA HIS A 71 -10.15 -7.14 -15.20
C HIS A 71 -9.94 -7.01 -16.71
N HIS A 72 -11.00 -6.64 -17.41
CA HIS A 72 -10.95 -6.47 -18.86
C HIS A 72 -9.59 -5.94 -19.28
N ASP A 73 -8.74 -6.82 -19.81
CA ASP A 73 -7.41 -6.42 -20.26
C ASP A 73 -6.71 -7.59 -20.95
N ARG A 74 -5.52 -7.33 -21.47
CA ARG A 74 -4.74 -8.36 -22.16
C ARG A 74 -3.47 -8.70 -21.38
N GLY A 75 -3.25 -9.99 -21.15
CA GLY A 75 -2.08 -10.42 -20.42
C GLY A 75 -2.11 -11.91 -20.10
N ASN A 76 -1.21 -12.65 -20.73
CA ASN A 76 -1.14 -14.09 -20.52
C ASN A 76 -0.03 -14.44 -19.53
N GLY A 77 1.11 -13.78 -19.67
CA GLY A 77 2.23 -14.02 -18.79
C GLY A 77 3.26 -14.95 -19.39
N SER A 78 3.77 -15.87 -18.59
CA SER A 78 4.78 -16.83 -19.06
C SER A 78 4.86 -18.03 -18.13
N ALA A 79 5.43 -19.12 -18.64
CA ALA A 79 5.58 -20.34 -17.84
C ALA A 79 6.96 -20.41 -17.22
N LYS A 80 7.99 -20.44 -18.06
CA LYS A 80 9.37 -20.51 -17.59
C LYS A 80 9.61 -19.53 -16.45
N MET A 81 10.21 -20.02 -15.36
CA MET A 81 10.48 -19.18 -14.21
C MET A 81 11.99 -19.03 -14.01
N SER A 82 12.67 -20.16 -13.77
CA SER A 82 14.11 -20.14 -13.55
C SER A 82 14.66 -21.57 -13.52
N TYR A 83 15.99 -21.68 -13.55
CA TYR A 83 16.64 -22.99 -13.53
C TYR A 83 18.12 -22.84 -13.17
N TYR A 84 18.47 -23.27 -11.96
CA TYR A 84 19.85 -23.19 -11.50
C TYR A 84 20.48 -24.59 -11.42
N LYS A 85 19.64 -25.61 -11.56
CA LYS A 85 20.11 -27.00 -11.50
C LYS A 85 20.35 -27.55 -12.91
N GLU A 86 21.27 -28.49 -13.02
CA GLU A 86 21.59 -29.11 -14.30
C GLU A 86 20.34 -29.69 -14.95
N LYS A 1 -3.91 -14.88 -6.27
CA LYS A 1 -3.18 -15.32 -7.45
C LYS A 1 -1.67 -15.33 -7.20
N LYS A 2 -1.16 -14.23 -6.68
CA LYS A 2 0.27 -14.12 -6.37
C LYS A 2 0.51 -14.18 -4.87
N ARG A 3 0.78 -15.39 -4.37
CA ARG A 3 1.03 -15.58 -2.95
C ARG A 3 2.27 -14.81 -2.51
N ALA A 4 2.11 -13.96 -1.49
CA ALA A 4 3.21 -13.17 -0.97
C ALA A 4 3.55 -13.58 0.45
N GLU A 5 4.83 -13.83 0.70
CA GLU A 5 5.30 -14.23 2.02
C GLU A 5 5.94 -13.06 2.75
N THR A 6 6.61 -12.19 1.99
CA THR A 6 7.28 -11.03 2.56
C THR A 6 6.35 -10.27 3.50
N TRP A 7 5.17 -9.92 3.00
CA TRP A 7 4.19 -9.18 3.79
C TRP A 7 3.00 -10.07 4.14
N VAL A 8 2.74 -10.23 5.43
CA VAL A 8 1.63 -11.05 5.88
C VAL A 8 0.30 -10.35 5.65
N GLN A 9 -0.77 -11.14 5.59
CA GLN A 9 -2.11 -10.59 5.37
C GLN A 9 -2.40 -9.45 6.33
N ASP A 10 -2.17 -9.71 7.61
CA ASP A 10 -2.42 -8.70 8.65
C ASP A 10 -1.75 -7.38 8.28
N GLU A 11 -0.42 -7.38 8.25
CA GLU A 11 0.34 -6.19 7.92
C GLU A 11 -0.16 -5.57 6.62
N THR A 12 -0.09 -6.34 5.54
CA THR A 12 -0.54 -5.88 4.23
C THR A 12 -1.84 -5.10 4.34
N ARG A 13 -2.85 -5.72 4.93
CA ARG A 13 -4.16 -5.09 5.09
C ARG A 13 -4.04 -3.83 5.95
N SER A 14 -3.30 -3.94 7.05
CA SER A 14 -3.11 -2.80 7.94
C SER A 14 -2.57 -1.58 7.20
N LEU A 15 -1.56 -1.82 6.36
CA LEU A 15 -0.96 -0.75 5.58
C LEU A 15 -1.97 -0.14 4.62
N ILE A 16 -2.43 -0.92 3.66
CA ILE A 16 -3.40 -0.46 2.68
C ILE A 16 -4.41 0.49 3.32
N MET A 17 -5.13 0.00 4.32
CA MET A 17 -6.12 0.81 5.02
C MET A 17 -5.53 2.14 5.46
N PHE A 18 -4.45 2.06 6.25
CA PHE A 18 -3.79 3.26 6.74
C PHE A 18 -3.59 4.28 5.63
N ARG A 19 -3.20 3.80 4.46
CA ARG A 19 -2.98 4.66 3.31
C ARG A 19 -4.28 5.29 2.83
N ARG A 20 -5.35 4.49 2.83
CA ARG A 20 -6.66 4.97 2.41
C ARG A 20 -7.10 6.18 3.22
N GLY A 21 -6.88 6.11 4.54
CA GLY A 21 -7.26 7.21 5.41
C GLY A 21 -6.37 8.42 5.24
N MET A 22 -5.07 8.19 5.11
CA MET A 22 -4.11 9.27 4.93
C MET A 22 -4.26 9.91 3.56
N ASP A 23 -4.83 9.16 2.62
CA ASP A 23 -5.03 9.65 1.27
C ASP A 23 -5.47 11.11 1.27
N GLY A 24 -6.57 11.38 1.98
CA GLY A 24 -7.08 12.74 2.05
C GLY A 24 -5.98 13.77 2.18
N LEU A 25 -5.05 13.53 3.10
CA LEU A 25 -3.94 14.44 3.32
C LEU A 25 -3.15 14.66 2.04
N PHE A 26 -2.69 13.57 1.43
CA PHE A 26 -1.93 13.65 0.19
C PHE A 26 -2.56 14.63 -0.79
N ASN A 27 -3.90 14.63 -0.83
CA ASN A 27 -4.63 15.52 -1.72
C ASN A 27 -4.62 16.96 -1.19
N THR A 28 -4.95 17.11 0.09
CA THR A 28 -4.99 18.42 0.72
C THR A 28 -3.64 18.75 1.35
N SER A 29 -2.56 18.29 0.73
CA SER A 29 -1.22 18.53 1.25
C SER A 29 -0.19 18.57 0.11
N LYS A 30 0.68 19.56 0.15
CA LYS A 30 1.71 19.71 -0.88
C LYS A 30 2.79 18.65 -0.72
N SER A 31 3.21 18.43 0.52
CA SER A 31 4.24 17.43 0.81
C SER A 31 3.62 16.10 1.20
N ASN A 32 4.24 15.01 0.76
CA ASN A 32 3.75 13.67 1.07
C ASN A 32 4.75 12.91 1.93
N LYS A 33 6.04 13.10 1.65
CA LYS A 33 7.09 12.43 2.40
C LYS A 33 6.73 12.33 3.88
N HIS A 34 6.22 13.43 4.43
CA HIS A 34 5.83 13.46 5.84
C HIS A 34 4.72 12.45 6.12
N LEU A 35 3.76 12.36 5.20
CA LEU A 35 2.64 11.43 5.35
C LEU A 35 3.14 10.00 5.45
N TRP A 36 4.19 9.68 4.69
CA TRP A 36 4.76 8.35 4.69
C TRP A 36 5.33 7.99 6.05
N GLU A 37 6.26 8.81 6.53
CA GLU A 37 6.89 8.59 7.83
C GLU A 37 5.84 8.43 8.92
N GLN A 38 4.68 9.07 8.73
CA GLN A 38 3.60 8.99 9.70
C GLN A 38 2.97 7.60 9.70
N ILE A 39 2.70 7.08 8.51
CA ILE A 39 2.10 5.75 8.38
C ILE A 39 2.95 4.70 9.07
N SER A 40 4.26 4.74 8.82
CA SER A 40 5.18 3.78 9.41
C SER A 40 5.09 3.80 10.93
N SER A 41 5.25 4.99 11.50
CA SER A 41 5.19 5.15 12.96
C SER A 41 3.95 4.48 13.52
N LYS A 42 2.80 4.78 12.94
CA LYS A 42 1.53 4.21 13.38
C LYS A 42 1.64 2.69 13.50
N MET A 43 1.93 2.03 12.38
CA MET A 43 2.06 0.58 12.35
C MET A 43 2.83 0.08 13.57
N ARG A 44 4.09 0.48 13.67
CA ARG A 44 4.93 0.07 14.78
C ARG A 44 4.15 0.06 16.09
N GLU A 45 3.37 1.12 16.31
CA GLU A 45 2.56 1.22 17.52
C GLU A 45 1.48 0.15 17.56
N LYS A 46 0.72 0.05 16.48
CA LYS A 46 -0.35 -0.95 16.38
C LYS A 46 0.18 -2.35 16.64
N GLY A 47 1.31 -2.68 16.00
CA GLY A 47 1.91 -3.99 16.19
C GLY A 47 2.55 -4.51 14.92
N PHE A 48 3.09 -3.60 14.11
CA PHE A 48 3.72 -3.97 12.85
C PHE A 48 4.93 -3.09 12.57
N ASP A 49 6.13 -3.65 12.76
CA ASP A 49 7.36 -2.91 12.53
C ASP A 49 7.76 -2.96 11.06
N ARG A 50 7.44 -1.91 10.32
CA ARG A 50 7.76 -1.85 8.90
C ARG A 50 8.32 -0.48 8.53
N SER A 51 9.50 -0.47 7.92
CA SER A 51 10.14 0.79 7.52
C SER A 51 9.21 1.61 6.63
N PRO A 52 9.49 2.92 6.54
CA PRO A 52 8.69 3.84 5.73
C PRO A 52 8.86 3.60 4.24
N THR A 53 10.11 3.54 3.79
CA THR A 53 10.41 3.32 2.38
C THR A 53 9.67 2.10 1.85
N MET A 54 9.70 1.02 2.62
CA MET A 54 9.02 -0.22 2.22
C MET A 54 7.58 0.05 1.83
N CYS A 55 6.89 0.83 2.66
CA CYS A 55 5.49 1.17 2.40
C CYS A 55 5.36 2.00 1.13
N THR A 56 6.29 2.92 0.92
CA THR A 56 6.28 3.78 -0.25
C THR A 56 6.34 2.96 -1.53
N ASP A 57 7.38 2.14 -1.66
CA ASP A 57 7.55 1.30 -2.84
C ASP A 57 6.41 0.30 -2.97
N LYS A 58 6.19 -0.49 -1.91
CA LYS A 58 5.13 -1.49 -1.91
C LYS A 58 3.81 -0.88 -2.39
N TRP A 59 3.44 0.26 -1.81
CA TRP A 59 2.21 0.94 -2.18
C TRP A 59 2.14 1.15 -3.69
N ARG A 60 3.16 1.79 -4.24
CA ARG A 60 3.20 2.06 -5.68
C ARG A 60 2.85 0.81 -6.48
N ASN A 61 3.42 -0.33 -6.06
CA ASN A 61 3.16 -1.60 -6.74
C ASN A 61 1.68 -1.95 -6.70
N LEU A 62 1.06 -1.73 -5.53
CA LEU A 62 -0.36 -2.02 -5.36
C LEU A 62 -1.21 -1.25 -6.36
N LEU A 63 -0.76 -0.04 -6.70
CA LEU A 63 -1.48 0.80 -7.65
C LEU A 63 -1.39 0.22 -9.06
N LYS A 64 -0.20 -0.22 -9.45
CA LYS A 64 0.02 -0.80 -10.77
C LYS A 64 -0.75 -2.10 -10.92
N GLU A 65 -0.72 -2.93 -9.88
CA GLU A 65 -1.43 -4.20 -9.90
C GLU A 65 -2.94 -4.00 -9.79
N PHE A 66 -3.33 -2.98 -9.02
CA PHE A 66 -4.74 -2.68 -8.82
C PHE A 66 -5.41 -2.30 -10.14
N LYS A 67 -4.70 -1.53 -10.95
CA LYS A 67 -5.23 -1.10 -12.25
C LYS A 67 -5.58 -2.29 -13.12
N LYS A 68 -4.63 -3.20 -13.29
CA LYS A 68 -4.85 -4.40 -14.09
C LYS A 68 -6.23 -4.98 -13.84
N ALA A 69 -6.55 -5.21 -12.58
CA ALA A 69 -7.85 -5.76 -12.20
C ALA A 69 -8.97 -5.08 -12.96
N LYS A 70 -10.18 -5.63 -12.86
CA LYS A 70 -11.34 -5.07 -13.54
C LYS A 70 -11.26 -3.54 -13.59
N HIS A 71 -10.86 -2.94 -12.46
CA HIS A 71 -10.74 -1.49 -12.39
C HIS A 71 -10.22 -0.91 -13.71
N HIS A 72 -11.10 -0.22 -14.42
CA HIS A 72 -10.74 0.38 -15.70
C HIS A 72 -10.39 1.86 -15.52
N ASP A 73 -9.49 2.35 -16.37
CA ASP A 73 -9.07 3.74 -16.30
C ASP A 73 -8.44 4.18 -17.62
N ARG A 74 -9.00 5.22 -18.23
CA ARG A 74 -8.49 5.74 -19.49
C ARG A 74 -7.53 6.90 -19.26
N GLY A 75 -6.79 7.27 -20.30
CA GLY A 75 -5.85 8.37 -20.18
C GLY A 75 -5.94 9.33 -21.35
N ASN A 76 -5.17 10.42 -21.28
CA ASN A 76 -5.17 11.43 -22.34
C ASN A 76 -3.90 11.35 -23.16
N GLY A 77 -2.77 11.16 -22.48
CA GLY A 77 -1.50 11.08 -23.16
C GLY A 77 -1.10 12.38 -23.82
N SER A 78 0.01 12.37 -24.55
CA SER A 78 0.50 13.56 -25.23
C SER A 78 1.04 13.22 -26.61
N ALA A 79 0.39 13.73 -27.64
CA ALA A 79 0.81 13.47 -29.03
C ALA A 79 1.59 14.66 -29.58
N LYS A 80 1.09 15.86 -29.33
CA LYS A 80 1.74 17.08 -29.82
C LYS A 80 3.26 16.96 -29.70
N MET A 81 3.96 17.52 -30.67
CA MET A 81 5.42 17.48 -30.68
C MET A 81 5.99 18.89 -30.75
N SER A 82 7.28 19.02 -30.40
CA SER A 82 7.94 20.32 -30.41
C SER A 82 9.04 20.35 -31.49
N TYR A 83 9.52 21.55 -31.80
CA TYR A 83 10.56 21.72 -32.80
C TYR A 83 11.09 23.15 -32.80
N TYR A 84 12.33 23.31 -33.26
CA TYR A 84 12.96 24.62 -33.30
C TYR A 84 14.30 24.55 -34.03
N LYS A 85 14.72 25.68 -34.60
CA LYS A 85 15.97 25.76 -35.32
C LYS A 85 16.29 27.20 -35.72
N GLU A 86 17.53 27.62 -35.47
CA GLU A 86 17.96 28.97 -35.80
C GLU A 86 17.60 29.32 -37.25
N LYS A 1 8.71 -15.58 -13.17
CA LYS A 1 8.44 -15.78 -11.75
C LYS A 1 8.55 -14.46 -10.99
N LYS A 2 8.01 -13.40 -11.58
CA LYS A 2 8.02 -12.09 -10.95
C LYS A 2 6.90 -11.94 -9.93
N ARG A 3 7.17 -12.36 -8.70
CA ARG A 3 6.18 -12.28 -7.63
C ARG A 3 6.57 -11.20 -6.62
N ALA A 4 5.56 -10.68 -5.91
CA ALA A 4 5.79 -9.65 -4.91
C ALA A 4 5.41 -10.13 -3.52
N GLU A 5 5.66 -11.41 -3.25
CA GLU A 5 5.32 -11.99 -1.96
C GLU A 5 6.33 -11.57 -0.89
N THR A 6 6.06 -10.42 -0.27
CA THR A 6 6.93 -9.90 0.76
C THR A 6 6.15 -9.56 2.03
N TRP A 7 4.95 -9.02 1.85
CA TRP A 7 4.10 -8.66 2.98
C TRP A 7 3.01 -9.70 3.20
N VAL A 8 2.48 -9.75 4.42
CA VAL A 8 1.43 -10.70 4.75
C VAL A 8 0.09 -10.00 4.94
N GLN A 9 -0.99 -10.72 4.65
CA GLN A 9 -2.33 -10.15 4.79
C GLN A 9 -2.42 -9.25 6.00
N ASP A 10 -2.03 -9.78 7.16
CA ASP A 10 -2.07 -9.01 8.40
C ASP A 10 -1.41 -7.64 8.22
N GLU A 11 -0.14 -7.65 7.86
CA GLU A 11 0.60 -6.41 7.64
C GLU A 11 0.00 -5.61 6.49
N THR A 12 0.03 -6.20 5.30
CA THR A 12 -0.50 -5.53 4.11
C THR A 12 -1.80 -4.79 4.44
N ARG A 13 -2.77 -5.52 4.97
CA ARG A 13 -4.05 -4.94 5.32
C ARG A 13 -3.87 -3.73 6.23
N SER A 14 -3.06 -3.89 7.26
CA SER A 14 -2.80 -2.81 8.21
C SER A 14 -2.33 -1.55 7.49
N LEU A 15 -1.35 -1.70 6.61
CA LEU A 15 -0.82 -0.58 5.85
C LEU A 15 -1.88 0.02 4.94
N ILE A 16 -2.37 -0.78 4.00
CA ILE A 16 -3.40 -0.33 3.07
C ILE A 16 -4.43 0.55 3.78
N MET A 17 -5.16 -0.06 4.72
CA MET A 17 -6.18 0.67 5.47
C MET A 17 -5.66 2.04 5.91
N PHE A 18 -4.58 2.03 6.68
CA PHE A 18 -3.98 3.28 7.17
C PHE A 18 -3.85 4.29 6.05
N ARG A 19 -3.37 3.83 4.89
CA ARG A 19 -3.18 4.70 3.73
C ARG A 19 -4.52 5.25 3.25
N ARG A 20 -5.49 4.35 3.04
CA ARG A 20 -6.81 4.75 2.58
C ARG A 20 -7.34 5.93 3.38
N GLY A 21 -7.01 5.96 4.67
CA GLY A 21 -7.46 7.03 5.54
C GLY A 21 -6.69 8.31 5.32
N MET A 22 -5.37 8.21 5.29
CA MET A 22 -4.52 9.38 5.09
C MET A 22 -4.64 9.89 3.66
N ASP A 23 -5.28 9.12 2.81
CA ASP A 23 -5.47 9.49 1.41
C ASP A 23 -5.88 10.96 1.30
N GLY A 24 -7.01 11.30 1.91
CA GLY A 24 -7.49 12.67 1.87
C GLY A 24 -6.36 13.69 1.90
N LEU A 25 -5.32 13.39 2.66
CA LEU A 25 -4.18 14.27 2.78
C LEU A 25 -3.33 14.26 1.51
N PHE A 26 -2.84 13.07 1.15
CA PHE A 26 -2.03 12.92 -0.05
C PHE A 26 -2.58 13.76 -1.19
N ASN A 27 -3.89 13.70 -1.39
CA ASN A 27 -4.55 14.45 -2.44
C ASN A 27 -4.09 15.90 -2.45
N THR A 28 -4.20 16.55 -1.31
CA THR A 28 -3.79 17.95 -1.18
C THR A 28 -2.53 18.09 -0.33
N SER A 29 -1.38 17.84 -0.96
CA SER A 29 -0.10 17.92 -0.26
C SER A 29 1.06 17.72 -1.23
N LYS A 30 1.91 18.73 -1.32
CA LYS A 30 3.07 18.67 -2.22
C LYS A 30 3.83 17.36 -2.03
N SER A 31 4.45 17.21 -0.86
CA SER A 31 5.21 15.99 -0.56
C SER A 31 4.54 15.20 0.55
N ASN A 32 4.40 13.89 0.33
CA ASN A 32 3.79 13.02 1.32
C ASN A 32 4.81 12.52 2.33
N LYS A 33 5.91 13.27 2.47
CA LYS A 33 6.97 12.90 3.41
C LYS A 33 6.41 12.74 4.81
N HIS A 34 6.00 13.86 5.41
CA HIS A 34 5.44 13.85 6.76
C HIS A 34 4.33 12.80 6.89
N LEU A 35 3.51 12.69 5.85
CA LEU A 35 2.42 11.73 5.84
C LEU A 35 2.93 10.31 6.08
N TRP A 36 3.89 9.89 5.27
CA TRP A 36 4.47 8.56 5.39
C TRP A 36 4.94 8.31 6.83
N GLU A 37 5.65 9.27 7.39
CA GLU A 37 6.15 9.14 8.75
C GLU A 37 5.04 8.74 9.71
N GLN A 38 3.90 9.43 9.61
CA GLN A 38 2.76 9.13 10.46
C GLN A 38 2.31 7.69 10.31
N ILE A 39 1.96 7.32 9.07
CA ILE A 39 1.51 5.96 8.79
C ILE A 39 2.51 4.93 9.30
N SER A 40 3.72 4.97 8.75
CA SER A 40 4.77 4.03 9.15
C SER A 40 4.85 3.92 10.67
N SER A 41 4.99 5.06 11.34
CA SER A 41 5.08 5.10 12.79
C SER A 41 3.95 4.29 13.43
N LYS A 42 2.72 4.66 13.10
CA LYS A 42 1.55 3.98 13.63
C LYS A 42 1.69 2.47 13.51
N MET A 43 1.87 1.99 12.29
CA MET A 43 2.04 0.56 12.04
C MET A 43 2.91 -0.08 13.11
N ARG A 44 4.12 0.45 13.27
CA ARG A 44 5.06 -0.07 14.26
C ARG A 44 4.42 -0.12 15.65
N GLU A 45 3.56 0.85 15.92
CA GLU A 45 2.88 0.93 17.21
C GLU A 45 1.84 -0.18 17.34
N LYS A 46 1.08 -0.41 16.27
CA LYS A 46 0.04 -1.43 16.26
C LYS A 46 0.64 -2.79 16.58
N GLY A 47 1.68 -3.18 15.84
CA GLY A 47 2.31 -4.47 16.07
C GLY A 47 2.99 -5.00 14.82
N PHE A 48 3.52 -4.10 14.01
CA PHE A 48 4.20 -4.50 12.78
C PHE A 48 5.40 -3.60 12.50
N ASP A 49 6.60 -4.14 12.71
CA ASP A 49 7.82 -3.38 12.48
C ASP A 49 8.20 -3.39 11.00
N ARG A 50 7.98 -2.27 10.33
CA ARG A 50 8.30 -2.15 8.91
C ARG A 50 8.85 -0.77 8.58
N SER A 51 9.87 -0.72 7.73
CA SER A 51 10.48 0.54 7.34
C SER A 51 9.47 1.44 6.61
N PRO A 52 9.76 2.74 6.60
CA PRO A 52 8.89 3.73 5.95
C PRO A 52 8.93 3.61 4.42
N THR A 53 10.13 3.59 3.86
CA THR A 53 10.30 3.48 2.42
C THR A 53 9.49 2.32 1.86
N MET A 54 9.52 1.19 2.56
CA MET A 54 8.78 0.01 2.13
C MET A 54 7.32 0.36 1.82
N CYS A 55 6.70 1.13 2.69
CA CYS A 55 5.32 1.54 2.51
C CYS A 55 5.17 2.47 1.31
N THR A 56 6.17 3.32 1.12
CA THR A 56 6.16 4.27 0.00
C THR A 56 6.19 3.55 -1.34
N ASP A 57 7.17 2.67 -1.51
CA ASP A 57 7.30 1.90 -2.74
C ASP A 57 6.19 0.87 -2.87
N LYS A 58 5.98 0.10 -1.80
CA LYS A 58 4.95 -0.93 -1.80
C LYS A 58 3.60 -0.35 -2.20
N TRP A 59 3.28 0.82 -1.67
CA TRP A 59 2.02 1.48 -1.99
C TRP A 59 1.92 1.80 -3.47
N ARG A 60 2.91 2.52 -3.98
CA ARG A 60 2.93 2.89 -5.40
C ARG A 60 2.57 1.70 -6.28
N ASN A 61 3.10 0.53 -5.94
CA ASN A 61 2.84 -0.68 -6.71
C ASN A 61 1.36 -1.03 -6.66
N LEU A 62 0.78 -1.05 -5.46
CA LEU A 62 -0.62 -1.37 -5.30
C LEU A 62 -1.48 -0.58 -6.29
N LEU A 63 -1.21 0.71 -6.39
CA LEU A 63 -1.95 1.57 -7.31
C LEU A 63 -1.84 1.08 -8.74
N LYS A 64 -0.61 0.86 -9.19
CA LYS A 64 -0.36 0.38 -10.55
C LYS A 64 -1.30 -0.77 -10.90
N GLU A 65 -1.44 -1.72 -9.97
CA GLU A 65 -2.31 -2.87 -10.18
C GLU A 65 -3.79 -2.46 -10.07
N PHE A 66 -4.11 -1.75 -9.01
CA PHE A 66 -5.48 -1.30 -8.77
C PHE A 66 -6.09 -0.74 -10.05
N LYS A 67 -5.27 -0.04 -10.84
CA LYS A 67 -5.73 0.54 -12.09
C LYS A 67 -6.00 -0.53 -13.13
N LYS A 68 -5.01 -1.38 -13.38
CA LYS A 68 -5.14 -2.46 -14.36
C LYS A 68 -5.71 -3.71 -13.71
N ALA A 69 -6.50 -3.52 -12.65
CA ALA A 69 -7.11 -4.63 -11.94
C ALA A 69 -7.98 -5.46 -12.87
N LYS A 70 -7.36 -6.44 -13.54
CA LYS A 70 -8.08 -7.31 -14.46
C LYS A 70 -8.47 -8.63 -13.77
N HIS A 71 -9.71 -9.04 -13.98
CA HIS A 71 -10.20 -10.28 -13.39
C HIS A 71 -10.73 -11.23 -14.46
N HIS A 72 -10.39 -12.50 -14.34
CA HIS A 72 -10.84 -13.51 -15.30
C HIS A 72 -12.18 -14.10 -14.89
N ASP A 73 -13.14 -14.08 -15.80
CA ASP A 73 -14.47 -14.61 -15.53
C ASP A 73 -14.38 -16.06 -15.06
N ARG A 74 -15.34 -16.46 -14.24
CA ARG A 74 -15.37 -17.83 -13.71
C ARG A 74 -15.19 -18.84 -14.83
N GLY A 75 -14.02 -19.46 -14.87
CA GLY A 75 -13.74 -20.45 -15.90
C GLY A 75 -12.34 -21.00 -15.82
N ASN A 76 -11.92 -21.73 -16.85
CA ASN A 76 -10.58 -22.31 -16.89
C ASN A 76 -9.66 -21.48 -17.78
N GLY A 77 -10.19 -21.03 -18.91
CA GLY A 77 -9.40 -20.24 -19.84
C GLY A 77 -8.29 -21.02 -20.48
N SER A 78 -7.33 -20.32 -21.08
CA SER A 78 -6.21 -20.98 -21.74
C SER A 78 -4.89 -20.57 -21.09
N ALA A 79 -4.88 -20.50 -19.76
CA ALA A 79 -3.69 -20.14 -19.01
C ALA A 79 -2.68 -21.29 -18.98
N LYS A 80 -3.10 -22.41 -18.41
CA LYS A 80 -2.23 -23.58 -18.32
C LYS A 80 -1.95 -24.17 -19.70
N MET A 81 -3.02 -24.33 -20.49
CA MET A 81 -2.89 -24.88 -21.83
C MET A 81 -1.70 -24.26 -22.57
N SER A 82 -0.74 -25.10 -22.92
CA SER A 82 0.46 -24.63 -23.62
C SER A 82 1.20 -25.80 -24.26
N TYR A 83 2.09 -25.50 -25.20
CA TYR A 83 2.87 -26.51 -25.89
C TYR A 83 3.66 -27.36 -24.89
N TYR A 84 3.45 -28.67 -24.93
CA TYR A 84 4.15 -29.59 -24.04
C TYR A 84 5.31 -30.27 -24.76
N LYS A 85 6.24 -30.80 -23.97
CA LYS A 85 7.41 -31.48 -24.53
C LYS A 85 7.03 -32.87 -25.04
N GLU A 86 7.53 -33.21 -26.23
CA GLU A 86 7.24 -34.51 -26.82
C GLU A 86 8.04 -35.62 -26.13
N LYS A 1 -5.12 -16.07 -3.29
CA LYS A 1 -3.97 -15.37 -3.85
C LYS A 1 -3.47 -14.30 -2.89
N LYS A 2 -2.45 -14.64 -2.11
CA LYS A 2 -1.87 -13.71 -1.14
C LYS A 2 -1.43 -12.41 -1.83
N ARG A 3 -0.74 -12.56 -2.97
CA ARG A 3 -0.26 -11.40 -3.71
C ARG A 3 0.86 -10.69 -2.97
N ALA A 4 1.75 -11.46 -2.37
CA ALA A 4 2.88 -10.91 -1.62
C ALA A 4 3.87 -11.99 -1.24
N GLU A 5 5.15 -11.67 -1.33
CA GLU A 5 6.21 -12.63 -1.00
C GLU A 5 6.99 -12.16 0.24
N THR A 6 7.16 -10.85 0.36
CA THR A 6 7.88 -10.28 1.49
C THR A 6 6.93 -9.84 2.59
N TRP A 7 5.78 -9.30 2.21
CA TRP A 7 4.78 -8.84 3.17
C TRP A 7 3.69 -9.88 3.34
N VAL A 8 2.96 -9.79 4.46
CA VAL A 8 1.88 -10.73 4.75
C VAL A 8 0.52 -10.03 4.72
N GLN A 9 -0.52 -10.80 4.44
CA GLN A 9 -1.88 -10.24 4.38
C GLN A 9 -2.12 -9.28 5.53
N ASP A 10 -1.81 -9.71 6.75
CA ASP A 10 -1.98 -8.88 7.93
C ASP A 10 -1.32 -7.52 7.74
N GLU A 11 0.00 -7.53 7.61
CA GLU A 11 0.75 -6.29 7.43
C GLU A 11 0.21 -5.49 6.25
N THR A 12 0.30 -6.08 5.06
CA THR A 12 -0.17 -5.42 3.85
C THR A 12 -1.47 -4.66 4.11
N ARG A 13 -2.51 -5.39 4.53
CA ARG A 13 -3.80 -4.78 4.81
C ARG A 13 -3.65 -3.60 5.76
N SER A 14 -2.99 -3.83 6.89
CA SER A 14 -2.77 -2.78 7.88
C SER A 14 -2.33 -1.48 7.22
N LEU A 15 -1.39 -1.60 6.28
CA LEU A 15 -0.87 -0.44 5.57
C LEU A 15 -1.94 0.15 4.64
N ILE A 16 -2.58 -0.72 3.87
CA ILE A 16 -3.63 -0.29 2.95
C ILE A 16 -4.64 0.60 3.63
N MET A 17 -5.29 0.08 4.67
CA MET A 17 -6.28 0.84 5.42
C MET A 17 -5.71 2.18 5.88
N PHE A 18 -4.66 2.12 6.68
CA PHE A 18 -4.02 3.32 7.19
C PHE A 18 -3.81 4.34 6.08
N ARG A 19 -3.47 3.85 4.89
CA ARG A 19 -3.24 4.72 3.74
C ARG A 19 -4.54 5.37 3.28
N ARG A 20 -5.56 4.54 3.04
CA ARG A 20 -6.85 5.05 2.59
C ARG A 20 -7.27 6.27 3.41
N GLY A 21 -7.20 6.16 4.73
CA GLY A 21 -7.56 7.26 5.58
C GLY A 21 -6.68 8.47 5.40
N MET A 22 -5.38 8.23 5.27
CA MET A 22 -4.41 9.31 5.08
C MET A 22 -4.57 9.96 3.70
N ASP A 23 -5.15 9.21 2.77
CA ASP A 23 -5.37 9.70 1.41
C ASP A 23 -5.73 11.18 1.43
N GLY A 24 -6.85 11.51 2.08
CA GLY A 24 -7.28 12.89 2.15
C GLY A 24 -6.12 13.85 2.30
N LEU A 25 -5.18 13.51 3.17
CA LEU A 25 -4.01 14.36 3.41
C LEU A 25 -3.17 14.50 2.15
N PHE A 26 -2.75 13.36 1.60
CA PHE A 26 -1.94 13.35 0.39
C PHE A 26 -2.44 14.38 -0.62
N ASN A 27 -3.76 14.41 -0.80
CA ASN A 27 -4.38 15.34 -1.74
C ASN A 27 -4.09 16.79 -1.33
N THR A 28 -4.34 17.10 -0.06
CA THR A 28 -4.11 18.44 0.46
C THR A 28 -2.64 18.66 0.81
N SER A 29 -1.75 18.12 -0.03
CA SER A 29 -0.32 18.26 0.19
C SER A 29 0.47 17.77 -1.02
N LYS A 30 1.40 18.60 -1.49
CA LYS A 30 2.22 18.25 -2.65
C LYS A 30 3.03 17.00 -2.37
N SER A 31 3.89 17.06 -1.35
CA SER A 31 4.73 15.92 -0.99
C SER A 31 4.10 15.12 0.13
N ASN A 32 4.39 13.82 0.15
CA ASN A 32 3.85 12.93 1.17
C ASN A 32 4.97 12.37 2.06
N LYS A 33 5.98 13.19 2.31
CA LYS A 33 7.10 12.79 3.14
C LYS A 33 6.65 12.56 4.58
N HIS A 34 6.04 13.57 5.18
CA HIS A 34 5.57 13.47 6.55
C HIS A 34 4.49 12.39 6.68
N LEU A 35 3.61 12.32 5.68
CA LEU A 35 2.53 11.34 5.69
C LEU A 35 3.09 9.92 5.73
N TRP A 36 4.06 9.65 4.86
CA TRP A 36 4.68 8.32 4.80
C TRP A 36 5.23 7.92 6.17
N GLU A 37 6.15 8.73 6.69
CA GLU A 37 6.75 8.45 7.99
C GLU A 37 5.68 8.22 9.05
N GLN A 38 4.60 9.00 8.97
CA GLN A 38 3.51 8.88 9.93
C GLN A 38 2.90 7.48 9.89
N ILE A 39 2.47 7.06 8.71
CA ILE A 39 1.87 5.75 8.53
C ILE A 39 2.70 4.67 9.22
N SER A 40 4.00 4.67 8.95
CA SER A 40 4.90 3.69 9.54
C SER A 40 4.75 3.66 11.06
N SER A 41 4.77 4.84 11.67
CA SER A 41 4.64 4.94 13.13
C SER A 41 3.39 4.22 13.61
N LYS A 42 2.28 4.45 12.91
CA LYS A 42 1.00 3.82 13.27
C LYS A 42 1.11 2.30 13.21
N MET A 43 1.93 1.81 12.27
CA MET A 43 2.12 0.37 12.12
C MET A 43 2.89 -0.21 13.30
N ARG A 44 3.93 0.50 13.74
CA ARG A 44 4.74 0.05 14.86
C ARG A 44 3.91 -0.02 16.14
N GLU A 45 3.17 1.05 16.42
CA GLU A 45 2.34 1.10 17.62
C GLU A 45 1.28 0.00 17.59
N LYS A 46 0.78 -0.31 16.39
CA LYS A 46 -0.23 -1.34 16.24
C LYS A 46 0.37 -2.73 16.44
N GLY A 47 1.57 -2.94 15.90
CA GLY A 47 2.23 -4.23 16.04
C GLY A 47 2.90 -4.67 14.75
N PHE A 48 3.44 -3.72 14.01
CA PHE A 48 4.11 -4.02 12.75
C PHE A 48 5.34 -3.14 12.56
N ASP A 49 6.52 -3.74 12.74
CA ASP A 49 7.77 -3.01 12.59
C ASP A 49 8.22 -2.99 11.13
N ARG A 50 7.93 -1.89 10.45
CA ARG A 50 8.30 -1.75 9.05
C ARG A 50 8.82 -0.34 8.76
N SER A 51 9.71 -0.23 7.78
CA SER A 51 10.30 1.05 7.41
C SER A 51 9.31 1.89 6.61
N PRO A 52 9.48 3.22 6.64
CA PRO A 52 8.62 4.15 5.92
C PRO A 52 8.81 4.07 4.41
N THR A 53 10.05 3.91 3.98
CA THR A 53 10.37 3.81 2.57
C THR A 53 9.74 2.56 1.94
N MET A 54 9.64 1.50 2.73
CA MET A 54 9.06 0.25 2.26
C MET A 54 7.59 0.44 1.90
N CYS A 55 6.85 1.10 2.78
CA CYS A 55 5.43 1.34 2.55
C CYS A 55 5.22 2.22 1.32
N THR A 56 6.08 3.21 1.15
CA THR A 56 5.98 4.12 0.02
C THR A 56 6.05 3.36 -1.31
N ASP A 57 7.14 2.63 -1.50
CA ASP A 57 7.32 1.85 -2.72
C ASP A 57 6.25 0.78 -2.85
N LYS A 58 6.03 0.04 -1.78
CA LYS A 58 5.03 -1.02 -1.76
C LYS A 58 3.67 -0.50 -2.25
N TRP A 59 3.26 0.64 -1.71
CA TRP A 59 1.99 1.24 -2.08
C TRP A 59 1.91 1.46 -3.59
N ARG A 60 2.92 2.13 -4.14
CA ARG A 60 2.97 2.40 -5.57
C ARG A 60 2.67 1.13 -6.38
N ASN A 61 3.22 0.01 -5.92
CA ASN A 61 3.01 -1.26 -6.60
C ASN A 61 1.54 -1.65 -6.58
N LEU A 62 0.91 -1.55 -5.41
CA LEU A 62 -0.50 -1.89 -5.26
C LEU A 62 -1.34 -1.15 -6.30
N LEU A 63 -1.09 0.13 -6.46
CA LEU A 63 -1.82 0.95 -7.42
C LEU A 63 -1.71 0.37 -8.83
N LYS A 64 -0.47 0.11 -9.26
CA LYS A 64 -0.23 -0.45 -10.58
C LYS A 64 -1.14 -1.64 -10.85
N GLU A 65 -1.28 -2.51 -9.85
CA GLU A 65 -2.13 -3.69 -9.99
C GLU A 65 -3.61 -3.31 -9.95
N PHE A 66 -3.95 -2.44 -9.01
CA PHE A 66 -5.34 -2.00 -8.86
C PHE A 66 -5.90 -1.52 -10.19
N LYS A 67 -5.04 -0.94 -11.02
CA LYS A 67 -5.45 -0.45 -12.33
C LYS A 67 -5.66 -1.59 -13.31
N LYS A 68 -4.79 -2.60 -13.23
CA LYS A 68 -4.88 -3.76 -14.11
C LYS A 68 -5.68 -4.88 -13.45
N ALA A 69 -6.60 -4.51 -12.57
CA ALA A 69 -7.44 -5.47 -11.87
C ALA A 69 -8.44 -6.12 -12.81
N LYS A 70 -9.27 -7.01 -12.28
CA LYS A 70 -10.27 -7.70 -13.08
C LYS A 70 -10.87 -6.76 -14.13
N HIS A 71 -11.21 -5.54 -13.71
CA HIS A 71 -11.78 -4.56 -14.61
C HIS A 71 -11.18 -4.68 -16.01
N HIS A 72 -12.02 -4.53 -17.03
CA HIS A 72 -11.58 -4.62 -18.41
C HIS A 72 -10.32 -3.77 -18.64
N ASP A 73 -10.49 -2.45 -18.57
CA ASP A 73 -9.39 -1.53 -18.78
C ASP A 73 -9.78 -0.12 -18.34
N ARG A 74 -8.91 0.50 -17.53
CA ARG A 74 -9.17 1.85 -17.04
C ARG A 74 -8.12 2.83 -17.58
N GLY A 75 -7.79 2.68 -18.86
CA GLY A 75 -6.81 3.56 -19.48
C GLY A 75 -6.50 3.16 -20.91
N ASN A 76 -5.23 3.26 -21.29
CA ASN A 76 -4.80 2.92 -22.63
C ASN A 76 -4.66 1.40 -22.78
N GLY A 77 -4.10 0.76 -21.76
CA GLY A 77 -3.91 -0.67 -21.79
C GLY A 77 -2.92 -1.11 -22.85
N SER A 78 -3.41 -1.79 -23.89
CA SER A 78 -2.55 -2.27 -24.96
C SER A 78 -1.45 -3.18 -24.41
N ALA A 79 -1.83 -4.08 -23.51
CA ALA A 79 -0.87 -5.01 -22.91
C ALA A 79 -0.63 -6.21 -23.83
N LYS A 80 -1.72 -6.81 -24.30
CA LYS A 80 -1.63 -7.97 -25.18
C LYS A 80 -0.52 -7.78 -26.21
N MET A 81 0.39 -8.75 -26.28
CA MET A 81 1.50 -8.70 -27.22
C MET A 81 1.56 -9.97 -28.06
N SER A 82 2.07 -9.84 -29.29
CA SER A 82 2.18 -10.98 -30.19
C SER A 82 3.59 -11.57 -30.15
N TYR A 83 3.75 -12.75 -30.75
CA TYR A 83 5.05 -13.42 -30.78
C TYR A 83 5.37 -13.90 -32.18
N TYR A 84 6.62 -14.31 -32.39
CA TYR A 84 7.06 -14.79 -33.70
C TYR A 84 7.09 -16.31 -33.73
N LYS A 85 7.23 -16.86 -34.93
CA LYS A 85 7.27 -18.31 -35.11
C LYS A 85 8.68 -18.85 -34.90
N GLU A 86 8.83 -20.17 -34.97
CA GLU A 86 10.13 -20.81 -34.80
C GLU A 86 11.24 -19.97 -35.45
N LYS A 1 20.99 -11.16 5.15
CA LYS A 1 21.32 -11.79 3.88
C LYS A 1 20.38 -12.95 3.59
N LYS A 2 20.33 -13.91 4.50
CA LYS A 2 19.45 -15.07 4.34
C LYS A 2 18.19 -14.93 5.17
N ARG A 3 17.24 -14.15 4.68
CA ARG A 3 15.97 -13.94 5.38
C ARG A 3 14.87 -13.55 4.41
N ALA A 4 13.81 -14.36 4.37
CA ALA A 4 12.68 -14.10 3.49
C ALA A 4 11.72 -13.08 4.11
N GLU A 5 11.81 -11.84 3.67
CA GLU A 5 10.96 -10.77 4.17
C GLU A 5 9.67 -10.68 3.36
N THR A 6 8.68 -11.48 3.73
CA THR A 6 7.40 -11.49 3.04
C THR A 6 6.31 -10.85 3.89
N TRP A 7 5.43 -10.10 3.24
CA TRP A 7 4.33 -9.43 3.93
C TRP A 7 3.15 -10.38 4.13
N VAL A 8 2.45 -10.21 5.25
CA VAL A 8 1.30 -11.06 5.56
C VAL A 8 0.00 -10.31 5.29
N GLN A 9 -1.05 -11.07 4.96
CA GLN A 9 -2.36 -10.48 4.68
C GLN A 9 -2.63 -9.30 5.61
N ASP A 10 -2.67 -9.57 6.91
CA ASP A 10 -2.93 -8.53 7.90
C ASP A 10 -2.11 -7.27 7.59
N GLU A 11 -0.80 -7.37 7.77
CA GLU A 11 0.10 -6.25 7.51
C GLU A 11 -0.30 -5.53 6.22
N THR A 12 -0.16 -6.22 5.10
CA THR A 12 -0.49 -5.64 3.79
C THR A 12 -1.83 -4.92 3.85
N ARG A 13 -2.77 -5.48 4.59
CA ARG A 13 -4.10 -4.88 4.73
C ARG A 13 -4.06 -3.68 5.67
N SER A 14 -3.16 -3.73 6.65
CA SER A 14 -3.03 -2.65 7.62
C SER A 14 -2.54 -1.37 6.95
N LEU A 15 -1.62 -1.53 6.00
CA LEU A 15 -1.07 -0.39 5.27
C LEU A 15 -2.07 0.16 4.27
N ILE A 16 -2.66 -0.74 3.48
CA ILE A 16 -3.64 -0.34 2.48
C ILE A 16 -4.67 0.62 3.06
N MET A 17 -5.27 0.22 4.18
CA MET A 17 -6.28 1.05 4.83
C MET A 17 -5.66 2.34 5.36
N PHE A 18 -4.51 2.22 6.02
CA PHE A 18 -3.82 3.37 6.57
C PHE A 18 -3.63 4.45 5.51
N ARG A 19 -3.26 4.04 4.30
CA ARG A 19 -3.05 4.96 3.20
C ARG A 19 -4.39 5.44 2.63
N ARG A 20 -5.34 4.51 2.53
CA ARG A 20 -6.66 4.84 1.99
C ARG A 20 -7.36 5.88 2.84
N GLY A 21 -7.05 5.88 4.15
CA GLY A 21 -7.65 6.83 5.05
C GLY A 21 -6.90 8.14 5.12
N MET A 22 -5.59 8.08 4.95
CA MET A 22 -4.75 9.27 4.98
C MET A 22 -4.76 9.97 3.63
N ASP A 23 -5.21 9.27 2.59
CA ASP A 23 -5.27 9.82 1.25
C ASP A 23 -5.68 11.29 1.29
N GLY A 24 -6.81 11.57 1.95
CA GLY A 24 -7.30 12.93 2.05
C GLY A 24 -6.18 13.94 2.17
N LEU A 25 -5.19 13.63 3.00
CA LEU A 25 -4.06 14.53 3.21
C LEU A 25 -3.23 14.65 1.93
N PHE A 26 -2.76 13.52 1.42
CA PHE A 26 -1.95 13.51 0.20
C PHE A 26 -2.55 14.44 -0.85
N ASN A 27 -3.88 14.43 -0.95
CA ASN A 27 -4.58 15.27 -1.92
C ASN A 27 -4.40 16.75 -1.59
N THR A 28 -4.52 17.08 -0.31
CA THR A 28 -4.37 18.46 0.13
C THR A 28 -3.29 18.58 1.21
N SER A 29 -2.04 18.72 0.77
CA SER A 29 -0.92 18.84 1.69
C SER A 29 0.27 19.52 1.02
N LYS A 30 0.96 20.37 1.78
CA LYS A 30 2.11 21.09 1.26
C LYS A 30 3.24 20.12 0.91
N SER A 31 3.04 18.84 1.23
CA SER A 31 4.05 17.82 0.95
C SER A 31 3.47 16.42 1.16
N ASN A 32 4.31 15.42 0.97
CA ASN A 32 3.89 14.03 1.13
C ASN A 32 4.88 13.25 1.99
N LYS A 33 6.17 13.53 1.80
CA LYS A 33 7.22 12.86 2.55
C LYS A 33 6.83 12.74 4.02
N HIS A 34 6.28 13.80 4.58
CA HIS A 34 5.86 13.81 5.98
C HIS A 34 4.75 12.80 6.22
N LEU A 35 3.85 12.67 5.25
CA LEU A 35 2.74 11.73 5.35
C LEU A 35 3.24 10.30 5.48
N TRP A 36 4.18 9.93 4.62
CA TRP A 36 4.74 8.58 4.63
C TRP A 36 5.37 8.28 5.99
N GLU A 37 6.08 9.25 6.53
CA GLU A 37 6.74 9.08 7.83
C GLU A 37 5.73 8.75 8.91
N GLN A 38 4.57 9.42 8.86
CA GLN A 38 3.52 9.20 9.84
C GLN A 38 3.06 7.74 9.84
N ILE A 39 2.67 7.25 8.66
CA ILE A 39 2.21 5.87 8.53
C ILE A 39 3.20 4.90 9.17
N SER A 40 4.49 5.14 8.93
CA SER A 40 5.54 4.29 9.48
C SER A 40 5.41 4.16 11.00
N SER A 41 5.52 5.30 11.68
CA SER A 41 5.41 5.31 13.14
C SER A 41 4.20 4.52 13.60
N LYS A 42 3.07 4.72 12.93
CA LYS A 42 1.83 4.01 13.27
C LYS A 42 2.01 2.50 13.15
N MET A 43 2.26 2.04 11.94
CA MET A 43 2.45 0.61 11.69
C MET A 43 3.22 -0.04 12.84
N ARG A 44 4.19 0.68 13.38
CA ARG A 44 5.00 0.17 14.48
C ARG A 44 4.15 -0.03 15.73
N GLU A 45 3.42 1.02 16.12
CA GLU A 45 2.56 0.95 17.30
C GLU A 45 1.47 -0.10 17.12
N LYS A 46 1.12 -0.36 15.86
CA LYS A 46 0.08 -1.35 15.56
C LYS A 46 0.65 -2.77 15.60
N GLY A 47 1.81 -2.91 16.24
CA GLY A 47 2.43 -4.22 16.35
C GLY A 47 3.10 -4.65 15.04
N PHE A 48 3.28 -3.70 14.13
CA PHE A 48 3.91 -3.99 12.85
C PHE A 48 5.14 -3.11 12.63
N ASP A 49 6.31 -3.70 12.81
CA ASP A 49 7.56 -2.98 12.63
C ASP A 49 8.02 -3.01 11.18
N ARG A 50 7.80 -1.91 10.46
CA ARG A 50 8.19 -1.82 9.06
C ARG A 50 8.71 -0.44 8.73
N SER A 51 9.71 -0.37 7.85
CA SER A 51 10.31 0.89 7.45
C SER A 51 9.33 1.73 6.63
N PRO A 52 9.57 3.04 6.55
CA PRO A 52 8.73 3.96 5.80
C PRO A 52 8.83 3.75 4.29
N THR A 53 10.06 3.56 3.81
CA THR A 53 10.28 3.35 2.39
C THR A 53 9.57 2.09 1.90
N MET A 54 9.53 1.07 2.75
CA MET A 54 8.88 -0.19 2.40
C MET A 54 7.41 0.04 2.04
N CYS A 55 6.69 0.73 2.91
CA CYS A 55 5.28 1.02 2.68
C CYS A 55 5.08 1.79 1.39
N THR A 56 5.97 2.75 1.13
CA THR A 56 5.89 3.55 -0.08
C THR A 56 5.96 2.68 -1.33
N ASP A 57 7.08 1.98 -1.50
CA ASP A 57 7.26 1.11 -2.66
C ASP A 57 6.20 0.02 -2.68
N LYS A 58 5.91 -0.55 -1.52
CA LYS A 58 4.91 -1.61 -1.42
C LYS A 58 3.57 -1.15 -1.97
N TRP A 59 3.15 0.05 -1.57
CA TRP A 59 1.89 0.61 -2.02
C TRP A 59 1.83 0.69 -3.54
N ARG A 60 2.87 1.25 -4.14
CA ARG A 60 2.95 1.39 -5.59
C ARG A 60 2.71 0.03 -6.27
N ASN A 61 3.32 -1.01 -5.74
CA ASN A 61 3.18 -2.35 -6.30
C ASN A 61 1.71 -2.81 -6.22
N LEU A 62 1.06 -2.47 -5.12
CA LEU A 62 -0.34 -2.85 -4.91
C LEU A 62 -1.22 -2.26 -6.00
N LEU A 63 -0.88 -1.04 -6.44
CA LEU A 63 -1.65 -0.36 -7.48
C LEU A 63 -1.44 -1.04 -8.83
N LYS A 64 -0.23 -1.49 -9.09
CA LYS A 64 0.11 -2.14 -10.35
C LYS A 64 -0.53 -3.53 -10.41
N GLU A 65 -0.54 -4.23 -9.29
CA GLU A 65 -1.13 -5.57 -9.22
C GLU A 65 -2.65 -5.48 -9.15
N PHE A 66 -3.16 -4.38 -8.61
CA PHE A 66 -4.60 -4.18 -8.48
C PHE A 66 -5.24 -3.93 -9.84
N LYS A 67 -4.57 -3.12 -10.67
CA LYS A 67 -5.06 -2.80 -11.99
C LYS A 67 -5.35 -4.06 -12.79
N LYS A 68 -4.38 -4.98 -12.81
CA LYS A 68 -4.53 -6.23 -13.54
C LYS A 68 -5.94 -6.81 -13.36
N ALA A 69 -6.36 -6.93 -12.11
CA ALA A 69 -7.69 -7.47 -11.81
C ALA A 69 -8.77 -6.69 -12.56
N LYS A 70 -10.01 -7.17 -12.46
CA LYS A 70 -11.13 -6.53 -13.14
C LYS A 70 -11.20 -5.05 -12.78
N HIS A 71 -12.17 -4.35 -13.37
CA HIS A 71 -12.34 -2.93 -13.12
C HIS A 71 -13.12 -2.70 -11.82
N HIS A 72 -12.62 -1.79 -10.99
CA HIS A 72 -13.26 -1.48 -9.72
C HIS A 72 -13.59 0.01 -9.62
N ASP A 73 -14.47 0.36 -8.70
CA ASP A 73 -14.86 1.75 -8.51
C ASP A 73 -13.65 2.67 -8.54
N ARG A 74 -13.44 3.32 -9.68
CA ARG A 74 -12.31 4.23 -9.83
C ARG A 74 -12.79 5.68 -9.94
N GLY A 75 -11.87 6.62 -9.77
CA GLY A 75 -12.21 8.02 -9.85
C GLY A 75 -11.87 8.62 -11.20
N ASN A 76 -12.76 9.46 -11.71
CA ASN A 76 -12.56 10.11 -13.01
C ASN A 76 -11.64 11.32 -12.88
N GLY A 77 -11.85 12.10 -11.82
CA GLY A 77 -11.04 13.28 -11.59
C GLY A 77 -11.56 14.50 -12.33
N SER A 78 -11.25 15.68 -11.81
CA SER A 78 -11.71 16.93 -12.42
C SER A 78 -10.70 18.05 -12.18
N ALA A 79 -10.88 19.16 -12.89
CA ALA A 79 -9.99 20.30 -12.75
C ALA A 79 -10.58 21.34 -11.80
N LYS A 80 -11.78 21.80 -12.11
CA LYS A 80 -12.44 22.81 -11.28
C LYS A 80 -11.66 24.11 -11.25
N MET A 81 -11.18 24.53 -12.42
CA MET A 81 -10.42 25.76 -12.53
C MET A 81 -9.44 25.89 -11.37
N SER A 82 -8.77 24.80 -11.03
CA SER A 82 -7.80 24.79 -9.94
C SER A 82 -6.49 25.42 -10.38
N TYR A 83 -6.06 26.46 -9.67
CA TYR A 83 -4.82 27.15 -9.98
C TYR A 83 -3.99 27.37 -8.73
N TYR A 84 -2.67 27.33 -8.88
CA TYR A 84 -1.76 27.52 -7.76
C TYR A 84 -1.38 28.99 -7.61
N LYS A 85 -0.97 29.36 -6.41
CA LYS A 85 -0.58 30.74 -6.13
C LYS A 85 0.00 30.87 -4.72
N GLU A 86 1.28 31.23 -4.64
CA GLU A 86 1.93 31.39 -3.35
C GLU A 86 1.90 32.85 -2.89
N LYS A 1 -7.97 -10.69 -4.47
CA LYS A 1 -7.03 -10.31 -3.44
C LYS A 1 -5.75 -11.14 -3.53
N LYS A 2 -4.67 -10.50 -3.94
CA LYS A 2 -3.38 -11.17 -4.07
C LYS A 2 -2.64 -11.20 -2.73
N ARG A 3 -1.88 -12.26 -2.50
CA ARG A 3 -1.12 -12.40 -1.27
C ARG A 3 0.38 -12.47 -1.56
N ALA A 4 1.18 -12.08 -0.57
CA ALA A 4 2.63 -12.10 -0.72
C ALA A 4 3.29 -12.91 0.39
N GLU A 5 4.58 -13.19 0.23
CA GLU A 5 5.32 -13.97 1.21
C GLU A 5 6.07 -13.06 2.17
N THR A 6 6.54 -11.92 1.67
CA THR A 6 7.27 -10.96 2.49
C THR A 6 6.33 -10.18 3.39
N TRP A 7 5.08 -10.00 2.94
CA TRP A 7 4.09 -9.28 3.72
C TRP A 7 2.90 -10.16 4.03
N VAL A 8 2.49 -10.18 5.30
CA VAL A 8 1.36 -10.99 5.73
C VAL A 8 0.06 -10.20 5.65
N GLN A 9 -1.02 -10.89 5.31
CA GLN A 9 -2.33 -10.24 5.21
C GLN A 9 -2.50 -9.18 6.29
N ASP A 10 -2.23 -9.54 7.54
CA ASP A 10 -2.36 -8.62 8.65
C ASP A 10 -1.62 -7.31 8.36
N GLU A 11 -0.36 -7.42 7.95
CA GLU A 11 0.44 -6.25 7.63
C GLU A 11 -0.10 -5.53 6.40
N THR A 12 0.01 -6.19 5.25
CA THR A 12 -0.46 -5.61 4.00
C THR A 12 -1.74 -4.82 4.21
N ARG A 13 -2.73 -5.46 4.82
CA ARG A 13 -4.01 -4.81 5.08
C ARG A 13 -3.82 -3.54 5.90
N SER A 14 -3.22 -3.68 7.08
CA SER A 14 -2.98 -2.55 7.96
C SER A 14 -2.44 -1.35 7.18
N LEU A 15 -1.56 -1.64 6.21
CA LEU A 15 -0.98 -0.58 5.38
C LEU A 15 -2.01 0.03 4.46
N ILE A 16 -2.56 -0.78 3.57
CA ILE A 16 -3.57 -0.33 2.63
C ILE A 16 -4.56 0.62 3.30
N MET A 17 -5.15 0.15 4.41
CA MET A 17 -6.12 0.95 5.15
C MET A 17 -5.51 2.29 5.58
N PHE A 18 -4.36 2.22 6.24
CA PHE A 18 -3.68 3.42 6.71
C PHE A 18 -3.55 4.44 5.59
N ARG A 19 -3.15 3.97 4.41
CA ARG A 19 -2.99 4.84 3.25
C ARG A 19 -4.33 5.39 2.78
N ARG A 20 -5.33 4.53 2.74
CA ARG A 20 -6.67 4.92 2.32
C ARG A 20 -7.20 6.07 3.17
N GLY A 21 -6.94 6.00 4.47
CA GLY A 21 -7.39 7.04 5.38
C GLY A 21 -6.64 8.35 5.18
N MET A 22 -5.33 8.25 4.96
CA MET A 22 -4.51 9.44 4.75
C MET A 22 -4.73 10.02 3.36
N ASP A 23 -5.37 9.24 2.49
CA ASP A 23 -5.64 9.69 1.13
C ASP A 23 -5.96 11.18 1.10
N GLY A 24 -6.92 11.58 1.92
CA GLY A 24 -7.32 12.98 1.97
C GLY A 24 -6.13 13.90 2.13
N LEU A 25 -5.30 13.64 3.13
CA LEU A 25 -4.12 14.46 3.40
C LEU A 25 -3.24 14.56 2.15
N PHE A 26 -2.91 13.40 1.59
CA PHE A 26 -2.08 13.35 0.39
C PHE A 26 -2.61 14.28 -0.70
N ASN A 27 -3.94 14.27 -0.86
CA ASN A 27 -4.58 15.10 -1.87
C ASN A 27 -4.45 16.58 -1.51
N THR A 28 -4.87 16.94 -0.31
CA THR A 28 -4.79 18.32 0.16
C THR A 28 -3.52 18.57 0.97
N SER A 29 -2.38 18.61 0.27
CA SER A 29 -1.10 18.83 0.93
C SER A 29 -0.02 19.16 -0.09
N LYS A 30 1.06 19.78 0.37
CA LYS A 30 2.16 20.17 -0.49
C LYS A 30 3.24 19.08 -0.52
N SER A 31 3.49 18.48 0.64
CA SER A 31 4.49 17.43 0.76
C SER A 31 3.85 16.11 1.18
N ASN A 32 4.57 15.02 0.97
CA ASN A 32 4.08 13.69 1.32
C ASN A 32 5.06 12.97 2.23
N LYS A 33 6.34 13.32 2.11
CA LYS A 33 7.39 12.71 2.92
C LYS A 33 6.92 12.51 4.36
N HIS A 34 6.33 13.56 4.93
CA HIS A 34 5.84 13.50 6.30
C HIS A 34 4.68 12.53 6.42
N LEU A 35 3.85 12.47 5.38
CA LEU A 35 2.69 11.58 5.37
C LEU A 35 3.13 10.12 5.40
N TRP A 36 4.26 9.83 4.76
CA TRP A 36 4.79 8.48 4.72
C TRP A 36 5.35 8.06 6.08
N GLU A 37 6.36 8.80 6.54
CA GLU A 37 6.98 8.52 7.84
C GLU A 37 5.92 8.27 8.91
N GLN A 38 4.82 9.01 8.83
CA GLN A 38 3.74 8.88 9.80
C GLN A 38 3.09 7.50 9.70
N ILE A 39 2.55 7.18 8.52
CA ILE A 39 1.90 5.90 8.30
C ILE A 39 2.73 4.76 8.90
N SER A 40 4.03 4.78 8.65
CA SER A 40 4.92 3.74 9.16
C SER A 40 4.88 3.71 10.68
N SER A 41 4.91 4.87 11.30
CA SER A 41 4.89 4.98 12.76
C SER A 41 3.59 4.42 13.32
N LYS A 42 2.48 4.74 12.65
CA LYS A 42 1.17 4.27 13.08
C LYS A 42 1.12 2.75 13.11
N MET A 43 1.66 2.12 12.07
CA MET A 43 1.68 0.67 11.98
C MET A 43 2.41 0.06 13.18
N ARG A 44 3.67 0.44 13.35
CA ARG A 44 4.48 -0.06 14.45
C ARG A 44 3.70 -0.03 15.76
N GLU A 45 3.01 1.07 16.01
CA GLU A 45 2.22 1.23 17.23
C GLU A 45 1.28 0.04 17.42
N LYS A 46 0.67 -0.41 16.33
CA LYS A 46 -0.25 -1.53 16.38
C LYS A 46 0.50 -2.85 16.58
N GLY A 47 1.63 -3.00 15.88
CA GLY A 47 2.42 -4.21 16.00
C GLY A 47 3.03 -4.63 14.68
N PHE A 48 3.57 -3.66 13.94
CA PHE A 48 4.18 -3.94 12.65
C PHE A 48 5.44 -3.10 12.45
N ASP A 49 6.60 -3.74 12.55
CA ASP A 49 7.87 -3.05 12.39
C ASP A 49 8.32 -3.09 10.93
N ARG A 50 8.02 -2.03 10.19
CA ARG A 50 8.39 -1.94 8.79
C ARG A 50 8.81 -0.52 8.43
N SER A 51 10.02 -0.40 7.89
CA SER A 51 10.56 0.91 7.51
C SER A 51 9.55 1.68 6.65
N PRO A 52 9.74 3.01 6.57
CA PRO A 52 8.86 3.88 5.80
C PRO A 52 9.01 3.67 4.29
N THR A 53 10.25 3.49 3.85
CA THR A 53 10.53 3.27 2.44
C THR A 53 9.74 2.09 1.89
N MET A 54 9.64 1.03 2.68
CA MET A 54 8.91 -0.17 2.27
C MET A 54 7.47 0.18 1.90
N CYS A 55 6.77 0.81 2.82
CA CYS A 55 5.37 1.19 2.59
C CYS A 55 5.25 2.05 1.34
N THR A 56 6.29 2.83 1.05
CA THR A 56 6.30 3.69 -0.12
C THR A 56 6.32 2.88 -1.41
N ASP A 57 7.38 2.09 -1.59
CA ASP A 57 7.51 1.26 -2.78
C ASP A 57 6.37 0.25 -2.88
N LYS A 58 6.11 -0.45 -1.78
CA LYS A 58 5.04 -1.44 -1.73
C LYS A 58 3.73 -0.84 -2.22
N TRP A 59 3.34 0.27 -1.60
CA TRP A 59 2.09 0.94 -1.97
C TRP A 59 1.98 1.11 -3.48
N ARG A 60 2.97 1.76 -4.07
CA ARG A 60 2.99 1.98 -5.51
C ARG A 60 2.66 0.71 -6.26
N ASN A 61 3.31 -0.39 -5.87
CA ASN A 61 3.07 -1.69 -6.50
C ASN A 61 1.63 -2.13 -6.34
N LEU A 62 1.08 -1.92 -5.14
CA LEU A 62 -0.29 -2.30 -4.85
C LEU A 62 -1.26 -1.64 -5.82
N LEU A 63 -0.93 -0.42 -6.23
CA LEU A 63 -1.78 0.33 -7.16
C LEU A 63 -1.72 -0.29 -8.56
N LYS A 64 -0.51 -0.59 -9.01
CA LYS A 64 -0.31 -1.19 -10.33
C LYS A 64 -0.95 -2.58 -10.39
N GLU A 65 -0.81 -3.34 -9.31
CA GLU A 65 -1.38 -4.68 -9.24
C GLU A 65 -2.88 -4.62 -9.04
N PHE A 66 -3.33 -3.64 -8.27
CA PHE A 66 -4.75 -3.49 -7.97
C PHE A 66 -5.54 -3.26 -9.26
N LYS A 67 -5.04 -2.39 -10.12
CA LYS A 67 -5.69 -2.09 -11.39
C LYS A 67 -5.92 -3.36 -12.20
N LYS A 68 -4.91 -4.22 -12.23
CA LYS A 68 -4.99 -5.48 -12.97
C LYS A 68 -6.34 -6.15 -12.75
N ALA A 69 -6.74 -6.26 -11.49
CA ALA A 69 -8.01 -6.88 -11.14
C ALA A 69 -9.14 -6.36 -12.04
N LYS A 70 -9.75 -7.27 -12.79
CA LYS A 70 -10.84 -6.92 -13.70
C LYS A 70 -11.84 -6.00 -13.00
N HIS A 71 -12.16 -6.32 -11.75
CA HIS A 71 -13.10 -5.51 -10.98
C HIS A 71 -12.42 -4.27 -10.41
N HIS A 72 -12.60 -3.14 -11.10
CA HIS A 72 -12.00 -1.88 -10.66
C HIS A 72 -12.57 -0.71 -11.45
N ASP A 73 -13.35 0.13 -10.78
CA ASP A 73 -13.96 1.28 -11.43
C ASP A 73 -12.92 2.39 -11.66
N ARG A 74 -12.15 2.70 -10.63
CA ARG A 74 -11.12 3.72 -10.71
C ARG A 74 -10.33 3.58 -12.02
N GLY A 75 -9.89 4.71 -12.56
CA GLY A 75 -9.12 4.69 -13.78
C GLY A 75 -9.98 4.38 -14.99
N ASN A 76 -11.09 5.09 -15.14
CA ASN A 76 -12.00 4.87 -16.26
C ASN A 76 -11.80 5.93 -17.33
N GLY A 77 -11.61 7.18 -16.91
CA GLY A 77 -11.41 8.27 -17.85
C GLY A 77 -11.67 9.62 -17.22
N SER A 78 -10.81 10.59 -17.55
CA SER A 78 -10.94 11.94 -17.00
C SER A 78 -11.88 12.77 -17.87
N ALA A 79 -12.81 13.47 -17.21
CA ALA A 79 -13.78 14.31 -17.92
C ALA A 79 -13.10 15.52 -18.53
N LYS A 80 -12.33 16.23 -17.71
CA LYS A 80 -11.61 17.42 -18.16
C LYS A 80 -10.57 17.07 -19.21
N MET A 81 -10.58 17.79 -20.32
CA MET A 81 -9.62 17.55 -21.39
C MET A 81 -8.25 18.12 -21.04
N SER A 82 -7.22 17.60 -21.69
CA SER A 82 -5.86 18.06 -21.44
C SER A 82 -5.38 18.99 -22.55
N TYR A 83 -4.29 19.70 -22.29
CA TYR A 83 -3.74 20.63 -23.26
C TYR A 83 -3.55 19.97 -24.62
N TYR A 84 -3.37 18.65 -24.61
CA TYR A 84 -3.18 17.89 -25.83
C TYR A 84 -4.40 17.02 -26.13
N LYS A 85 -4.97 17.21 -27.31
CA LYS A 85 -6.14 16.44 -27.72
C LYS A 85 -5.73 15.10 -28.32
N GLU A 86 -4.69 14.50 -27.76
CA GLU A 86 -4.20 13.21 -28.23
C GLU A 86 -3.29 12.56 -27.20
N LYS A 1 -0.31 -15.02 -9.16
CA LYS A 1 0.64 -14.81 -10.26
C LYS A 1 1.82 -13.98 -9.81
N LYS A 2 2.42 -14.36 -8.69
CA LYS A 2 3.58 -13.65 -8.16
C LYS A 2 4.32 -14.49 -7.13
N ARG A 3 5.64 -14.34 -7.09
CA ARG A 3 6.46 -15.09 -6.15
C ARG A 3 7.23 -14.16 -5.21
N ALA A 4 6.53 -13.17 -4.68
CA ALA A 4 7.14 -12.21 -3.77
C ALA A 4 6.54 -12.31 -2.37
N GLU A 5 7.20 -13.09 -1.51
CA GLU A 5 6.74 -13.28 -0.14
C GLU A 5 7.40 -12.27 0.80
N THR A 6 7.51 -11.03 0.35
CA THR A 6 8.12 -9.98 1.16
C THR A 6 7.18 -9.49 2.24
N TRP A 7 5.92 -9.29 1.87
CA TRP A 7 4.90 -8.82 2.81
C TRP A 7 3.80 -9.87 3.00
N VAL A 8 3.15 -9.83 4.15
CA VAL A 8 2.08 -10.77 4.45
C VAL A 8 0.73 -10.07 4.51
N GLN A 9 -0.31 -10.75 4.04
CA GLN A 9 -1.65 -10.19 4.02
C GLN A 9 -1.88 -9.29 5.23
N ASP A 10 -1.60 -9.82 6.43
CA ASP A 10 -1.77 -9.07 7.65
C ASP A 10 -1.17 -7.67 7.52
N GLU A 11 0.07 -7.61 7.09
CA GLU A 11 0.76 -6.33 6.92
C GLU A 11 0.14 -5.52 5.78
N THR A 12 0.22 -6.06 4.56
CA THR A 12 -0.34 -5.39 3.40
C THR A 12 -1.67 -4.74 3.72
N ARG A 13 -2.61 -5.54 4.22
CA ARG A 13 -3.94 -5.04 4.56
C ARG A 13 -3.83 -3.81 5.48
N SER A 14 -3.25 -4.01 6.66
CA SER A 14 -3.09 -2.93 7.61
C SER A 14 -2.53 -1.68 6.94
N LEU A 15 -1.48 -1.87 6.15
CA LEU A 15 -0.85 -0.76 5.44
C LEU A 15 -1.87 0.00 4.59
N ILE A 16 -2.42 -0.69 3.59
CA ILE A 16 -3.40 -0.07 2.71
C ILE A 16 -4.37 0.80 3.49
N MET A 17 -4.97 0.23 4.53
CA MET A 17 -5.91 0.97 5.36
C MET A 17 -5.33 2.31 5.80
N PHE A 18 -4.18 2.26 6.46
CA PHE A 18 -3.52 3.47 6.94
C PHE A 18 -3.46 4.52 5.84
N ARG A 19 -3.10 4.08 4.63
CA ARG A 19 -2.99 4.98 3.49
C ARG A 19 -4.36 5.55 3.11
N ARG A 20 -5.38 4.69 3.16
CA ARG A 20 -6.74 5.11 2.82
C ARG A 20 -7.23 6.17 3.79
N GLY A 21 -7.20 5.86 5.09
CA GLY A 21 -7.65 6.81 6.09
C GLY A 21 -6.87 8.11 6.06
N MET A 22 -5.61 8.03 5.63
CA MET A 22 -4.76 9.22 5.56
C MET A 22 -4.86 9.87 4.17
N ASP A 23 -5.38 9.12 3.21
CA ASP A 23 -5.53 9.63 1.85
C ASP A 23 -5.93 11.10 1.86
N GLY A 24 -6.89 11.44 2.72
CA GLY A 24 -7.36 12.81 2.81
C GLY A 24 -6.21 13.81 2.81
N LEU A 25 -5.19 13.53 3.60
CA LEU A 25 -4.03 14.42 3.68
C LEU A 25 -3.19 14.33 2.41
N PHE A 26 -3.12 13.14 1.83
CA PHE A 26 -2.35 12.93 0.61
C PHE A 26 -2.93 13.73 -0.55
N ASN A 27 -4.26 13.71 -0.67
CA ASN A 27 -4.94 14.43 -1.73
C ASN A 27 -4.56 15.91 -1.72
N THR A 28 -4.39 16.46 -0.51
CA THR A 28 -4.03 17.87 -0.36
C THR A 28 -2.71 18.00 0.39
N SER A 29 -1.60 17.89 -0.33
CA SER A 29 -0.28 18.00 0.28
C SER A 29 0.81 17.98 -0.78
N LYS A 30 1.54 19.08 -0.89
CA LYS A 30 2.62 19.19 -1.87
C LYS A 30 3.40 17.88 -1.97
N SER A 31 3.89 17.40 -0.84
CA SER A 31 4.65 16.16 -0.82
C SER A 31 4.13 15.23 0.27
N ASN A 32 4.17 13.92 0.01
CA ASN A 32 3.70 12.93 0.97
C ASN A 32 4.84 12.42 1.83
N LYS A 33 5.79 13.30 2.12
CA LYS A 33 6.94 12.95 2.94
C LYS A 33 6.53 12.70 4.39
N HIS A 34 6.00 13.73 5.03
CA HIS A 34 5.56 13.62 6.42
C HIS A 34 4.52 12.51 6.57
N LEU A 35 3.59 12.44 5.63
CA LEU A 35 2.54 11.42 5.66
C LEU A 35 3.14 10.03 5.69
N TRP A 36 4.15 9.80 4.85
CA TRP A 36 4.81 8.50 4.78
C TRP A 36 5.36 8.10 6.13
N GLU A 37 6.28 8.90 6.66
CA GLU A 37 6.89 8.63 7.96
C GLU A 37 5.82 8.38 9.02
N GLN A 38 4.73 9.13 8.94
CA GLN A 38 3.63 9.00 9.89
C GLN A 38 3.04 7.59 9.85
N ILE A 39 2.70 7.14 8.63
CA ILE A 39 2.13 5.81 8.46
C ILE A 39 3.00 4.74 9.12
N SER A 40 4.30 4.80 8.85
CA SER A 40 5.23 3.83 9.43
C SER A 40 5.10 3.78 10.94
N SER A 41 5.12 4.95 11.57
CA SER A 41 5.00 5.03 13.03
C SER A 41 3.71 4.37 13.51
N LYS A 42 2.58 4.75 12.91
CA LYS A 42 1.29 4.20 13.28
C LYS A 42 1.35 2.67 13.33
N MET A 43 1.78 2.07 12.23
CA MET A 43 1.89 0.62 12.14
C MET A 43 2.57 0.05 13.38
N ARG A 44 3.80 0.47 13.62
CA ARG A 44 4.56 0.00 14.78
C ARG A 44 3.74 0.13 16.05
N GLU A 45 3.17 1.31 16.26
CA GLU A 45 2.37 1.57 17.45
C GLU A 45 1.27 0.51 17.60
N LYS A 46 0.68 0.13 16.48
CA LYS A 46 -0.38 -0.88 16.49
C LYS A 46 0.19 -2.27 16.72
N GLY A 47 1.05 -2.71 15.80
CA GLY A 47 1.66 -4.03 15.92
C GLY A 47 2.37 -4.45 14.67
N PHE A 48 2.93 -3.48 13.94
CA PHE A 48 3.64 -3.76 12.70
C PHE A 48 4.89 -2.89 12.59
N ASP A 49 6.05 -3.50 12.74
CA ASP A 49 7.31 -2.79 12.65
C ASP A 49 7.88 -2.86 11.24
N ARG A 50 7.70 -1.77 10.48
CA ARG A 50 8.20 -1.72 9.10
C ARG A 50 8.73 -0.32 8.79
N SER A 51 9.77 -0.27 7.96
CA SER A 51 10.38 1.00 7.57
C SER A 51 9.43 1.82 6.72
N PRO A 52 9.70 3.13 6.62
CA PRO A 52 8.87 4.05 5.84
C PRO A 52 9.01 3.82 4.34
N THR A 53 10.23 3.50 3.90
CA THR A 53 10.49 3.25 2.49
C THR A 53 9.64 2.10 1.97
N MET A 54 9.62 1.00 2.70
CA MET A 54 8.84 -0.17 2.31
C MET A 54 7.42 0.23 1.91
N CYS A 55 6.74 0.94 2.80
CA CYS A 55 5.37 1.38 2.55
C CYS A 55 5.31 2.23 1.28
N THR A 56 6.34 3.04 1.07
CA THR A 56 6.40 3.90 -0.11
C THR A 56 6.42 3.09 -1.39
N ASP A 57 7.39 2.18 -1.49
CA ASP A 57 7.52 1.33 -2.67
C ASP A 57 6.34 0.39 -2.80
N LYS A 58 6.08 -0.39 -1.75
CA LYS A 58 4.97 -1.33 -1.74
C LYS A 58 3.69 -0.67 -2.23
N TRP A 59 3.37 0.49 -1.65
CA TRP A 59 2.16 1.22 -2.02
C TRP A 59 2.11 1.43 -3.53
N ARG A 60 3.18 2.01 -4.08
CA ARG A 60 3.24 2.27 -5.51
C ARG A 60 2.79 1.06 -6.31
N ASN A 61 3.28 -0.12 -5.92
CA ASN A 61 2.92 -1.36 -6.60
C ASN A 61 1.42 -1.60 -6.55
N LEU A 62 0.85 -1.50 -5.36
CA LEU A 62 -0.59 -1.70 -5.18
C LEU A 62 -1.39 -0.88 -6.19
N LEU A 63 -1.03 0.40 -6.31
CA LEU A 63 -1.71 1.29 -7.24
C LEU A 63 -1.66 0.74 -8.66
N LYS A 64 -0.49 0.27 -9.08
CA LYS A 64 -0.32 -0.29 -10.41
C LYS A 64 -1.35 -1.39 -10.68
N GLU A 65 -1.53 -2.26 -9.69
CA GLU A 65 -2.48 -3.35 -9.82
C GLU A 65 -3.92 -2.85 -9.74
N PHE A 66 -4.18 -1.97 -8.78
CA PHE A 66 -5.52 -1.41 -8.60
C PHE A 66 -6.05 -0.85 -9.91
N LYS A 67 -5.20 -0.18 -10.66
CA LYS A 67 -5.59 0.40 -11.94
C LYS A 67 -6.41 -0.59 -12.75
N LYS A 68 -5.98 -1.85 -12.77
CA LYS A 68 -6.68 -2.89 -13.51
C LYS A 68 -8.19 -2.84 -13.23
N ALA A 69 -8.54 -2.84 -11.95
CA ALA A 69 -9.94 -2.80 -11.54
C ALA A 69 -10.49 -1.39 -11.66
N LYS A 70 -11.77 -1.22 -11.35
CA LYS A 70 -12.43 0.08 -11.42
C LYS A 70 -12.55 0.70 -10.04
N HIS A 71 -12.67 2.02 -10.00
CA HIS A 71 -12.78 2.74 -8.74
C HIS A 71 -13.63 4.01 -8.91
N HIS A 72 -13.94 4.66 -7.80
CA HIS A 72 -14.75 5.88 -7.83
C HIS A 72 -14.17 6.88 -8.83
N ASP A 73 -15.05 7.51 -9.60
CA ASP A 73 -14.63 8.49 -10.60
C ASP A 73 -14.05 9.73 -9.92
N ARG A 74 -12.79 10.04 -10.23
CA ARG A 74 -12.12 11.20 -9.66
C ARG A 74 -12.09 12.36 -10.66
N GLY A 75 -13.19 12.54 -11.39
CA GLY A 75 -13.26 13.61 -12.36
C GLY A 75 -12.31 13.39 -13.53
N ASN A 76 -11.65 14.46 -13.94
CA ASN A 76 -10.71 14.39 -15.06
C ASN A 76 -9.27 14.38 -14.55
N GLY A 77 -8.98 15.21 -13.55
CA GLY A 77 -7.65 15.27 -12.99
C GLY A 77 -6.62 15.78 -13.99
N SER A 78 -5.35 15.53 -13.71
CA SER A 78 -4.27 15.96 -14.59
C SER A 78 -4.48 15.43 -16.01
N ALA A 79 -4.52 16.33 -16.98
CA ALA A 79 -4.71 15.96 -18.37
C ALA A 79 -3.38 15.91 -19.12
N LYS A 80 -2.67 17.03 -19.13
CA LYS A 80 -1.38 17.12 -19.80
C LYS A 80 -0.28 16.45 -18.97
N MET A 81 -0.10 15.15 -19.17
CA MET A 81 0.92 14.41 -18.44
C MET A 81 1.87 13.71 -19.41
N SER A 82 3.16 13.89 -19.18
CA SER A 82 4.18 13.28 -20.03
C SER A 82 5.58 13.55 -19.49
N TYR A 83 6.55 12.74 -19.91
CA TYR A 83 7.92 12.89 -19.46
C TYR A 83 8.89 12.86 -20.64
N TYR A 84 8.52 12.10 -21.67
CA TYR A 84 9.36 11.99 -22.86
C TYR A 84 9.26 13.26 -23.71
N LYS A 85 10.12 13.34 -24.74
CA LYS A 85 10.13 14.49 -25.63
C LYS A 85 9.81 15.77 -24.86
N GLU A 86 10.41 15.93 -23.70
CA GLU A 86 10.19 17.11 -22.87
C GLU A 86 11.29 18.15 -23.10
N LYS A 1 6.84 -16.39 14.21
CA LYS A 1 6.61 -17.79 13.89
C LYS A 1 7.10 -18.11 12.47
N LYS A 2 7.03 -17.11 11.59
CA LYS A 2 7.48 -17.27 10.21
C LYS A 2 8.62 -16.32 9.89
N ARG A 3 9.68 -16.87 9.30
CA ARG A 3 10.84 -16.07 8.94
C ARG A 3 11.04 -16.05 7.42
N ALA A 4 10.65 -14.94 6.81
CA ALA A 4 10.78 -14.78 5.35
C ALA A 4 10.50 -13.34 4.93
N GLU A 5 11.21 -12.89 3.90
CA GLU A 5 11.04 -11.53 3.40
C GLU A 5 9.80 -11.44 2.51
N THR A 6 8.64 -11.28 3.13
CA THR A 6 7.39 -11.18 2.39
C THR A 6 6.29 -10.57 3.24
N TRP A 7 5.50 -9.68 2.65
CA TRP A 7 4.41 -9.02 3.37
C TRP A 7 3.22 -9.96 3.52
N VAL A 8 2.80 -10.17 4.77
CA VAL A 8 1.67 -11.05 5.05
C VAL A 8 0.35 -10.29 4.94
N GLN A 9 -0.72 -11.01 4.59
CA GLN A 9 -2.03 -10.41 4.44
C GLN A 9 -2.28 -9.38 5.55
N ASP A 10 -2.14 -9.81 6.79
CA ASP A 10 -2.35 -8.92 7.94
C ASP A 10 -1.69 -7.56 7.69
N GLU A 11 -0.36 -7.56 7.68
CA GLU A 11 0.38 -6.32 7.45
C GLU A 11 -0.16 -5.56 6.25
N THR A 12 -0.17 -6.22 5.10
CA THR A 12 -0.67 -5.61 3.87
C THR A 12 -1.96 -4.84 4.12
N ARG A 13 -2.93 -5.50 4.72
CA ARG A 13 -4.22 -4.88 5.01
C ARG A 13 -4.05 -3.72 5.98
N SER A 14 -3.15 -3.88 6.95
CA SER A 14 -2.90 -2.85 7.94
C SER A 14 -2.36 -1.58 7.28
N LEU A 15 -1.34 -1.75 6.45
CA LEU A 15 -0.74 -0.61 5.75
C LEU A 15 -1.75 0.06 4.83
N ILE A 16 -2.20 -0.68 3.82
CA ILE A 16 -3.18 -0.15 2.87
C ILE A 16 -4.19 0.76 3.56
N MET A 17 -4.90 0.20 4.54
CA MET A 17 -5.90 0.97 5.28
C MET A 17 -5.32 2.30 5.74
N PHE A 18 -4.26 2.25 6.52
CA PHE A 18 -3.61 3.46 7.02
C PHE A 18 -3.34 4.45 5.90
N ARG A 19 -2.82 3.94 4.78
CA ARG A 19 -2.51 4.77 3.63
C ARG A 19 -3.76 5.47 3.12
N ARG A 20 -4.77 4.69 2.75
CA ARG A 20 -6.01 5.25 2.24
C ARG A 20 -6.56 6.31 3.18
N GLY A 21 -6.71 5.95 4.46
CA GLY A 21 -7.22 6.89 5.44
C GLY A 21 -6.49 8.22 5.41
N MET A 22 -5.18 8.18 5.19
CA MET A 22 -4.38 9.38 5.14
C MET A 22 -4.47 10.04 3.76
N ASP A 23 -5.03 9.32 2.80
CA ASP A 23 -5.19 9.83 1.45
C ASP A 23 -5.58 11.30 1.47
N GLY A 24 -6.71 11.60 2.12
CA GLY A 24 -7.18 12.97 2.19
C GLY A 24 -6.04 13.97 2.33
N LEU A 25 -5.01 13.59 3.08
CA LEU A 25 -3.86 14.46 3.29
C LEU A 25 -2.98 14.52 2.04
N PHE A 26 -2.78 13.36 1.42
CA PHE A 26 -1.96 13.27 0.21
C PHE A 26 -2.56 14.13 -0.90
N ASN A 27 -3.79 14.59 -0.70
CA ASN A 27 -4.46 15.43 -1.69
C ASN A 27 -4.22 16.90 -1.42
N THR A 28 -4.52 17.33 -0.19
CA THR A 28 -4.34 18.73 0.19
C THR A 28 -2.87 19.09 0.25
N SER A 29 -2.04 18.14 0.69
CA SER A 29 -0.61 18.36 0.80
C SER A 29 0.13 17.76 -0.40
N LYS A 30 0.75 18.62 -1.19
CA LYS A 30 1.49 18.17 -2.37
C LYS A 30 2.48 17.06 -2.01
N SER A 31 3.33 17.35 -1.03
CA SER A 31 4.33 16.38 -0.58
C SER A 31 3.72 15.39 0.41
N ASN A 32 4.22 14.17 0.38
CA ASN A 32 3.73 13.12 1.28
C ASN A 32 4.85 12.58 2.15
N LYS A 33 5.82 13.43 2.46
CA LYS A 33 6.96 13.04 3.29
C LYS A 33 6.51 12.76 4.72
N HIS A 34 6.06 13.80 5.42
CA HIS A 34 5.62 13.67 6.80
C HIS A 34 4.51 12.62 6.90
N LEU A 35 3.69 12.51 5.87
CA LEU A 35 2.60 11.55 5.84
C LEU A 35 3.13 10.13 5.89
N TRP A 36 4.04 9.82 4.98
CA TRP A 36 4.63 8.48 4.92
C TRP A 36 5.24 8.09 6.26
N GLU A 37 5.92 9.04 6.90
CA GLU A 37 6.56 8.79 8.18
C GLU A 37 5.51 8.47 9.25
N GLN A 38 4.34 9.09 9.13
CA GLN A 38 3.26 8.88 10.08
C GLN A 38 2.69 7.47 9.95
N ILE A 39 2.27 7.13 8.74
CA ILE A 39 1.71 5.81 8.49
C ILE A 39 2.59 4.71 9.05
N SER A 40 3.89 4.82 8.81
CA SER A 40 4.85 3.83 9.29
C SER A 40 4.84 3.77 10.82
N SER A 41 5.12 4.89 11.46
CA SER A 41 5.14 4.97 12.91
C SER A 41 3.91 4.29 13.51
N LYS A 42 2.76 4.52 12.90
CA LYS A 42 1.52 3.93 13.36
C LYS A 42 1.61 2.41 13.38
N MET A 43 1.92 1.83 12.23
CA MET A 43 2.04 0.38 12.11
C MET A 43 2.82 -0.21 13.29
N ARG A 44 4.05 0.27 13.46
CA ARG A 44 4.90 -0.20 14.55
C ARG A 44 4.15 -0.16 15.88
N GLU A 45 3.37 0.89 16.08
CA GLU A 45 2.60 1.05 17.31
C GLU A 45 1.54 -0.03 17.43
N LYS A 46 0.88 -0.34 16.31
CA LYS A 46 -0.16 -1.35 16.29
C LYS A 46 0.43 -2.74 16.49
N GLY A 47 1.71 -2.89 16.16
CA GLY A 47 2.37 -4.18 16.32
C GLY A 47 3.13 -4.60 15.08
N PHE A 48 3.09 -3.75 14.05
CA PHE A 48 3.77 -4.04 12.80
C PHE A 48 4.90 -3.04 12.55
N ASP A 49 6.14 -3.49 12.73
CA ASP A 49 7.30 -2.64 12.53
C ASP A 49 7.80 -2.74 11.09
N ARG A 50 7.55 -1.70 10.30
CA ARG A 50 7.96 -1.67 8.91
C ARG A 50 8.43 -0.27 8.51
N SER A 51 9.63 -0.18 7.96
CA SER A 51 10.19 1.10 7.54
C SER A 51 9.20 1.87 6.67
N PRO A 52 9.34 3.20 6.64
CA PRO A 52 8.47 4.07 5.86
C PRO A 52 8.69 3.92 4.35
N THR A 53 9.94 3.69 3.97
CA THR A 53 10.29 3.53 2.56
C THR A 53 9.58 2.32 1.97
N MET A 54 9.64 1.19 2.66
CA MET A 54 9.01 -0.03 2.19
C MET A 54 7.55 0.22 1.84
N CYS A 55 6.85 0.96 2.69
CA CYS A 55 5.45 1.28 2.48
C CYS A 55 5.27 2.11 1.21
N THR A 56 6.20 3.03 0.98
CA THR A 56 6.14 3.89 -0.20
C THR A 56 6.21 3.08 -1.48
N ASP A 57 7.24 2.27 -1.61
CA ASP A 57 7.43 1.44 -2.79
C ASP A 57 6.31 0.41 -2.91
N LYS A 58 6.03 -0.29 -1.81
CA LYS A 58 4.98 -1.30 -1.79
C LYS A 58 3.64 -0.71 -2.22
N TRP A 59 3.38 0.51 -1.78
CA TRP A 59 2.14 1.19 -2.13
C TRP A 59 2.01 1.36 -3.63
N ARG A 60 3.04 1.93 -4.25
CA ARG A 60 3.05 2.16 -5.69
C ARG A 60 2.70 0.88 -6.44
N ASN A 61 3.28 -0.24 -6.01
CA ASN A 61 3.03 -1.53 -6.65
C ASN A 61 1.54 -1.88 -6.59
N LEU A 62 0.92 -1.61 -5.45
CA LEU A 62 -0.50 -1.90 -5.26
C LEU A 62 -1.34 -1.18 -6.30
N LEU A 63 -1.01 0.08 -6.56
CA LEU A 63 -1.74 0.88 -7.53
C LEU A 63 -1.64 0.26 -8.93
N LYS A 64 -0.45 -0.22 -9.26
CA LYS A 64 -0.22 -0.85 -10.57
C LYS A 64 -1.17 -2.02 -10.78
N GLU A 65 -1.20 -2.93 -9.81
CA GLU A 65 -2.07 -4.11 -9.89
C GLU A 65 -3.54 -3.71 -9.85
N PHE A 66 -3.90 -2.85 -8.89
CA PHE A 66 -5.27 -2.39 -8.75
C PHE A 66 -5.84 -1.98 -10.10
N LYS A 67 -5.01 -1.37 -10.94
CA LYS A 67 -5.43 -0.93 -12.25
C LYS A 67 -5.31 -2.06 -13.28
N LYS A 68 -4.30 -2.91 -13.10
CA LYS A 68 -4.08 -4.03 -14.00
C LYS A 68 -4.76 -5.29 -13.48
N ALA A 69 -5.79 -5.10 -12.65
CA ALA A 69 -6.52 -6.23 -12.10
C ALA A 69 -7.55 -6.75 -13.08
N LYS A 70 -8.29 -7.78 -12.67
CA LYS A 70 -9.32 -8.37 -13.52
C LYS A 70 -10.47 -7.41 -13.75
N HIS A 71 -10.89 -6.72 -12.69
CA HIS A 71 -11.97 -5.75 -12.77
C HIS A 71 -11.84 -4.91 -14.04
N HIS A 72 -10.67 -4.30 -14.23
CA HIS A 72 -10.42 -3.46 -15.40
C HIS A 72 -9.83 -4.30 -16.54
N ASP A 73 -9.86 -3.73 -17.73
CA ASP A 73 -9.32 -4.41 -18.92
C ASP A 73 -8.00 -5.09 -18.59
N ARG A 74 -8.03 -6.42 -18.45
CA ARG A 74 -6.84 -7.19 -18.14
C ARG A 74 -5.70 -6.85 -19.11
N GLY A 75 -4.49 -7.23 -18.74
CA GLY A 75 -3.33 -6.95 -19.58
C GLY A 75 -2.99 -8.12 -20.49
N ASN A 76 -1.93 -7.95 -21.28
CA ASN A 76 -1.50 -9.00 -22.20
C ASN A 76 -0.20 -9.64 -21.71
N GLY A 77 0.13 -9.42 -20.44
CA GLY A 77 1.34 -9.98 -19.88
C GLY A 77 1.15 -11.41 -19.41
N SER A 78 0.66 -12.26 -20.31
CA SER A 78 0.43 -13.66 -19.98
C SER A 78 1.74 -14.41 -19.80
N ALA A 79 2.42 -14.17 -18.68
CA ALA A 79 3.69 -14.81 -18.39
C ALA A 79 3.50 -16.04 -17.51
N LYS A 80 2.68 -15.89 -16.47
CA LYS A 80 2.42 -16.99 -15.56
C LYS A 80 2.10 -18.28 -16.33
N MET A 81 2.70 -19.38 -15.89
CA MET A 81 2.49 -20.66 -16.53
C MET A 81 3.03 -21.80 -15.67
N SER A 82 2.36 -22.95 -15.73
CA SER A 82 2.77 -24.11 -14.94
C SER A 82 2.36 -25.41 -15.64
N TYR A 83 3.20 -26.43 -15.51
CA TYR A 83 2.94 -27.72 -16.13
C TYR A 83 2.59 -28.77 -15.07
N TYR A 84 1.55 -29.54 -15.35
CA TYR A 84 1.12 -30.59 -14.42
C TYR A 84 2.04 -31.80 -14.50
N LYS A 85 2.92 -31.80 -15.49
CA LYS A 85 3.87 -32.90 -15.68
C LYS A 85 5.04 -32.78 -14.71
N GLU A 86 5.85 -33.82 -14.63
CA GLU A 86 7.01 -33.83 -13.75
C GLU A 86 8.29 -33.54 -14.53
N LYS A 1 4.26 -16.96 0.94
CA LYS A 1 5.23 -16.44 1.88
C LYS A 1 5.68 -17.52 2.86
N LYS A 2 6.73 -18.25 2.49
CA LYS A 2 7.25 -19.32 3.32
C LYS A 2 8.77 -19.22 3.43
N ARG A 3 9.44 -19.17 2.28
CA ARG A 3 10.90 -19.08 2.25
C ARG A 3 11.34 -17.79 1.55
N ALA A 4 10.67 -16.69 1.86
CA ALA A 4 11.00 -15.40 1.27
C ALA A 4 10.40 -14.26 2.08
N GLU A 5 11.07 -13.11 2.07
CA GLU A 5 10.60 -11.93 2.80
C GLU A 5 9.59 -11.15 1.97
N THR A 6 8.33 -11.27 2.33
CA THR A 6 7.25 -10.56 1.63
C THR A 6 6.17 -10.11 2.59
N TRP A 7 5.51 -9.00 2.26
CA TRP A 7 4.45 -8.45 3.09
C TRP A 7 3.31 -9.45 3.22
N VAL A 8 2.88 -9.70 4.46
CA VAL A 8 1.79 -10.64 4.73
C VAL A 8 0.45 -9.92 4.72
N GLN A 9 -0.62 -10.69 4.51
CA GLN A 9 -1.97 -10.13 4.46
C GLN A 9 -2.18 -9.16 5.63
N ASP A 10 -1.82 -9.59 6.83
CA ASP A 10 -1.98 -8.76 8.02
C ASP A 10 -1.38 -7.38 7.79
N GLU A 11 -0.06 -7.32 7.67
CA GLU A 11 0.63 -6.05 7.45
C GLU A 11 0.06 -5.32 6.23
N THR A 12 0.15 -5.97 5.07
CA THR A 12 -0.35 -5.40 3.84
C THR A 12 -1.67 -4.67 4.06
N ARG A 13 -2.64 -5.37 4.63
CA ARG A 13 -3.95 -4.79 4.90
C ARG A 13 -3.83 -3.52 5.71
N SER A 14 -3.06 -3.59 6.80
CA SER A 14 -2.85 -2.43 7.67
C SER A 14 -2.27 -1.26 6.89
N LEU A 15 -1.37 -1.56 5.96
CA LEU A 15 -0.73 -0.54 5.14
C LEU A 15 -1.75 0.15 4.24
N ILE A 16 -2.61 -0.64 3.59
CA ILE A 16 -3.63 -0.12 2.71
C ILE A 16 -4.64 0.73 3.48
N MET A 17 -5.08 0.21 4.62
CA MET A 17 -6.05 0.92 5.46
C MET A 17 -5.52 2.29 5.85
N PHE A 18 -4.38 2.32 6.52
CA PHE A 18 -3.78 3.58 6.95
C PHE A 18 -3.71 4.58 5.80
N ARG A 19 -3.29 4.10 4.64
CA ARG A 19 -3.19 4.94 3.45
C ARG A 19 -4.54 5.53 3.07
N ARG A 20 -5.56 4.68 3.05
CA ARG A 20 -6.91 5.12 2.70
C ARG A 20 -7.39 6.20 3.67
N GLY A 21 -7.13 6.00 4.95
CA GLY A 21 -7.55 6.96 5.95
C GLY A 21 -6.76 8.25 5.87
N MET A 22 -5.46 8.14 5.59
CA MET A 22 -4.60 9.31 5.49
C MET A 22 -4.69 9.94 4.11
N ASP A 23 -5.30 9.22 3.18
CA ASP A 23 -5.46 9.71 1.81
C ASP A 23 -5.78 11.20 1.80
N GLY A 24 -6.79 11.60 2.55
CA GLY A 24 -7.17 12.99 2.62
C GLY A 24 -5.98 13.92 2.62
N LEU A 25 -5.05 13.68 3.54
CA LEU A 25 -3.85 14.51 3.65
C LEU A 25 -3.02 14.43 2.36
N PHE A 26 -2.87 13.22 1.84
CA PHE A 26 -2.10 13.02 0.62
C PHE A 26 -2.64 13.88 -0.52
N ASN A 27 -3.96 14.00 -0.59
CA ASN A 27 -4.60 14.80 -1.62
C ASN A 27 -4.28 16.28 -1.45
N THR A 28 -4.49 16.79 -0.24
CA THR A 28 -4.23 18.19 0.06
C THR A 28 -2.75 18.42 0.40
N SER A 29 -1.89 17.65 -0.26
CA SER A 29 -0.45 17.76 -0.04
C SER A 29 0.34 17.23 -1.23
N LYS A 30 1.33 17.99 -1.66
CA LYS A 30 2.16 17.60 -2.80
C LYS A 30 3.16 16.52 -2.40
N SER A 31 4.02 16.84 -1.43
CA SER A 31 5.02 15.89 -0.96
C SER A 31 4.49 15.09 0.23
N ASN A 32 4.27 13.79 0.00
CA ASN A 32 3.77 12.91 1.05
C ASN A 32 4.90 12.41 1.93
N LYS A 33 5.85 13.29 2.22
CA LYS A 33 6.99 12.95 3.06
C LYS A 33 6.56 12.70 4.49
N HIS A 34 6.05 13.74 5.15
CA HIS A 34 5.60 13.63 6.53
C HIS A 34 4.51 12.57 6.67
N LEU A 35 3.69 12.44 5.62
CA LEU A 35 2.61 11.46 5.62
C LEU A 35 3.16 10.04 5.67
N TRP A 36 4.22 9.80 4.91
CA TRP A 36 4.85 8.48 4.87
C TRP A 36 5.37 8.08 6.23
N GLU A 37 6.28 8.87 6.77
CA GLU A 37 6.85 8.59 8.09
C GLU A 37 5.76 8.36 9.13
N GLN A 38 4.70 9.16 9.05
CA GLN A 38 3.59 9.05 9.98
C GLN A 38 2.99 7.64 9.95
N ILE A 39 2.54 7.23 8.77
CA ILE A 39 1.96 5.90 8.61
C ILE A 39 2.82 4.83 9.26
N SER A 40 4.08 4.76 8.85
CA SER A 40 5.02 3.79 9.40
C SER A 40 4.85 3.67 10.91
N SER A 41 4.93 4.81 11.59
CA SER A 41 4.80 4.83 13.04
C SER A 41 3.50 4.17 13.49
N LYS A 42 2.39 4.67 12.96
CA LYS A 42 1.07 4.12 13.30
C LYS A 42 1.10 2.60 13.29
N MET A 43 1.57 2.03 12.19
CA MET A 43 1.65 0.58 12.05
C MET A 43 2.34 -0.04 13.26
N ARG A 44 3.61 0.28 13.45
CA ARG A 44 4.38 -0.25 14.56
C ARG A 44 3.55 -0.26 15.85
N GLU A 45 2.97 0.89 16.18
CA GLU A 45 2.15 1.01 17.37
C GLU A 45 1.19 -0.17 17.50
N LYS A 46 0.60 -0.57 16.38
CA LYS A 46 -0.34 -1.69 16.36
C LYS A 46 0.40 -3.02 16.55
N GLY A 47 1.38 -3.27 15.70
CA GLY A 47 2.14 -4.50 15.79
C GLY A 47 2.84 -4.85 14.49
N PHE A 48 3.29 -3.83 13.77
CA PHE A 48 3.99 -4.03 12.50
C PHE A 48 5.18 -3.09 12.38
N ASP A 49 6.38 -3.63 12.54
CA ASP A 49 7.60 -2.84 12.45
C ASP A 49 8.14 -2.85 11.02
N ARG A 50 7.70 -1.88 10.22
CA ARG A 50 8.15 -1.77 8.83
C ARG A 50 8.67 -0.37 8.53
N SER A 51 9.81 -0.31 7.87
CA SER A 51 10.43 0.97 7.53
C SER A 51 9.46 1.83 6.73
N PRO A 52 9.72 3.15 6.72
CA PRO A 52 8.89 4.12 6.00
C PRO A 52 9.01 3.98 4.49
N THR A 53 10.25 3.95 4.00
CA THR A 53 10.50 3.81 2.58
C THR A 53 9.77 2.62 1.99
N MET A 54 9.74 1.52 2.74
CA MET A 54 9.08 0.31 2.30
C MET A 54 7.63 0.59 1.92
N CYS A 55 6.90 1.26 2.80
CA CYS A 55 5.51 1.60 2.56
C CYS A 55 5.36 2.42 1.28
N THR A 56 6.27 3.37 1.09
CA THR A 56 6.24 4.23 -0.09
C THR A 56 6.26 3.40 -1.37
N ASP A 57 7.36 2.68 -1.59
CA ASP A 57 7.51 1.85 -2.77
C ASP A 57 6.39 0.82 -2.86
N LYS A 58 6.15 0.11 -1.76
CA LYS A 58 5.11 -0.90 -1.71
C LYS A 58 3.79 -0.35 -2.23
N TRP A 59 3.28 0.68 -1.59
CA TRP A 59 2.03 1.31 -1.99
C TRP A 59 1.97 1.47 -3.52
N ARG A 60 2.98 2.12 -4.07
CA ARG A 60 3.05 2.34 -5.51
C ARG A 60 2.72 1.07 -6.27
N ASN A 61 3.28 -0.05 -5.82
CA ASN A 61 3.05 -1.34 -6.45
C ASN A 61 1.57 -1.70 -6.43
N LEU A 62 0.96 -1.62 -5.25
CA LEU A 62 -0.45 -1.94 -5.10
C LEU A 62 -1.30 -1.16 -6.10
N LEU A 63 -1.04 0.14 -6.21
CA LEU A 63 -1.78 0.99 -7.14
C LEU A 63 -1.70 0.44 -8.56
N LYS A 64 -0.50 0.04 -8.97
CA LYS A 64 -0.30 -0.51 -10.31
C LYS A 64 -1.26 -1.66 -10.57
N GLU A 65 -1.38 -2.56 -9.61
CA GLU A 65 -2.25 -3.71 -9.74
C GLU A 65 -3.72 -3.28 -9.68
N PHE A 66 -4.04 -2.44 -8.72
CA PHE A 66 -5.41 -1.95 -8.56
C PHE A 66 -5.99 -1.49 -9.88
N LYS A 67 -5.18 -0.73 -10.64
CA LYS A 67 -5.61 -0.22 -11.94
C LYS A 67 -5.90 -1.37 -12.90
N LYS A 68 -5.05 -2.39 -12.88
CA LYS A 68 -5.23 -3.54 -13.75
C LYS A 68 -5.92 -4.69 -13.02
N ALA A 69 -6.76 -4.32 -12.05
CA ALA A 69 -7.49 -5.32 -11.27
C ALA A 69 -8.44 -6.12 -12.15
N LYS A 70 -9.15 -7.07 -11.54
CA LYS A 70 -10.10 -7.90 -12.29
C LYS A 70 -9.57 -8.21 -13.69
N HIS A 71 -8.26 -8.36 -13.80
CA HIS A 71 -7.63 -8.66 -15.08
C HIS A 71 -6.45 -9.61 -14.90
N HIS A 72 -6.36 -10.60 -15.78
CA HIS A 72 -5.28 -11.58 -15.71
C HIS A 72 -4.08 -11.12 -16.53
N ASP A 73 -2.89 -11.56 -16.14
CA ASP A 73 -1.67 -11.20 -16.83
C ASP A 73 -0.54 -12.17 -16.50
N ARG A 74 0.05 -12.77 -17.54
CA ARG A 74 1.14 -13.71 -17.36
C ARG A 74 2.30 -13.39 -18.29
N GLY A 75 3.37 -14.17 -18.18
CA GLY A 75 4.54 -13.96 -19.01
C GLY A 75 5.83 -14.37 -18.33
N ASN A 76 5.93 -14.07 -17.04
CA ASN A 76 7.11 -14.40 -16.26
C ASN A 76 7.30 -15.92 -16.17
N GLY A 77 6.19 -16.63 -15.97
CA GLY A 77 6.25 -18.08 -15.87
C GLY A 77 7.26 -18.55 -14.85
N SER A 78 8.18 -19.41 -15.28
CA SER A 78 9.20 -19.93 -14.38
C SER A 78 10.60 -19.62 -14.91
N ALA A 79 11.01 -18.37 -14.77
CA ALA A 79 12.33 -17.93 -15.22
C ALA A 79 13.30 -17.84 -14.06
N LYS A 80 12.92 -17.11 -13.02
CA LYS A 80 13.76 -16.94 -11.84
C LYS A 80 14.58 -18.21 -11.57
N MET A 81 13.88 -19.31 -11.29
CA MET A 81 14.53 -20.58 -11.02
C MET A 81 14.12 -21.64 -12.04
N SER A 82 14.96 -22.65 -12.21
CA SER A 82 14.68 -23.72 -13.15
C SER A 82 15.39 -25.01 -12.74
N TYR A 83 14.99 -26.12 -13.34
CA TYR A 83 15.59 -27.41 -13.04
C TYR A 83 16.85 -27.64 -13.87
N TYR A 84 16.84 -27.12 -15.09
CA TYR A 84 17.99 -27.27 -15.99
C TYR A 84 18.66 -28.63 -15.80
N LYS A 85 17.86 -29.63 -15.45
CA LYS A 85 18.37 -30.98 -15.24
C LYS A 85 17.35 -32.02 -15.69
N GLU A 86 17.84 -33.21 -16.03
CA GLU A 86 16.98 -34.29 -16.49
C GLU A 86 16.52 -35.15 -15.32
N LYS A 1 4.43 -18.71 -4.70
CA LYS A 1 5.80 -19.03 -5.09
C LYS A 1 6.33 -18.01 -6.10
N LYS A 2 5.98 -16.75 -5.90
CA LYS A 2 6.43 -15.68 -6.77
C LYS A 2 7.57 -14.88 -6.14
N ARG A 3 7.29 -14.28 -4.98
CA ARG A 3 8.29 -13.50 -4.28
C ARG A 3 8.41 -13.94 -2.83
N ALA A 4 9.64 -14.09 -2.36
CA ALA A 4 9.89 -14.51 -0.98
C ALA A 4 8.91 -13.84 -0.01
N GLU A 5 8.40 -14.63 0.93
CA GLU A 5 7.46 -14.11 1.91
C GLU A 5 8.08 -12.98 2.73
N THR A 6 7.80 -11.75 2.33
CA THR A 6 8.34 -10.58 3.03
C THR A 6 7.26 -9.88 3.83
N TRP A 7 6.05 -9.85 3.29
CA TRP A 7 4.92 -9.21 3.96
C TRP A 7 3.79 -10.20 4.21
N VAL A 8 2.98 -9.93 5.23
CA VAL A 8 1.86 -10.79 5.57
C VAL A 8 0.53 -10.13 5.26
N GLN A 9 -0.51 -10.93 5.11
CA GLN A 9 -1.85 -10.41 4.81
C GLN A 9 -2.30 -9.43 5.88
N ASP A 10 -2.29 -9.88 7.13
CA ASP A 10 -2.69 -9.03 8.25
C ASP A 10 -2.05 -7.65 8.15
N GLU A 11 -0.74 -7.59 8.36
CA GLU A 11 -0.01 -6.33 8.29
C GLU A 11 -0.29 -5.61 6.98
N THR A 12 -0.31 -6.37 5.89
CA THR A 12 -0.57 -5.80 4.57
C THR A 12 -1.88 -5.01 4.55
N ARG A 13 -2.85 -5.48 5.31
CA ARG A 13 -4.15 -4.82 5.38
C ARG A 13 -4.06 -3.55 6.22
N SER A 14 -3.30 -3.61 7.31
CA SER A 14 -3.13 -2.46 8.18
C SER A 14 -2.57 -1.27 7.43
N LEU A 15 -1.59 -1.52 6.57
CA LEU A 15 -0.97 -0.47 5.78
C LEU A 15 -1.94 0.08 4.75
N ILE A 16 -2.35 -0.77 3.81
CA ILE A 16 -3.28 -0.36 2.77
C ILE A 16 -4.34 0.59 3.32
N MET A 17 -5.06 0.14 4.33
CA MET A 17 -6.10 0.95 4.95
C MET A 17 -5.55 2.30 5.40
N PHE A 18 -4.46 2.27 6.16
CA PHE A 18 -3.84 3.50 6.64
C PHE A 18 -3.68 4.51 5.50
N ARG A 19 -3.12 4.07 4.39
CA ARG A 19 -2.91 4.93 3.24
C ARG A 19 -4.22 5.55 2.78
N ARG A 20 -5.21 4.70 2.54
CA ARG A 20 -6.53 5.17 2.09
C ARG A 20 -7.08 6.21 3.06
N GLY A 21 -7.01 5.92 4.35
CA GLY A 21 -7.52 6.85 5.35
C GLY A 21 -6.75 8.16 5.37
N MET A 22 -5.51 8.12 4.91
CA MET A 22 -4.67 9.32 4.87
C MET A 22 -4.67 9.94 3.47
N ASP A 23 -5.29 9.25 2.52
CA ASP A 23 -5.36 9.72 1.15
C ASP A 23 -5.74 11.20 1.11
N GLY A 24 -6.76 11.57 1.89
CA GLY A 24 -7.21 12.95 1.92
C GLY A 24 -6.05 13.93 2.03
N LEU A 25 -5.22 13.75 3.04
CA LEU A 25 -4.07 14.62 3.25
C LEU A 25 -3.27 14.79 1.96
N PHE A 26 -2.87 13.67 1.37
CA PHE A 26 -2.10 13.69 0.13
C PHE A 26 -2.76 14.59 -0.91
N ASN A 27 -4.08 14.76 -0.78
CA ASN A 27 -4.84 15.60 -1.71
C ASN A 27 -4.86 17.05 -1.24
N THR A 28 -5.31 17.26 0.00
CA THR A 28 -5.38 18.60 0.57
C THR A 28 -4.06 18.99 1.22
N SER A 29 -2.95 18.56 0.63
CA SER A 29 -1.63 18.86 1.16
C SER A 29 -0.61 18.97 0.03
N LYS A 30 0.46 19.72 0.28
CA LYS A 30 1.51 19.90 -0.71
C LYS A 30 2.76 19.13 -0.32
N SER A 31 2.60 18.15 0.57
CA SER A 31 3.72 17.33 1.02
C SER A 31 3.27 15.89 1.28
N ASN A 32 4.19 14.95 1.07
CA ASN A 32 3.89 13.54 1.28
C ASN A 32 4.92 12.90 2.20
N LYS A 33 6.18 13.29 2.04
CA LYS A 33 7.26 12.76 2.85
C LYS A 33 6.83 12.60 4.30
N HIS A 34 6.20 13.64 4.85
CA HIS A 34 5.74 13.62 6.22
C HIS A 34 4.65 12.56 6.41
N LEU A 35 3.81 12.40 5.40
CA LEU A 35 2.73 11.43 5.45
C LEU A 35 3.28 10.00 5.46
N TRP A 36 4.27 9.75 4.61
CA TRP A 36 4.88 8.42 4.53
C TRP A 36 5.47 8.02 5.88
N GLU A 37 6.30 8.88 6.45
CA GLU A 37 6.92 8.61 7.74
C GLU A 37 5.87 8.45 8.83
N GLN A 38 4.74 9.14 8.67
CA GLN A 38 3.66 9.07 9.64
C GLN A 38 3.03 7.68 9.66
N ILE A 39 2.75 7.15 8.48
CA ILE A 39 2.14 5.83 8.35
C ILE A 39 3.05 4.76 8.96
N SER A 40 4.34 4.82 8.64
CA SER A 40 5.30 3.85 9.15
C SER A 40 5.27 3.82 10.68
N SER A 41 5.30 5.00 11.30
CA SER A 41 5.28 5.10 12.75
C SER A 41 4.04 4.44 13.32
N LYS A 42 2.91 4.61 12.65
CA LYS A 42 1.64 4.04 13.08
C LYS A 42 1.72 2.51 13.11
N MET A 43 2.02 1.92 11.96
CA MET A 43 2.13 0.47 11.86
C MET A 43 2.92 -0.10 13.03
N ARG A 44 4.09 0.46 13.29
CA ARG A 44 4.94 0.01 14.39
C ARG A 44 4.18 0.06 15.72
N GLU A 45 3.54 1.19 15.98
CA GLU A 45 2.79 1.37 17.21
C GLU A 45 1.65 0.36 17.31
N LYS A 46 1.00 0.10 16.17
CA LYS A 46 -0.11 -0.84 16.11
C LYS A 46 0.38 -2.26 16.41
N GLY A 47 1.48 -2.65 15.78
CA GLY A 47 2.03 -3.98 15.99
C GLY A 47 2.94 -4.42 14.85
N PHE A 48 2.82 -3.74 13.71
CA PHE A 48 3.63 -4.07 12.55
C PHE A 48 4.79 -3.09 12.40
N ASP A 49 6.00 -3.56 12.67
CA ASP A 49 7.19 -2.72 12.56
C ASP A 49 7.83 -2.86 11.18
N ARG A 50 7.58 -1.88 10.33
CA ARG A 50 8.13 -1.89 8.97
C ARG A 50 8.57 -0.49 8.55
N SER A 51 9.82 -0.37 8.11
CA SER A 51 10.36 0.91 7.69
C SER A 51 9.45 1.59 6.67
N PRO A 52 9.62 2.90 6.50
CA PRO A 52 8.82 3.68 5.55
C PRO A 52 9.13 3.35 4.10
N THR A 53 10.36 2.89 3.86
CA THR A 53 10.80 2.53 2.51
C THR A 53 9.99 1.36 1.97
N MET A 54 9.79 0.33 2.80
CA MET A 54 9.04 -0.84 2.40
C MET A 54 7.61 -0.46 2.01
N CYS A 55 6.96 0.33 2.86
CA CYS A 55 5.60 0.75 2.60
C CYS A 55 5.52 1.64 1.36
N THR A 56 6.59 2.40 1.12
CA THR A 56 6.64 3.29 -0.03
C THR A 56 6.66 2.51 -1.34
N ASP A 57 7.61 1.59 -1.47
CA ASP A 57 7.73 0.77 -2.66
C ASP A 57 6.52 -0.17 -2.81
N LYS A 58 6.22 -0.89 -1.73
CA LYS A 58 5.09 -1.82 -1.75
C LYS A 58 3.82 -1.13 -2.25
N TRP A 59 3.53 0.05 -1.70
CA TRP A 59 2.35 0.80 -2.10
C TRP A 59 2.33 1.03 -3.61
N ARG A 60 3.38 1.67 -4.12
CA ARG A 60 3.47 1.94 -5.55
C ARG A 60 3.00 0.74 -6.37
N ASN A 61 3.51 -0.44 -6.04
CA ASN A 61 3.13 -1.65 -6.75
C ASN A 61 1.63 -1.87 -6.68
N LEU A 62 1.06 -1.77 -5.48
CA LEU A 62 -0.37 -1.96 -5.29
C LEU A 62 -1.17 -1.08 -6.24
N LEU A 63 -0.62 0.08 -6.57
CA LEU A 63 -1.28 1.02 -7.46
C LEU A 63 -1.25 0.50 -8.90
N LYS A 64 -0.11 -0.06 -9.30
CA LYS A 64 0.06 -0.60 -10.64
C LYS A 64 -0.86 -1.80 -10.87
N GLU A 65 -1.09 -2.55 -9.81
CA GLU A 65 -1.95 -3.73 -9.89
C GLU A 65 -3.41 -3.36 -9.64
N PHE A 66 -3.62 -2.26 -8.92
CA PHE A 66 -4.97 -1.80 -8.61
C PHE A 66 -5.63 -1.20 -9.85
N LYS A 67 -4.89 -0.34 -10.55
CA LYS A 67 -5.41 0.31 -11.75
C LYS A 67 -5.57 -0.70 -12.88
N LYS A 68 -4.46 -1.32 -13.28
CA LYS A 68 -4.47 -2.30 -14.36
C LYS A 68 -5.72 -3.18 -14.27
N ALA A 69 -6.02 -3.65 -13.06
CA ALA A 69 -7.18 -4.50 -12.84
C ALA A 69 -8.44 -3.88 -13.46
N LYS A 70 -9.10 -4.64 -14.32
CA LYS A 70 -10.32 -4.18 -14.98
C LYS A 70 -11.55 -4.70 -14.27
N HIS A 71 -11.54 -5.98 -13.92
CA HIS A 71 -12.66 -6.60 -13.23
C HIS A 71 -12.70 -6.18 -11.76
N HIS A 72 -13.90 -5.94 -11.25
CA HIS A 72 -14.08 -5.52 -9.86
C HIS A 72 -13.77 -6.67 -8.91
N ASP A 73 -12.61 -6.60 -8.26
CA ASP A 73 -12.19 -7.64 -7.32
C ASP A 73 -11.56 -7.02 -6.08
N ARG A 74 -12.23 -7.17 -4.95
CA ARG A 74 -11.74 -6.63 -3.69
C ARG A 74 -12.63 -7.05 -2.52
N GLY A 75 -12.02 -7.68 -1.52
CA GLY A 75 -12.78 -8.12 -0.35
C GLY A 75 -13.40 -6.98 0.41
N ASN A 76 -14.14 -7.30 1.47
CA ASN A 76 -14.80 -6.28 2.28
C ASN A 76 -13.96 -5.96 3.52
N GLY A 77 -13.41 -7.00 4.13
CA GLY A 77 -12.59 -6.81 5.32
C GLY A 77 -13.41 -6.85 6.59
N SER A 78 -13.52 -8.03 7.19
CA SER A 78 -14.29 -8.19 8.42
C SER A 78 -13.37 -8.38 9.62
N ALA A 79 -13.01 -7.27 10.26
CA ALA A 79 -12.13 -7.31 11.42
C ALA A 79 -12.79 -8.03 12.59
N LYS A 80 -13.94 -7.52 13.02
CA LYS A 80 -14.67 -8.13 14.13
C LYS A 80 -13.84 -8.08 15.41
N MET A 81 -13.17 -6.96 15.63
CA MET A 81 -12.35 -6.78 16.83
C MET A 81 -13.10 -6.01 17.90
N SER A 82 -12.92 -6.40 19.16
CA SER A 82 -13.59 -5.74 20.27
C SER A 82 -12.63 -4.80 21.00
N TYR A 83 -13.18 -3.76 21.61
CA TYR A 83 -12.37 -2.79 22.33
C TYR A 83 -13.08 -2.33 23.60
N TYR A 84 -12.34 -1.69 24.49
CA TYR A 84 -12.90 -1.20 25.75
C TYR A 84 -12.77 0.32 25.85
N LYS A 85 -12.08 0.91 24.88
CA LYS A 85 -11.88 2.36 24.85
C LYS A 85 -11.72 2.86 23.42
N GLU A 86 -11.44 4.15 23.28
CA GLU A 86 -11.25 4.75 21.96
C GLU A 86 -9.88 4.42 21.39
#